data_8AYG
# 
_entry.id   8AYG 
# 
_audit_conform.dict_name       mmcif_pdbx.dic 
_audit_conform.dict_version    5.396 
_audit_conform.dict_location   http://mmcif.pdb.org/dictionaries/ascii/mmcif_pdbx.dic 
# 
loop_
_database_2.database_id 
_database_2.database_code 
_database_2.pdbx_database_accession 
_database_2.pdbx_DOI 
PDB   8AYG         pdb_00008ayg 10.2210/pdb8ayg/pdb 
WWPDB D_1292124843 ?            ?                   
# 
loop_
_pdbx_audit_revision_history.ordinal 
_pdbx_audit_revision_history.data_content_type 
_pdbx_audit_revision_history.major_revision 
_pdbx_audit_revision_history.minor_revision 
_pdbx_audit_revision_history.revision_date 
1 'Structure model' 1 0 2023-09-13 
2 'Structure model' 1 1 2024-09-11 
# 
_pdbx_audit_revision_details.ordinal             1 
_pdbx_audit_revision_details.revision_ordinal    1 
_pdbx_audit_revision_details.data_content_type   'Structure model' 
_pdbx_audit_revision_details.provider            repository 
_pdbx_audit_revision_details.type                'Initial release' 
_pdbx_audit_revision_details.description         ? 
_pdbx_audit_revision_details.details             ? 
# 
_pdbx_audit_revision_group.ordinal             1 
_pdbx_audit_revision_group.revision_ordinal    2 
_pdbx_audit_revision_group.data_content_type   'Structure model' 
_pdbx_audit_revision_group.group               'Database references' 
# 
loop_
_pdbx_audit_revision_category.ordinal 
_pdbx_audit_revision_category.revision_ordinal 
_pdbx_audit_revision_category.data_content_type 
_pdbx_audit_revision_category.category 
1 2 'Structure model' citation        
2 2 'Structure model' citation_author 
# 
loop_
_pdbx_audit_revision_item.ordinal 
_pdbx_audit_revision_item.revision_ordinal 
_pdbx_audit_revision_item.data_content_type 
_pdbx_audit_revision_item.item 
1  2 'Structure model' '_citation.country'                 
2  2 'Structure model' '_citation.journal_abbrev'          
3  2 'Structure model' '_citation.journal_id_CSD'          
4  2 'Structure model' '_citation.journal_id_ISSN'         
5  2 'Structure model' '_citation.journal_volume'          
6  2 'Structure model' '_citation.page_first'              
7  2 'Structure model' '_citation.page_last'               
8  2 'Structure model' '_citation.pdbx_database_id_DOI'    
9  2 'Structure model' '_citation.pdbx_database_id_PubMed' 
10 2 'Structure model' '_citation.title'                   
11 2 'Structure model' '_citation.year'                    
# 
_pdbx_database_status.status_code                     REL 
_pdbx_database_status.status_code_sf                  REL 
_pdbx_database_status.status_code_mr                  ? 
_pdbx_database_status.entry_id                        8AYG 
_pdbx_database_status.recvd_initial_deposition_date   2022-09-02 
_pdbx_database_status.SG_entry                        N 
_pdbx_database_status.deposit_site                    PDBE 
_pdbx_database_status.process_site                    PDBE 
_pdbx_database_status.status_code_cs                  ? 
_pdbx_database_status.status_code_nmr_data            ? 
_pdbx_database_status.methods_development_category    ? 
_pdbx_database_status.pdb_format_compatible           Y 
# 
_pdbx_contact_author.id                 3 
_pdbx_contact_author.email              z.waller@ucl.ac.uk 
_pdbx_contact_author.name_first         Zoe 
_pdbx_contact_author.name_last          Waller 
_pdbx_contact_author.name_mi            A.E. 
_pdbx_contact_author.role               'principal investigator/group leader' 
_pdbx_contact_author.identifier_ORCID   0000-0001-8538-0484 
# 
loop_
_audit_author.name 
_audit_author.pdbx_ordinal 
_audit_author.identifier_ORCID 
'Parkinson, G.N.' 1 0000-0002-1865-9685 
'Alexandrou, E.'  2 0000-0002-5727-6839 
'Waller, Z.A.E.'  3 0000-0001-8538-0484 
'El-Omari, K.'    4 0000-0003-3506-6045 
# 
_citation.abstract                  ? 
_citation.abstract_id_CAS           ? 
_citation.book_id_ISBN              ? 
_citation.book_publisher            ? 
_citation.book_publisher_city       ? 
_citation.book_title                ? 
_citation.coordinate_linkage        ? 
_citation.country                   UK 
_citation.database_id_Medline       ? 
_citation.details                   ? 
_citation.id                        primary 
_citation.journal_abbrev            'Nat Commun' 
_citation.journal_id_ASTM           ? 
_citation.journal_id_CSD            ? 
_citation.journal_id_ISSN           2041-1723 
_citation.journal_full              ? 
_citation.journal_issue             ? 
_citation.journal_volume            15 
_citation.language                  ? 
_citation.page_first                7119 
_citation.page_last                 7119 
_citation.title                     
'Structural insights into i-motif DNA structures in sequences from the insulin-linked polymorphic region.' 
_citation.year                      2024 
_citation.database_id_CSD           ? 
_citation.pdbx_database_id_DOI      10.1038/s41467-024-50553-0 
_citation.pdbx_database_id_PubMed   39164244 
_citation.pdbx_database_id_patent   ? 
_citation.unpublished_flag          ? 
# 
loop_
_citation_author.citation_id 
_citation_author.name 
_citation_author.ordinal 
_citation_author.identifier_ORCID 
primary 'Guneri, D.'      1  0000-0003-0858-1746 
primary 'Alexandrou, E.'  2  ?                   
primary 'El Omari, K.'    3  0000-0003-3506-6045 
primary 'Dvorakova, Z.'   4  ?                   
primary 'Chikhale, R.V.'  5  ?                   
primary 'Pike, D.T.S.'    6  ?                   
primary 'Waudby, C.A.'    7  0000-0001-7810-3753 
primary 'Morris, C.J.'    8  0000-0002-7703-4474 
primary 'Haider, S.'      9  0000-0003-2650-2925 
primary 'Parkinson, G.N.' 10 0000-0002-1865-9685 
primary 'Waller, Z.A.E.'  11 0000-0001-8538-0484 
# 
loop_
_entity.id 
_entity.type 
_entity.src_method 
_entity.pdbx_description 
_entity.formula_weight 
_entity.pdbx_number_of_molecules 
_entity.pdbx_ec 
_entity.pdbx_mutation 
_entity.pdbx_fragment 
_entity.details 
1 polymer syn 'Insulin-linked polymorphic region, ILPR DNA (31-MER)' 9177.918 2  ? ? ? ? 
2 water   nat water                                                  18.015   22 ? ? ? ? 
# 
_entity_poly.entity_id                      1 
_entity_poly.type                           polydeoxyribonucleotide 
_entity_poly.nstd_linkage                   no 
_entity_poly.nstd_monomer                   no 
_entity_poly.pdbx_seq_one_letter_code       
;(DT)(DA)(DT)(DC)(DC)(DC)(DC)(DA)(DC)(DA)(DC)(DC)(DC)(DC)(DT)(DA)(DT)(DC)(DC)(DC)
(DC)(DA)(DC)(DA)(DC)(DC)(DC)(DC)(DT)(DA)(DT)
;
_entity_poly.pdbx_seq_one_letter_code_can   TATCCCCACACCCCTATCCCCACACCCCTAT 
_entity_poly.pdbx_strand_id                 A,B 
_entity_poly.pdbx_target_identifier         ? 
# 
_pdbx_entity_nonpoly.entity_id   2 
_pdbx_entity_nonpoly.name        water 
_pdbx_entity_nonpoly.comp_id     HOH 
# 
loop_
_entity_poly_seq.entity_id 
_entity_poly_seq.num 
_entity_poly_seq.mon_id 
_entity_poly_seq.hetero 
1 1  DT n 
1 2  DA n 
1 3  DT n 
1 4  DC n 
1 5  DC n 
1 6  DC n 
1 7  DC n 
1 8  DA n 
1 9  DC n 
1 10 DA n 
1 11 DC n 
1 12 DC n 
1 13 DC n 
1 14 DC n 
1 15 DT n 
1 16 DA n 
1 17 DT n 
1 18 DC n 
1 19 DC n 
1 20 DC n 
1 21 DC n 
1 22 DA n 
1 23 DC n 
1 24 DA n 
1 25 DC n 
1 26 DC n 
1 27 DC n 
1 28 DC n 
1 29 DT n 
1 30 DA n 
1 31 DT n 
# 
_pdbx_entity_src_syn.entity_id              1 
_pdbx_entity_src_syn.pdbx_src_id            1 
_pdbx_entity_src_syn.pdbx_alt_source_flag   sample 
_pdbx_entity_src_syn.pdbx_beg_seq_num       1 
_pdbx_entity_src_syn.pdbx_end_seq_num       31 
_pdbx_entity_src_syn.organism_scientific    'Homo sapiens' 
_pdbx_entity_src_syn.organism_common_name   ? 
_pdbx_entity_src_syn.ncbi_taxonomy_id       9606 
_pdbx_entity_src_syn.details                ? 
# 
loop_
_chem_comp.id 
_chem_comp.type 
_chem_comp.mon_nstd_flag 
_chem_comp.name 
_chem_comp.pdbx_synonyms 
_chem_comp.formula 
_chem_comp.formula_weight 
DA  'DNA linking' y "2'-DEOXYADENOSINE-5'-MONOPHOSPHATE" ? 'C10 H14 N5 O6 P' 331.222 
DC  'DNA linking' y "2'-DEOXYCYTIDINE-5'-MONOPHOSPHATE"  ? 'C9 H14 N3 O7 P'  307.197 
DT  'DNA linking' y "THYMIDINE-5'-MONOPHOSPHATE"         ? 'C10 H15 N2 O8 P' 322.208 
HOH non-polymer   . WATER                                ? 'H2 O'            18.015  
# 
loop_
_pdbx_poly_seq_scheme.asym_id 
_pdbx_poly_seq_scheme.entity_id 
_pdbx_poly_seq_scheme.seq_id 
_pdbx_poly_seq_scheme.mon_id 
_pdbx_poly_seq_scheme.ndb_seq_num 
_pdbx_poly_seq_scheme.pdb_seq_num 
_pdbx_poly_seq_scheme.auth_seq_num 
_pdbx_poly_seq_scheme.pdb_mon_id 
_pdbx_poly_seq_scheme.auth_mon_id 
_pdbx_poly_seq_scheme.pdb_strand_id 
_pdbx_poly_seq_scheme.pdb_ins_code 
_pdbx_poly_seq_scheme.hetero 
A 1 1  DT 1  1  1  DT DT A . n 
A 1 2  DA 2  2  2  DA DA A . n 
A 1 3  DT 3  3  3  DT DT A . n 
A 1 4  DC 4  4  4  DC DC A . n 
A 1 5  DC 5  5  5  DC DC A . n 
A 1 6  DC 6  6  6  DC DC A . n 
A 1 7  DC 7  7  7  DC DC A . n 
A 1 8  DA 8  8  8  DA DA A . n 
A 1 9  DC 9  9  9  DC DC A . n 
A 1 10 DA 10 10 10 DA DA A . n 
A 1 11 DC 11 11 11 DC DC A . n 
A 1 12 DC 12 12 12 DC DC A . n 
A 1 13 DC 13 13 13 DC DC A . n 
A 1 14 DC 14 14 14 DC DC A . n 
A 1 15 DT 15 15 15 DT DT A . n 
A 1 16 DA 16 16 16 DA DA A . n 
A 1 17 DT 17 17 17 DT DT A . n 
A 1 18 DC 18 18 18 DC DC A . n 
A 1 19 DC 19 19 19 DC DC A . n 
A 1 20 DC 20 20 20 DC DC A . n 
A 1 21 DC 21 21 21 DC DC A . n 
A 1 22 DA 22 22 22 DA DA A . n 
A 1 23 DC 23 23 23 DC DC A . n 
A 1 24 DA 24 24 24 DA DA A . n 
A 1 25 DC 25 25 25 DC DC A . n 
A 1 26 DC 26 26 26 DC DC A . n 
A 1 27 DC 27 27 27 DC DC A . n 
A 1 28 DC 28 28 28 DC DC A . n 
A 1 29 DT 29 29 29 DT DT A . n 
A 1 30 DA 30 30 30 DA DA A . n 
A 1 31 DT 31 31 31 DT DT A . n 
B 1 1  DT 1  1  1  DT DT B . n 
B 1 2  DA 2  2  2  DA DA B . n 
B 1 3  DT 3  3  3  DT DT B . n 
B 1 4  DC 4  4  4  DC DC B . n 
B 1 5  DC 5  5  5  DC DC B . n 
B 1 6  DC 6  6  6  DC DC B . n 
B 1 7  DC 7  7  7  DC DC B . n 
B 1 8  DA 8  8  8  DA DA B . n 
B 1 9  DC 9  9  9  DC DC B . n 
B 1 10 DA 10 10 10 DA DA B . n 
B 1 11 DC 11 11 11 DC DC B . n 
B 1 12 DC 12 12 12 DC DC B . n 
B 1 13 DC 13 13 13 DC DC B . n 
B 1 14 DC 14 14 14 DC DC B . n 
B 1 15 DT 15 15 15 DT DT B . n 
B 1 16 DA 16 16 16 DA DA B . n 
B 1 17 DT 17 17 17 DT DT B . n 
B 1 18 DC 18 18 18 DC DC B . n 
B 1 19 DC 19 19 19 DC DC B . n 
B 1 20 DC 20 20 20 DC DC B . n 
B 1 21 DC 21 21 21 DC DC B . n 
B 1 22 DA 22 22 22 DA DA B . n 
B 1 23 DC 23 23 23 DC DC B . n 
B 1 24 DA 24 24 24 DA DA B . n 
B 1 25 DC 25 25 25 DC DC B . n 
B 1 26 DC 26 26 26 DC DC B . n 
B 1 27 DC 27 27 27 DC DC B . n 
B 1 28 DC 28 28 28 DC DC B . n 
B 1 29 DT 29 29 29 DT DT B . n 
B 1 30 DA 30 30 30 DA DA B . n 
B 1 31 DT 31 31 31 DT DT B . n 
# 
loop_
_pdbx_nonpoly_scheme.asym_id 
_pdbx_nonpoly_scheme.entity_id 
_pdbx_nonpoly_scheme.mon_id 
_pdbx_nonpoly_scheme.ndb_seq_num 
_pdbx_nonpoly_scheme.pdb_seq_num 
_pdbx_nonpoly_scheme.auth_seq_num 
_pdbx_nonpoly_scheme.pdb_mon_id 
_pdbx_nonpoly_scheme.auth_mon_id 
_pdbx_nonpoly_scheme.pdb_strand_id 
_pdbx_nonpoly_scheme.pdb_ins_code 
C 2 HOH 1  101 25  HOH HOH A . 
C 2 HOH 2  102 3   HOH HOH A . 
C 2 HOH 3  103 32  HOH HOH A . 
C 2 HOH 4  104 42  HOH HOH A . 
C 2 HOH 5  105 44  HOH HOH A . 
C 2 HOH 6  106 52  HOH HOH A . 
C 2 HOH 7  107 29  HOH HOH A . 
C 2 HOH 8  108 40  HOH HOH A . 
C 2 HOH 9  109 13  HOH HOH A . 
C 2 HOH 10 110 51  HOH HOH A . 
D 2 HOH 1  101 108 HOH HOH B . 
D 2 HOH 2  102 125 HOH HOH B . 
D 2 HOH 3  103 60  HOH HOH B . 
D 2 HOH 4  104 132 HOH HOH B . 
D 2 HOH 5  105 109 HOH HOH B . 
D 2 HOH 6  106 107 HOH HOH B . 
D 2 HOH 7  107 129 HOH HOH B . 
D 2 HOH 8  108 78  HOH HOH B . 
D 2 HOH 9  109 85  HOH HOH B . 
D 2 HOH 10 110 58  HOH HOH B . 
D 2 HOH 11 111 128 HOH HOH B . 
D 2 HOH 12 112 100 HOH HOH B . 
# 
loop_
_software.citation_id 
_software.classification 
_software.compiler_name 
_software.compiler_version 
_software.contact_author 
_software.contact_author_email 
_software.date 
_software.description 
_software.dependencies 
_software.hardware 
_software.language 
_software.location 
_software.mods 
_software.name 
_software.os 
_software.os_version 
_software.type 
_software.version 
_software.pdbx_ordinal 
? refinement        ? ? ? ? ? ? ? ? ? ? ? PHENIX         ? ? ? 1.20.1_4487 1 
? 'data scaling'    ? ? ? ? ? ? ? ? ? ? ? Aimless        ? ? ? 0.7.7       2 
? phasing           ? ? ? ? ? ? ? ? ? ? ? SHELX          ? ? ? .           3 
? 'data extraction' ? ? ? ? ? ? ? ? ? ? ? PDB_EXTRACT    ? ? ? 3.27        4 
? 'data reduction'  ? ? ? ? ? ? ? ? ? ? ? xia2.multiplex ? ? ? .           5 
# 
_cell.angle_alpha                  90.000 
_cell.angle_alpha_esd              ? 
_cell.angle_beta                   90.000 
_cell.angle_beta_esd               ? 
_cell.angle_gamma                  90.000 
_cell.angle_gamma_esd              ? 
_cell.entry_id                     8AYG 
_cell.details                      ? 
_cell.formula_units_Z              ? 
_cell.length_a                     47.415 
_cell.length_a_esd                 ? 
_cell.length_b                     51.513 
_cell.length_b_esd                 ? 
_cell.length_c                     69.847 
_cell.length_c_esd                 ? 
_cell.volume                       170600.522 
_cell.volume_esd                   ? 
_cell.Z_PDB                        8 
_cell.reciprocal_angle_alpha       ? 
_cell.reciprocal_angle_beta        ? 
_cell.reciprocal_angle_gamma       ? 
_cell.reciprocal_angle_alpha_esd   ? 
_cell.reciprocal_angle_beta_esd    ? 
_cell.reciprocal_angle_gamma_esd   ? 
_cell.reciprocal_length_a          ? 
_cell.reciprocal_length_b          ? 
_cell.reciprocal_length_c          ? 
_cell.reciprocal_length_a_esd      ? 
_cell.reciprocal_length_b_esd      ? 
_cell.reciprocal_length_c_esd      ? 
_cell.pdbx_unique_axis             ? 
_cell.pdbx_esd_method              ? 
# 
_symmetry.entry_id                         8AYG 
_symmetry.cell_setting                     ? 
_symmetry.Int_Tables_number                19 
_symmetry.space_group_name_Hall            'P 2ac 2ab' 
_symmetry.space_group_name_H-M             'P 21 21 21' 
_symmetry.pdbx_full_space_group_name_H-M   ? 
# 
_exptl.absorpt_coefficient_mu     ? 
_exptl.absorpt_correction_T_max   ? 
_exptl.absorpt_correction_T_min   ? 
_exptl.absorpt_correction_type    ? 
_exptl.absorpt_process_details    ? 
_exptl.entry_id                   8AYG 
_exptl.crystals_number            1 
_exptl.details                    ? 
_exptl.method                     'X-RAY DIFFRACTION' 
_exptl.method_details             ? 
# 
_exptl_crystal.colour                       ? 
_exptl_crystal.density_diffrn               ? 
_exptl_crystal.density_Matthews             2.32 
_exptl_crystal.density_method               ? 
_exptl_crystal.density_percent_sol          47.06 
_exptl_crystal.description                  pseudo-hexagonal 
_exptl_crystal.F_000                        ? 
_exptl_crystal.id                           1 
_exptl_crystal.preparation                  ? 
_exptl_crystal.size_max                     ? 
_exptl_crystal.size_mid                     ? 
_exptl_crystal.size_min                     ? 
_exptl_crystal.size_rad                     ? 
_exptl_crystal.colour_lustre                ? 
_exptl_crystal.colour_modifier              ? 
_exptl_crystal.colour_primary               ? 
_exptl_crystal.density_meas                 ? 
_exptl_crystal.density_meas_esd             ? 
_exptl_crystal.density_meas_gt              ? 
_exptl_crystal.density_meas_lt              ? 
_exptl_crystal.density_meas_temp            ? 
_exptl_crystal.density_meas_temp_esd        ? 
_exptl_crystal.density_meas_temp_gt         ? 
_exptl_crystal.density_meas_temp_lt         ? 
_exptl_crystal.pdbx_crystal_image_url       ? 
_exptl_crystal.pdbx_crystal_image_format    ? 
_exptl_crystal.pdbx_mosaicity               ? 
_exptl_crystal.pdbx_mosaicity_esd           ? 
_exptl_crystal.pdbx_mosaic_method           ? 
_exptl_crystal.pdbx_mosaic_block_size       ? 
_exptl_crystal.pdbx_mosaic_block_size_esd   ? 
# 
_exptl_crystal_grow.apparatus       ? 
_exptl_crystal_grow.atmosphere      ? 
_exptl_crystal_grow.crystal_id      1 
_exptl_crystal_grow.details         ? 
_exptl_crystal_grow.method          'VAPOR DIFFUSION, HANGING DROP' 
_exptl_crystal_grow.method_ref      ? 
_exptl_crystal_grow.pH              5.5 
_exptl_crystal_grow.pressure        ? 
_exptl_crystal_grow.pressure_esd    ? 
_exptl_crystal_grow.seeding         ? 
_exptl_crystal_grow.seeding_ref     ? 
_exptl_crystal_grow.temp            283.15 
_exptl_crystal_grow.temp_details    'crystals can also be formed at 277.15K' 
_exptl_crystal_grow.temp_esd        ? 
_exptl_crystal_grow.time            ? 
_exptl_crystal_grow.pdbx_details    '2-Methyl-2,4-pentanediol (MPD), sodium chloride, sodium cacodylate, spermine (tetrachloride)' 
_exptl_crystal_grow.pdbx_pH_range   '5.5 - 6.4' 
# 
_diffrn.ambient_environment              ? 
_diffrn.ambient_temp                     75 
_diffrn.ambient_temp_details             'in vacuum (I23)' 
_diffrn.ambient_temp_esd                 ? 
_diffrn.crystal_id                       1 
_diffrn.crystal_support                  ? 
_diffrn.crystal_treatment                ? 
_diffrn.details                          ? 
_diffrn.id                               1 
_diffrn.ambient_pressure                 ? 
_diffrn.ambient_pressure_esd             ? 
_diffrn.ambient_pressure_gt              ? 
_diffrn.ambient_pressure_lt              ? 
_diffrn.ambient_temp_gt                  ? 
_diffrn.ambient_temp_lt                  ? 
_diffrn.pdbx_serial_crystal_experiment   N 
# 
_diffrn_detector.details                      ? 
_diffrn_detector.detector                     PIXEL 
_diffrn_detector.diffrn_id                    1 
_diffrn_detector.type                         'DECTRIS PILATUS 2M' 
_diffrn_detector.area_resol_mean              ? 
_diffrn_detector.dtime                        ? 
_diffrn_detector.pdbx_frames_total            ? 
_diffrn_detector.pdbx_collection_time_total   ? 
_diffrn_detector.pdbx_collection_date         2021-12-02 
_diffrn_detector.pdbx_frequency               ? 
# 
_diffrn_radiation.collimation                      ? 
_diffrn_radiation.diffrn_id                        1 
_diffrn_radiation.filter_edge                      ? 
_diffrn_radiation.inhomogeneity                    ? 
_diffrn_radiation.monochromator                    M 
_diffrn_radiation.polarisn_norm                    ? 
_diffrn_radiation.polarisn_ratio                   ? 
_diffrn_radiation.probe                            ? 
_diffrn_radiation.type                             ? 
_diffrn_radiation.xray_symbol                      ? 
_diffrn_radiation.wavelength_id                    1 
_diffrn_radiation.pdbx_monochromatic_or_laue_m_l   M 
_diffrn_radiation.pdbx_wavelength_list             ? 
_diffrn_radiation.pdbx_wavelength                  ? 
_diffrn_radiation.pdbx_diffrn_protocol             'SINGLE WAVELENGTH' 
_diffrn_radiation.pdbx_analyzer                    ? 
_diffrn_radiation.pdbx_scattering_type             x-ray 
# 
_diffrn_radiation_wavelength.id           1 
_diffrn_radiation_wavelength.wavelength   2.4797 
_diffrn_radiation_wavelength.wt           1.0 
# 
_diffrn_source.current                     ? 
_diffrn_source.details                     ? 
_diffrn_source.diffrn_id                   1 
_diffrn_source.power                       ? 
_diffrn_source.size                        ? 
_diffrn_source.source                      SYNCHROTRON 
_diffrn_source.target                      ? 
_diffrn_source.type                        'DIAMOND BEAMLINE I23' 
_diffrn_source.voltage                     ? 
_diffrn_source.take-off_angle              ? 
_diffrn_source.pdbx_wavelength_list        2.4797 
_diffrn_source.pdbx_wavelength             ? 
_diffrn_source.pdbx_synchrotron_beamline   I23 
_diffrn_source.pdbx_synchrotron_site       Diamond 
# 
_reflns.B_iso_Wilson_estimate                          76.91 
_reflns.entry_id                                       8AYG 
_reflns.data_reduction_details                         ? 
_reflns.data_reduction_method                          ? 
_reflns.d_resolution_high                              2.250 
_reflns.d_resolution_low                               47.420 
_reflns.details                                        ? 
_reflns.limit_h_max                                    ? 
_reflns.limit_h_min                                    ? 
_reflns.limit_k_max                                    ? 
_reflns.limit_k_min                                    ? 
_reflns.limit_l_max                                    ? 
_reflns.limit_l_min                                    ? 
_reflns.number_all                                     ? 
_reflns.number_obs                                     8133 
_reflns.observed_criterion                             ? 
_reflns.observed_criterion_F_max                       ? 
_reflns.observed_criterion_F_min                       ? 
_reflns.observed_criterion_I_max                       ? 
_reflns.observed_criterion_I_min                       ? 
_reflns.observed_criterion_sigma_F                     ? 
_reflns.observed_criterion_sigma_I                     ? 
_reflns.percent_possible_obs                           95.200 
_reflns.R_free_details                                 ? 
_reflns.Rmerge_F_all                                   ? 
_reflns.Rmerge_F_obs                                   ? 
_reflns.Friedel_coverage                               ? 
_reflns.number_gt                                      ? 
_reflns.threshold_expression                           ? 
_reflns.pdbx_redundancy                                44.500 
_reflns.pdbx_Rmerge_I_obs                              0.167 
_reflns.pdbx_Rmerge_I_all                              ? 
_reflns.pdbx_Rsym_value                                ? 
_reflns.pdbx_netI_over_av_sigmaI                       ? 
_reflns.pdbx_netI_over_sigmaI                          30.400 
_reflns.pdbx_res_netI_over_av_sigmaI_2                 ? 
_reflns.pdbx_res_netI_over_sigmaI_2                    ? 
_reflns.pdbx_chi_squared                               ? 
_reflns.pdbx_scaling_rejects                           17192 
_reflns.pdbx_d_res_high_opt                            ? 
_reflns.pdbx_d_res_low_opt                             ? 
_reflns.pdbx_d_res_opt_method                          ? 
_reflns.phase_calculation_details                      ? 
_reflns.pdbx_Rrim_I_all                                0.169 
_reflns.pdbx_Rpim_I_all                                0.024 
_reflns.pdbx_d_opt                                     ? 
_reflns.pdbx_number_measured_all                       362297 
_reflns.pdbx_diffrn_id                                 1 
_reflns.pdbx_ordinal                                   1 
_reflns.pdbx_CC_half                                   0.991 
_reflns.pdbx_CC_star                                   ? 
_reflns.pdbx_R_split                                   ? 
_reflns.pdbx_aniso_diffraction_limit_axis_1_ortho[1]   ? 
_reflns.pdbx_aniso_diffraction_limit_axis_1_ortho[2]   ? 
_reflns.pdbx_aniso_diffraction_limit_axis_1_ortho[3]   ? 
_reflns.pdbx_aniso_diffraction_limit_axis_2_ortho[1]   ? 
_reflns.pdbx_aniso_diffraction_limit_axis_2_ortho[2]   ? 
_reflns.pdbx_aniso_diffraction_limit_axis_2_ortho[3]   ? 
_reflns.pdbx_aniso_diffraction_limit_axis_3_ortho[1]   ? 
_reflns.pdbx_aniso_diffraction_limit_axis_3_ortho[2]   ? 
_reflns.pdbx_aniso_diffraction_limit_axis_3_ortho[3]   ? 
_reflns.pdbx_aniso_diffraction_limit_1                 ? 
_reflns.pdbx_aniso_diffraction_limit_2                 ? 
_reflns.pdbx_aniso_diffraction_limit_3                 ? 
_reflns.pdbx_aniso_B_tensor_eigenvector_1_ortho[1]     ? 
_reflns.pdbx_aniso_B_tensor_eigenvector_1_ortho[2]     ? 
_reflns.pdbx_aniso_B_tensor_eigenvector_1_ortho[3]     ? 
_reflns.pdbx_aniso_B_tensor_eigenvector_2_ortho[1]     ? 
_reflns.pdbx_aniso_B_tensor_eigenvector_2_ortho[2]     ? 
_reflns.pdbx_aniso_B_tensor_eigenvector_2_ortho[3]     ? 
_reflns.pdbx_aniso_B_tensor_eigenvector_3_ortho[1]     ? 
_reflns.pdbx_aniso_B_tensor_eigenvector_3_ortho[2]     ? 
_reflns.pdbx_aniso_B_tensor_eigenvector_3_ortho[3]     ? 
_reflns.pdbx_aniso_B_tensor_eigenvalue_1               ? 
_reflns.pdbx_aniso_B_tensor_eigenvalue_2               ? 
_reflns.pdbx_aniso_B_tensor_eigenvalue_3               ? 
_reflns.pdbx_orthogonalization_convention              ? 
_reflns.pdbx_percent_possible_ellipsoidal              ? 
_reflns.pdbx_percent_possible_spherical                ? 
_reflns.pdbx_percent_possible_ellipsoidal_anomalous    ? 
_reflns.pdbx_percent_possible_spherical_anomalous      ? 
_reflns.pdbx_redundancy_anomalous                      ? 
_reflns.pdbx_CC_half_anomalous                         ? 
_reflns.pdbx_absDiff_over_sigma_anomalous              ? 
_reflns.pdbx_percent_possible_anomalous                ? 
_reflns.pdbx_observed_signal_threshold                 ? 
_reflns.pdbx_signal_type                               ? 
_reflns.pdbx_signal_details                            ? 
_reflns.pdbx_signal_software_id                        ? 
_reflns.pdbx_CC_split_method                           ? 
# 
loop_
_reflns_shell.d_res_high 
_reflns_shell.d_res_low 
_reflns_shell.meanI_over_sigI_all 
_reflns_shell.meanI_over_sigI_obs 
_reflns_shell.number_measured_all 
_reflns_shell.number_measured_obs 
_reflns_shell.number_possible 
_reflns_shell.number_unique_all 
_reflns_shell.number_unique_obs 
_reflns_shell.percent_possible_all 
_reflns_shell.percent_possible_obs 
_reflns_shell.Rmerge_F_all 
_reflns_shell.Rmerge_F_obs 
_reflns_shell.Rmerge_I_all 
_reflns_shell.Rmerge_I_obs 
_reflns_shell.meanI_over_sigI_gt 
_reflns_shell.meanI_over_uI_all 
_reflns_shell.meanI_over_uI_gt 
_reflns_shell.number_measured_gt 
_reflns_shell.number_unique_gt 
_reflns_shell.percent_possible_gt 
_reflns_shell.Rmerge_F_gt 
_reflns_shell.Rmerge_I_gt 
_reflns_shell.pdbx_redundancy 
_reflns_shell.pdbx_Rsym_value 
_reflns_shell.pdbx_chi_squared 
_reflns_shell.pdbx_netI_over_sigmaI_all 
_reflns_shell.pdbx_netI_over_sigmaI_obs 
_reflns_shell.pdbx_Rrim_I_all 
_reflns_shell.pdbx_Rpim_I_all 
_reflns_shell.pdbx_rejects 
_reflns_shell.pdbx_ordinal 
_reflns_shell.pdbx_diffrn_id 
_reflns_shell.pdbx_CC_half 
_reflns_shell.pdbx_CC_star 
_reflns_shell.pdbx_R_split 
_reflns_shell.pdbx_percent_possible_ellipsoidal 
_reflns_shell.pdbx_percent_possible_spherical 
_reflns_shell.pdbx_percent_possible_ellipsoidal_anomalous 
_reflns_shell.pdbx_percent_possible_spherical_anomalous 
_reflns_shell.pdbx_redundancy_anomalous 
_reflns_shell.pdbx_CC_half_anomalous 
_reflns_shell.pdbx_absDiff_over_sigma_anomalous 
_reflns_shell.pdbx_percent_possible_anomalous 
2.250 2.320  ? ? 14886 ? ? ? 657 88.000 ? ? ? ? 1.966 ? ? ? ? ? ? ? ? 22.700 ? ? ? 1.700  2.014 0.417 ? 1 1 0.748 ? ? ? ? ? ? ? ? 
? ? 
9.000 47.420 ? ? 7448  ? ? ? 170 99.800 ? ? ? ? 0.124 ? ? ? ? ? ? ? ? 43.800 ? ? ? 66.200 0.125 0.019 ? 2 1 0.997 ? ? ? ? ? ? ? ? 
? ? 
# 
_refine.aniso_B[1][1]                            ? 
_refine.aniso_B[1][2]                            ? 
_refine.aniso_B[1][3]                            ? 
_refine.aniso_B[2][2]                            ? 
_refine.aniso_B[2][3]                            ? 
_refine.aniso_B[3][3]                            ? 
_refine.B_iso_max                                ? 
_refine.B_iso_mean                               80.06 
_refine.B_iso_min                                ? 
_refine.correlation_coeff_Fo_to_Fc               ? 
_refine.correlation_coeff_Fo_to_Fc_free          ? 
_refine.details                                  ? 
_refine.diff_density_max                         ? 
_refine.diff_density_max_esd                     ? 
_refine.diff_density_min                         ? 
_refine.diff_density_min_esd                     ? 
_refine.diff_density_rms                         ? 
_refine.diff_density_rms_esd                     ? 
_refine.entry_id                                 8AYG 
_refine.pdbx_refine_id                           'X-RAY DIFFRACTION' 
_refine.ls_abs_structure_details                 ? 
_refine.ls_abs_structure_Flack                   ? 
_refine.ls_abs_structure_Flack_esd               ? 
_refine.ls_abs_structure_Rogers                  ? 
_refine.ls_abs_structure_Rogers_esd              ? 
_refine.ls_d_res_high                            2.25 
_refine.ls_d_res_low                             41.46 
_refine.ls_extinction_coef                       ? 
_refine.ls_extinction_coef_esd                   ? 
_refine.ls_extinction_expression                 ? 
_refine.ls_extinction_method                     ? 
_refine.ls_goodness_of_fit_all                   ? 
_refine.ls_goodness_of_fit_all_esd               ? 
_refine.ls_goodness_of_fit_obs                   ? 
_refine.ls_goodness_of_fit_obs_esd               ? 
_refine.ls_hydrogen_treatment                    ? 
_refine.ls_matrix_type                           ? 
_refine.ls_number_constraints                    ? 
_refine.ls_number_parameters                     ? 
_refine.ls_number_reflns_all                     ? 
_refine.ls_number_reflns_obs                     7957 
_refine.ls_number_reflns_R_free                  423 
_refine.ls_number_reflns_R_work                  7534 
_refine.ls_number_restraints                     ? 
_refine.ls_percent_reflns_obs                    93.14 
_refine.ls_percent_reflns_R_free                 5.32 
_refine.ls_R_factor_all                          ? 
_refine.ls_R_factor_obs                          0.2513 
_refine.ls_R_factor_R_free                       0.2948 
_refine.ls_R_factor_R_free_error                 ? 
_refine.ls_R_factor_R_free_error_details         ? 
_refine.ls_R_factor_R_work                       0.2487 
_refine.ls_R_Fsqd_factor_obs                     ? 
_refine.ls_R_I_factor_obs                        ? 
_refine.ls_redundancy_reflns_all                 ? 
_refine.ls_redundancy_reflns_obs                 ? 
_refine.ls_restrained_S_all                      ? 
_refine.ls_restrained_S_obs                      ? 
_refine.ls_shift_over_esd_max                    ? 
_refine.ls_shift_over_esd_mean                   ? 
_refine.ls_structure_factor_coef                 ? 
_refine.ls_weighting_details                     ? 
_refine.ls_weighting_scheme                      ? 
_refine.ls_wR_factor_all                         ? 
_refine.ls_wR_factor_obs                         ? 
_refine.ls_wR_factor_R_free                      ? 
_refine.ls_wR_factor_R_work                      ? 
_refine.occupancy_max                            ? 
_refine.occupancy_min                            ? 
_refine.solvent_model_details                    'FLAT BULK SOLVENT MODEL' 
_refine.solvent_model_param_bsol                 ? 
_refine.solvent_model_param_ksol                 ? 
_refine.pdbx_R_complete                          ? 
_refine.ls_R_factor_gt                           ? 
_refine.ls_goodness_of_fit_gt                    ? 
_refine.ls_goodness_of_fit_ref                   ? 
_refine.ls_shift_over_su_max                     ? 
_refine.ls_shift_over_su_max_lt                  ? 
_refine.ls_shift_over_su_mean                    ? 
_refine.ls_shift_over_su_mean_lt                 ? 
_refine.pdbx_ls_sigma_I                          ? 
_refine.pdbx_ls_sigma_F                          1.35 
_refine.pdbx_ls_sigma_Fsqd                       ? 
_refine.pdbx_data_cutoff_high_absF               ? 
_refine.pdbx_data_cutoff_high_rms_absF           ? 
_refine.pdbx_data_cutoff_low_absF                ? 
_refine.pdbx_isotropic_thermal_model             ? 
_refine.pdbx_ls_cross_valid_method               'FREE R-VALUE' 
_refine.pdbx_method_to_determine_struct          MAD 
_refine.pdbx_starting_model                      ? 
_refine.pdbx_stereochemistry_target_values       'GeoStd + Monomer Library + CDL v1.2' 
_refine.pdbx_R_Free_selection_details            RANDOM 
_refine.pdbx_stereochem_target_val_spec_case     ? 
_refine.pdbx_overall_ESU_R                       ? 
_refine.pdbx_overall_ESU_R_Free                  ? 
_refine.pdbx_solvent_vdw_probe_radii             1.1000 
_refine.pdbx_solvent_ion_probe_radii             ? 
_refine.pdbx_solvent_shrinkage_radii             0.9000 
_refine.pdbx_real_space_R                        ? 
_refine.pdbx_density_correlation                 ? 
_refine.pdbx_pd_number_of_powder_patterns        ? 
_refine.pdbx_pd_number_of_points                 ? 
_refine.pdbx_pd_meas_number_of_points            ? 
_refine.pdbx_pd_proc_ls_prof_R_factor            ? 
_refine.pdbx_pd_proc_ls_prof_wR_factor           ? 
_refine.pdbx_pd_Marquardt_correlation_coeff      ? 
_refine.pdbx_pd_Fsqrd_R_factor                   ? 
_refine.pdbx_pd_ls_matrix_band_width             ? 
_refine.pdbx_overall_phase_error                 45.5920 
_refine.pdbx_overall_SU_R_free_Cruickshank_DPI   ? 
_refine.pdbx_overall_SU_R_free_Blow_DPI          ? 
_refine.pdbx_overall_SU_R_Blow_DPI               ? 
_refine.pdbx_TLS_residual_ADP_flag               ? 
_refine.pdbx_diffrn_id                           1 
_refine.overall_SU_B                             ? 
_refine.overall_SU_ML                            0.5215 
_refine.overall_SU_R_Cruickshank_DPI             ? 
_refine.overall_SU_R_free                        ? 
_refine.overall_FOM_free_R_set                   ? 
_refine.overall_FOM_work_R_set                   ? 
_refine.pdbx_average_fsc_overall                 ? 
_refine.pdbx_average_fsc_work                    ? 
_refine.pdbx_average_fsc_free                    ? 
# 
_refine_hist.pdbx_refine_id                   'X-RAY DIFFRACTION' 
_refine_hist.cycle_id                         LAST 
_refine_hist.details                          ? 
_refine_hist.d_res_high                       2.25 
_refine_hist.d_res_low                        41.46 
_refine_hist.number_atoms_solvent             22 
_refine_hist.number_atoms_total               1234 
_refine_hist.number_reflns_all                ? 
_refine_hist.number_reflns_obs                ? 
_refine_hist.number_reflns_R_free             ? 
_refine_hist.number_reflns_R_work             ? 
_refine_hist.R_factor_all                     ? 
_refine_hist.R_factor_obs                     ? 
_refine_hist.R_factor_R_free                  ? 
_refine_hist.R_factor_R_work                  ? 
_refine_hist.pdbx_number_residues_total       ? 
_refine_hist.pdbx_B_iso_mean_ligand           ? 
_refine_hist.pdbx_B_iso_mean_solvent          ? 
_refine_hist.pdbx_number_atoms_protein        0 
_refine_hist.pdbx_number_atoms_nucleic_acid   1212 
_refine_hist.pdbx_number_atoms_ligand         0 
_refine_hist.pdbx_number_atoms_lipid          ? 
_refine_hist.pdbx_number_atoms_carb           ? 
_refine_hist.pdbx_pseudo_atom_details         ? 
# 
loop_
_refine_ls_restr.pdbx_refine_id 
_refine_ls_restr.criterion 
_refine_ls_restr.dev_ideal 
_refine_ls_restr.dev_ideal_target 
_refine_ls_restr.number 
_refine_ls_restr.rejects 
_refine_ls_restr.type 
_refine_ls_restr.weight 
_refine_ls_restr.pdbx_restraint_function 
'X-RAY DIFFRACTION' ? 0.0132  ? 1348 ? f_bond_d           ? ? 
'X-RAY DIFFRACTION' ? 1.1126  ? 2062 ? f_angle_d          ? ? 
'X-RAY DIFFRACTION' ? 0.0614  ? 246  ? f_chiral_restr     ? ? 
'X-RAY DIFFRACTION' ? 0.0073  ? 62   ? f_plane_restr      ? ? 
'X-RAY DIFFRACTION' ? 31.8235 ? 612  ? f_dihedral_angle_d ? ? 
# 
loop_
_refine_ls_shell.pdbx_refine_id 
_refine_ls_shell.d_res_high 
_refine_ls_shell.d_res_low 
_refine_ls_shell.number_reflns_all 
_refine_ls_shell.number_reflns_obs 
_refine_ls_shell.number_reflns_R_free 
_refine_ls_shell.number_reflns_R_work 
_refine_ls_shell.percent_reflns_obs 
_refine_ls_shell.percent_reflns_R_free 
_refine_ls_shell.R_factor_all 
_refine_ls_shell.R_factor_obs 
_refine_ls_shell.R_factor_R_free 
_refine_ls_shell.R_factor_R_free_error 
_refine_ls_shell.R_factor_R_work 
_refine_ls_shell.redundancy_reflns_all 
_refine_ls_shell.redundancy_reflns_obs 
_refine_ls_shell.wR_factor_all 
_refine_ls_shell.wR_factor_obs 
_refine_ls_shell.wR_factor_R_free 
_refine_ls_shell.wR_factor_R_work 
_refine_ls_shell.pdbx_R_complete 
_refine_ls_shell.pdbx_total_number_of_bins_used 
_refine_ls_shell.pdbx_phase_error 
_refine_ls_shell.pdbx_fsc_work 
_refine_ls_shell.pdbx_fsc_free 
'X-RAY DIFFRACTION' 2.25 2.58  . . 148 2331 89.08 . . . 0.4622 . 0.3748 . . . . . . . . . . . 
'X-RAY DIFFRACTION' 2.58 3.24  . . 126 2434 91.27 . . . 0.4611 . 0.3814 . . . . . . . . . . . 
'X-RAY DIFFRACTION' 3.25 41.46 . . 149 2769 98.78 . . . 0.2512 . 0.2179 . . . . . . . . . . . 
# 
_struct.entry_id                     8AYG 
_struct.title                        
'Crystal structure of an intramolecular i-motif at the insulin-linked polymorphic region (ILPR)' 
_struct.pdbx_model_details           ? 
_struct.pdbx_formula_weight          ? 
_struct.pdbx_formula_weight_method   ? 
_struct.pdbx_model_type_details      ? 
_struct.pdbx_CASP_flag               N 
# 
_struct_keywords.entry_id        8AYG 
_struct_keywords.text            'i-motif, promoter, DNA, insulin-linked polymorphic region' 
_struct_keywords.pdbx_keywords   DNA 
# 
loop_
_struct_asym.id 
_struct_asym.pdbx_blank_PDB_chainid_flag 
_struct_asym.pdbx_modified 
_struct_asym.entity_id 
_struct_asym.details 
A N N 1 ? 
B N N 1 ? 
C N N 2 ? 
D N N 2 ? 
# 
_struct_ref.id                         1 
_struct_ref.db_name                    PDB 
_struct_ref.db_code                    8AYG 
_struct_ref.pdbx_db_accession          8AYG 
_struct_ref.pdbx_db_isoform            ? 
_struct_ref.entity_id                  1 
_struct_ref.pdbx_seq_one_letter_code   ? 
_struct_ref.pdbx_align_begin           1 
# 
loop_
_struct_ref_seq.align_id 
_struct_ref_seq.ref_id 
_struct_ref_seq.pdbx_PDB_id_code 
_struct_ref_seq.pdbx_strand_id 
_struct_ref_seq.seq_align_beg 
_struct_ref_seq.pdbx_seq_align_beg_ins_code 
_struct_ref_seq.seq_align_end 
_struct_ref_seq.pdbx_seq_align_end_ins_code 
_struct_ref_seq.pdbx_db_accession 
_struct_ref_seq.db_align_beg 
_struct_ref_seq.pdbx_db_align_beg_ins_code 
_struct_ref_seq.db_align_end 
_struct_ref_seq.pdbx_db_align_end_ins_code 
_struct_ref_seq.pdbx_auth_seq_align_beg 
_struct_ref_seq.pdbx_auth_seq_align_end 
1 1 8AYG A 1 ? 31 ? 8AYG 1 ? 31 ? 1 31 
2 1 8AYG B 1 ? 31 ? 8AYG 1 ? 31 ? 1 31 
# 
loop_
_pdbx_struct_assembly.id 
_pdbx_struct_assembly.details 
_pdbx_struct_assembly.method_details 
_pdbx_struct_assembly.oligomeric_details 
_pdbx_struct_assembly.oligomeric_count 
1 author_defined_assembly ? monomeric 1 
2 author_defined_assembly ? monomeric 1 
# 
loop_
_pdbx_struct_assembly_gen.assembly_id 
_pdbx_struct_assembly_gen.oper_expression 
_pdbx_struct_assembly_gen.asym_id_list 
1 1 A,C 
2 1 B,D 
# 
_pdbx_struct_assembly_auth_evidence.id                     1 
_pdbx_struct_assembly_auth_evidence.assembly_id            1 
_pdbx_struct_assembly_auth_evidence.experimental_support   none 
_pdbx_struct_assembly_auth_evidence.details                ? 
# 
_pdbx_struct_oper_list.id                   1 
_pdbx_struct_oper_list.type                 'identity operation' 
_pdbx_struct_oper_list.name                 1_555 
_pdbx_struct_oper_list.symmetry_operation   x,y,z 
_pdbx_struct_oper_list.matrix[1][1]         1.0000000000 
_pdbx_struct_oper_list.matrix[1][2]         0.0000000000 
_pdbx_struct_oper_list.matrix[1][3]         0.0000000000 
_pdbx_struct_oper_list.vector[1]            0.0000000000 
_pdbx_struct_oper_list.matrix[2][1]         0.0000000000 
_pdbx_struct_oper_list.matrix[2][2]         1.0000000000 
_pdbx_struct_oper_list.matrix[2][3]         0.0000000000 
_pdbx_struct_oper_list.vector[2]            0.0000000000 
_pdbx_struct_oper_list.matrix[3][1]         0.0000000000 
_pdbx_struct_oper_list.matrix[3][2]         0.0000000000 
_pdbx_struct_oper_list.matrix[3][3]         1.0000000000 
_pdbx_struct_oper_list.vector[3]            0.0000000000 
# 
loop_
_struct_conn.id 
_struct_conn.conn_type_id 
_struct_conn.pdbx_leaving_atom_flag 
_struct_conn.pdbx_PDB_id 
_struct_conn.ptnr1_label_asym_id 
_struct_conn.ptnr1_label_comp_id 
_struct_conn.ptnr1_label_seq_id 
_struct_conn.ptnr1_label_atom_id 
_struct_conn.pdbx_ptnr1_label_alt_id 
_struct_conn.pdbx_ptnr1_PDB_ins_code 
_struct_conn.pdbx_ptnr1_standard_comp_id 
_struct_conn.ptnr1_symmetry 
_struct_conn.ptnr2_label_asym_id 
_struct_conn.ptnr2_label_comp_id 
_struct_conn.ptnr2_label_seq_id 
_struct_conn.ptnr2_label_atom_id 
_struct_conn.pdbx_ptnr2_label_alt_id 
_struct_conn.pdbx_ptnr2_PDB_ins_code 
_struct_conn.ptnr1_auth_asym_id 
_struct_conn.ptnr1_auth_comp_id 
_struct_conn.ptnr1_auth_seq_id 
_struct_conn.ptnr2_auth_asym_id 
_struct_conn.ptnr2_auth_comp_id 
_struct_conn.ptnr2_auth_seq_id 
_struct_conn.ptnr2_symmetry 
_struct_conn.pdbx_ptnr3_label_atom_id 
_struct_conn.pdbx_ptnr3_label_seq_id 
_struct_conn.pdbx_ptnr3_label_comp_id 
_struct_conn.pdbx_ptnr3_label_asym_id 
_struct_conn.pdbx_ptnr3_label_alt_id 
_struct_conn.pdbx_ptnr3_PDB_ins_code 
_struct_conn.details 
_struct_conn.pdbx_dist_value 
_struct_conn.pdbx_value_order 
_struct_conn.pdbx_role 
hydrog1  hydrog ? ? A DA 2  N1 ? ? ? 1_555 B DA 24 N6 ? ? A DA 2  B DA 24 1_555 ? ? ? ? ? ? TYPE_5_PAIR  ? ? ? 
hydrog2  hydrog ? ? A DA 2  N6 ? ? ? 1_555 B DA 24 N7 ? ? A DA 2  B DA 24 1_555 ? ? ? ? ? ? TYPE_5_PAIR  ? ? ? 
hydrog3  hydrog ? ? A DT 3  N3 ? ? ? 1_555 A DT 17 O4 ? ? A DT 3  A DT 17 1_555 ? ? ? ? ? ? TYPE_12_PAIR ? ? ? 
hydrog4  hydrog ? ? A DT 3  O4 ? ? ? 1_555 A DT 17 N3 ? ? A DT 3  A DT 17 1_555 ? ? ? ? ? ? TYPE_12_PAIR ? ? ? 
hydrog5  hydrog ? ? A DC 4  N4 ? ? ? 1_555 A DC 18 O2 ? ? A DC 4  A DC 18 1_555 ? ? ? ? ? ? TYPE_15_PAIR ? ? ? 
hydrog6  hydrog ? ? A DC 4  O2 ? ? ? 1_555 A DC 18 N4 ? ? A DC 4  A DC 18 1_555 ? ? ? ? ? ? TYPE_15_PAIR ? ? ? 
hydrog7  hydrog ? ? A DC 5  N4 ? ? ? 1_555 A DC 19 O2 ? ? A DC 5  A DC 19 1_555 ? ? ? ? ? ? TYPE_15_PAIR ? ? ? 
hydrog8  hydrog ? ? A DC 5  O2 ? ? ? 1_555 A DC 19 N4 ? ? A DC 5  A DC 19 1_555 ? ? ? ? ? ? TYPE_15_PAIR ? ? ? 
hydrog9  hydrog ? ? A DC 6  N4 ? ? ? 1_555 A DC 20 O2 ? ? A DC 6  A DC 20 1_555 ? ? ? ? ? ? TYPE_15_PAIR ? ? ? 
hydrog10 hydrog ? ? A DC 6  O2 ? ? ? 1_555 A DC 20 N4 ? ? A DC 6  A DC 20 1_555 ? ? ? ? ? ? TYPE_15_PAIR ? ? ? 
hydrog11 hydrog ? ? A DC 7  N4 ? ? ? 1_555 A DC 21 O2 ? ? A DC 7  A DC 21 1_555 ? ? ? ? ? ? TYPE_15_PAIR ? ? ? 
hydrog12 hydrog ? ? A DC 7  O2 ? ? ? 1_555 A DC 21 N4 ? ? A DC 7  A DC 21 1_555 ? ? ? ? ? ? TYPE_15_PAIR ? ? ? 
hydrog13 hydrog ? ? A DA 10 N6 ? ? ? 1_555 A DA 22 N1 ? ? A DA 10 A DA 22 1_555 ? ? ? ? ? ? TYPE_5_PAIR  ? ? ? 
hydrog14 hydrog ? ? A DA 10 N7 ? ? ? 1_555 A DA 22 N6 ? ? A DA 10 A DA 22 1_555 ? ? ? ? ? ? TYPE_5_PAIR  ? ? ? 
hydrog15 hydrog ? ? A DC 11 N4 ? ? ? 1_555 A DC 25 O2 ? ? A DC 11 A DC 25 1_555 ? ? ? ? ? ? TYPE_15_PAIR ? ? ? 
hydrog16 hydrog ? ? A DC 11 O2 ? ? ? 1_555 A DC 25 N4 ? ? A DC 11 A DC 25 1_555 ? ? ? ? ? ? TYPE_15_PAIR ? ? ? 
hydrog17 hydrog ? ? A DC 12 N4 ? ? ? 1_555 A DC 26 O2 ? ? A DC 12 A DC 26 1_555 ? ? ? ? ? ? TYPE_15_PAIR ? ? ? 
hydrog18 hydrog ? ? A DC 12 O2 ? ? ? 1_555 A DC 26 N4 ? ? A DC 12 A DC 26 1_555 ? ? ? ? ? ? TYPE_15_PAIR ? ? ? 
hydrog19 hydrog ? ? A DC 13 N4 ? ? ? 1_555 A DC 27 O2 ? ? A DC 13 A DC 27 1_555 ? ? ? ? ? ? TYPE_15_PAIR ? ? ? 
hydrog20 hydrog ? ? A DC 13 O2 ? ? ? 1_555 A DC 27 N4 ? ? A DC 13 A DC 27 1_555 ? ? ? ? ? ? TYPE_15_PAIR ? ? ? 
hydrog21 hydrog ? ? A DC 14 N4 ? ? ? 1_555 A DC 28 O2 ? ? A DC 14 A DC 28 1_555 ? ? ? ? ? ? TYPE_15_PAIR ? ? ? 
hydrog22 hydrog ? ? A DC 14 O2 ? ? ? 1_555 A DC 28 N4 ? ? A DC 14 A DC 28 1_555 ? ? ? ? ? ? TYPE_15_PAIR ? ? ? 
hydrog23 hydrog ? ? A DA 24 N6 ? ? ? 1_555 B DA 2  N1 ? ? A DA 24 B DA 2  1_555 ? ? ? ? ? ? TYPE_5_PAIR  ? ? ? 
hydrog24 hydrog ? ? A DA 24 N7 ? ? ? 1_555 B DA 2  N6 ? ? A DA 24 B DA 2  1_555 ? ? ? ? ? ? TYPE_5_PAIR  ? ? ? 
hydrog25 hydrog ? ? B DT 3  N3 ? ? ? 1_555 B DT 17 O4 ? ? B DT 3  B DT 17 1_555 ? ? ? ? ? ? TYPE_12_PAIR ? ? ? 
hydrog26 hydrog ? ? B DT 3  O4 ? ? ? 1_555 B DT 17 N3 ? ? B DT 3  B DT 17 1_555 ? ? ? ? ? ? TYPE_12_PAIR ? ? ? 
hydrog27 hydrog ? ? B DC 4  N4 ? ? ? 1_555 B DC 18 O2 ? ? B DC 4  B DC 18 1_555 ? ? ? ? ? ? TYPE_15_PAIR ? ? ? 
hydrog28 hydrog ? ? B DC 4  O2 ? ? ? 1_555 B DC 18 N4 ? ? B DC 4  B DC 18 1_555 ? ? ? ? ? ? TYPE_15_PAIR ? ? ? 
hydrog29 hydrog ? ? B DC 5  N4 ? ? ? 1_555 B DC 19 O2 ? ? B DC 5  B DC 19 1_555 ? ? ? ? ? ? TYPE_15_PAIR ? ? ? 
hydrog30 hydrog ? ? B DC 5  O2 ? ? ? 1_555 B DC 19 N4 ? ? B DC 5  B DC 19 1_555 ? ? ? ? ? ? TYPE_15_PAIR ? ? ? 
hydrog31 hydrog ? ? B DC 6  N4 ? ? ? 1_555 B DC 20 O2 ? ? B DC 6  B DC 20 1_555 ? ? ? ? ? ? TYPE_15_PAIR ? ? ? 
hydrog32 hydrog ? ? B DC 6  O2 ? ? ? 1_555 B DC 20 N4 ? ? B DC 6  B DC 20 1_555 ? ? ? ? ? ? TYPE_15_PAIR ? ? ? 
hydrog33 hydrog ? ? B DC 7  N4 ? ? ? 1_555 B DC 21 O2 ? ? B DC 7  B DC 21 1_555 ? ? ? ? ? ? TYPE_15_PAIR ? ? ? 
hydrog34 hydrog ? ? B DC 7  O2 ? ? ? 1_555 B DC 21 N4 ? ? B DC 7  B DC 21 1_555 ? ? ? ? ? ? TYPE_15_PAIR ? ? ? 
hydrog35 hydrog ? ? B DA 8  N6 ? ? ? 1_555 B DA 22 N1 ? ? B DA 8  B DA 22 1_555 ? ? ? ? ? ? TYPE_5_PAIR  ? ? ? 
hydrog36 hydrog ? ? B DA 8  N7 ? ? ? 1_555 B DA 22 N6 ? ? B DA 8  B DA 22 1_555 ? ? ? ? ? ? TYPE_5_PAIR  ? ? ? 
hydrog37 hydrog ? ? B DC 11 N4 ? ? ? 1_555 B DC 25 O2 ? ? B DC 11 B DC 25 1_555 ? ? ? ? ? ? TYPE_15_PAIR ? ? ? 
hydrog38 hydrog ? ? B DC 11 O2 ? ? ? 1_555 B DC 25 N4 ? ? B DC 11 B DC 25 1_555 ? ? ? ? ? ? TYPE_15_PAIR ? ? ? 
hydrog39 hydrog ? ? B DC 12 N4 ? ? ? 1_555 B DC 26 O2 ? ? B DC 12 B DC 26 1_555 ? ? ? ? ? ? TYPE_15_PAIR ? ? ? 
hydrog40 hydrog ? ? B DC 12 O2 ? ? ? 1_555 B DC 26 N4 ? ? B DC 12 B DC 26 1_555 ? ? ? ? ? ? TYPE_15_PAIR ? ? ? 
hydrog41 hydrog ? ? B DC 13 N4 ? ? ? 1_555 B DC 27 O2 ? ? B DC 13 B DC 27 1_555 ? ? ? ? ? ? TYPE_15_PAIR ? ? ? 
hydrog42 hydrog ? ? B DC 13 O2 ? ? ? 1_555 B DC 27 N4 ? ? B DC 13 B DC 27 1_555 ? ? ? ? ? ? TYPE_15_PAIR ? ? ? 
hydrog43 hydrog ? ? B DC 14 N4 ? ? ? 1_555 B DC 28 O2 ? ? B DC 14 B DC 28 1_555 ? ? ? ? ? ? TYPE_15_PAIR ? ? ? 
hydrog44 hydrog ? ? B DC 14 O2 ? ? ? 1_555 B DC 28 N4 ? ? B DC 14 B DC 28 1_555 ? ? ? ? ? ? TYPE_15_PAIR ? ? ? 
# 
_struct_conn_type.id          hydrog 
_struct_conn_type.criteria    ? 
_struct_conn_type.reference   ? 
# 
_pdbx_validate_close_contact.id               1 
_pdbx_validate_close_contact.PDB_model_num    1 
_pdbx_validate_close_contact.auth_atom_id_1   O 
_pdbx_validate_close_contact.auth_asym_id_1   B 
_pdbx_validate_close_contact.auth_comp_id_1   HOH 
_pdbx_validate_close_contact.auth_seq_id_1    107 
_pdbx_validate_close_contact.PDB_ins_code_1   ? 
_pdbx_validate_close_contact.label_alt_id_1   ? 
_pdbx_validate_close_contact.auth_atom_id_2   O 
_pdbx_validate_close_contact.auth_asym_id_2   B 
_pdbx_validate_close_contact.auth_comp_id_2   HOH 
_pdbx_validate_close_contact.auth_seq_id_2    111 
_pdbx_validate_close_contact.PDB_ins_code_2   ? 
_pdbx_validate_close_contact.label_alt_id_2   ? 
_pdbx_validate_close_contact.dist             2.12 
# 
loop_
_pdbx_validate_rmsd_bond.id 
_pdbx_validate_rmsd_bond.PDB_model_num 
_pdbx_validate_rmsd_bond.auth_atom_id_1 
_pdbx_validate_rmsd_bond.auth_asym_id_1 
_pdbx_validate_rmsd_bond.auth_comp_id_1 
_pdbx_validate_rmsd_bond.auth_seq_id_1 
_pdbx_validate_rmsd_bond.PDB_ins_code_1 
_pdbx_validate_rmsd_bond.label_alt_id_1 
_pdbx_validate_rmsd_bond.auth_atom_id_2 
_pdbx_validate_rmsd_bond.auth_asym_id_2 
_pdbx_validate_rmsd_bond.auth_comp_id_2 
_pdbx_validate_rmsd_bond.auth_seq_id_2 
_pdbx_validate_rmsd_bond.PDB_ins_code_2 
_pdbx_validate_rmsd_bond.label_alt_id_2 
_pdbx_validate_rmsd_bond.bond_value 
_pdbx_validate_rmsd_bond.bond_target_value 
_pdbx_validate_rmsd_bond.bond_deviation 
_pdbx_validate_rmsd_bond.bond_standard_deviation 
_pdbx_validate_rmsd_bond.linker_flag 
1 1 "O3'" A DC 21 ? ? "C3'" A DC 21 ? ? 1.383 1.419 -0.036 0.006 N 
2 1 "O3'" A DC 23 ? ? "C3'" A DC 23 ? ? 1.382 1.419 -0.037 0.006 N 
3 1 "O3'" A DC 25 ? ? "C3'" A DC 25 ? ? 1.378 1.419 -0.041 0.006 N 
4 1 "O3'" B DC 5  ? ? "C3'" B DC 5  ? ? 1.363 1.419 -0.056 0.006 N 
5 1 "O3'" B DC 13 ? ? "C3'" B DC 13 ? ? 1.379 1.419 -0.040 0.006 N 
# 
loop_
_pdbx_validate_rmsd_angle.id 
_pdbx_validate_rmsd_angle.PDB_model_num 
_pdbx_validate_rmsd_angle.auth_atom_id_1 
_pdbx_validate_rmsd_angle.auth_asym_id_1 
_pdbx_validate_rmsd_angle.auth_comp_id_1 
_pdbx_validate_rmsd_angle.auth_seq_id_1 
_pdbx_validate_rmsd_angle.PDB_ins_code_1 
_pdbx_validate_rmsd_angle.label_alt_id_1 
_pdbx_validate_rmsd_angle.auth_atom_id_2 
_pdbx_validate_rmsd_angle.auth_asym_id_2 
_pdbx_validate_rmsd_angle.auth_comp_id_2 
_pdbx_validate_rmsd_angle.auth_seq_id_2 
_pdbx_validate_rmsd_angle.PDB_ins_code_2 
_pdbx_validate_rmsd_angle.label_alt_id_2 
_pdbx_validate_rmsd_angle.auth_atom_id_3 
_pdbx_validate_rmsd_angle.auth_asym_id_3 
_pdbx_validate_rmsd_angle.auth_comp_id_3 
_pdbx_validate_rmsd_angle.auth_seq_id_3 
_pdbx_validate_rmsd_angle.PDB_ins_code_3 
_pdbx_validate_rmsd_angle.label_alt_id_3 
_pdbx_validate_rmsd_angle.angle_value 
_pdbx_validate_rmsd_angle.angle_target_value 
_pdbx_validate_rmsd_angle.angle_deviation 
_pdbx_validate_rmsd_angle.angle_standard_deviation 
_pdbx_validate_rmsd_angle.linker_flag 
1 1 "O4'" A DC 7  ? ? "C1'" A DC 7  ? ? N1    A DC 7  ? ? 110.24 108.30 1.94  0.30 N 
2 1 "O4'" B DA 30 ? ? "C4'" B DA 30 ? ? "C3'" B DA 30 ? ? 101.83 104.50 -2.67 0.40 N 
3 1 "O4'" B DA 30 ? ? "C1'" B DA 30 ? ? N9    B DA 30 ? ? 110.36 108.30 2.06  0.30 N 
# 
_phasing.method   MAD 
# 
loop_
_chem_comp_atom.comp_id 
_chem_comp_atom.atom_id 
_chem_comp_atom.type_symbol 
_chem_comp_atom.pdbx_aromatic_flag 
_chem_comp_atom.pdbx_stereo_config 
_chem_comp_atom.pdbx_ordinal 
DA  OP3    O N N 1   
DA  P      P N N 2   
DA  OP1    O N N 3   
DA  OP2    O N N 4   
DA  "O5'"  O N N 5   
DA  "C5'"  C N N 6   
DA  "C4'"  C N R 7   
DA  "O4'"  O N N 8   
DA  "C3'"  C N S 9   
DA  "O3'"  O N N 10  
DA  "C2'"  C N N 11  
DA  "C1'"  C N R 12  
DA  N9     N Y N 13  
DA  C8     C Y N 14  
DA  N7     N Y N 15  
DA  C5     C Y N 16  
DA  C6     C Y N 17  
DA  N6     N N N 18  
DA  N1     N Y N 19  
DA  C2     C Y N 20  
DA  N3     N Y N 21  
DA  C4     C Y N 22  
DA  HOP3   H N N 23  
DA  HOP2   H N N 24  
DA  "H5'"  H N N 25  
DA  "H5''" H N N 26  
DA  "H4'"  H N N 27  
DA  "H3'"  H N N 28  
DA  "HO3'" H N N 29  
DA  "H2'"  H N N 30  
DA  "H2''" H N N 31  
DA  "H1'"  H N N 32  
DA  H8     H N N 33  
DA  H61    H N N 34  
DA  H62    H N N 35  
DA  H2     H N N 36  
DC  OP3    O N N 37  
DC  P      P N N 38  
DC  OP1    O N N 39  
DC  OP2    O N N 40  
DC  "O5'"  O N N 41  
DC  "C5'"  C N N 42  
DC  "C4'"  C N R 43  
DC  "O4'"  O N N 44  
DC  "C3'"  C N S 45  
DC  "O3'"  O N N 46  
DC  "C2'"  C N N 47  
DC  "C1'"  C N R 48  
DC  N1     N N N 49  
DC  C2     C N N 50  
DC  O2     O N N 51  
DC  N3     N N N 52  
DC  C4     C N N 53  
DC  N4     N N N 54  
DC  C5     C N N 55  
DC  C6     C N N 56  
DC  HOP3   H N N 57  
DC  HOP2   H N N 58  
DC  "H5'"  H N N 59  
DC  "H5''" H N N 60  
DC  "H4'"  H N N 61  
DC  "H3'"  H N N 62  
DC  "HO3'" H N N 63  
DC  "H2'"  H N N 64  
DC  "H2''" H N N 65  
DC  "H1'"  H N N 66  
DC  H41    H N N 67  
DC  H42    H N N 68  
DC  H5     H N N 69  
DC  H6     H N N 70  
DT  OP3    O N N 71  
DT  P      P N N 72  
DT  OP1    O N N 73  
DT  OP2    O N N 74  
DT  "O5'"  O N N 75  
DT  "C5'"  C N N 76  
DT  "C4'"  C N R 77  
DT  "O4'"  O N N 78  
DT  "C3'"  C N S 79  
DT  "O3'"  O N N 80  
DT  "C2'"  C N N 81  
DT  "C1'"  C N R 82  
DT  N1     N N N 83  
DT  C2     C N N 84  
DT  O2     O N N 85  
DT  N3     N N N 86  
DT  C4     C N N 87  
DT  O4     O N N 88  
DT  C5     C N N 89  
DT  C7     C N N 90  
DT  C6     C N N 91  
DT  HOP3   H N N 92  
DT  HOP2   H N N 93  
DT  "H5'"  H N N 94  
DT  "H5''" H N N 95  
DT  "H4'"  H N N 96  
DT  "H3'"  H N N 97  
DT  "HO3'" H N N 98  
DT  "H2'"  H N N 99  
DT  "H2''" H N N 100 
DT  "H1'"  H N N 101 
DT  H3     H N N 102 
DT  H71    H N N 103 
DT  H72    H N N 104 
DT  H73    H N N 105 
DT  H6     H N N 106 
HOH O      O N N 107 
HOH H1     H N N 108 
HOH H2     H N N 109 
# 
loop_
_chem_comp_bond.comp_id 
_chem_comp_bond.atom_id_1 
_chem_comp_bond.atom_id_2 
_chem_comp_bond.value_order 
_chem_comp_bond.pdbx_aromatic_flag 
_chem_comp_bond.pdbx_stereo_config 
_chem_comp_bond.pdbx_ordinal 
DA  OP3   P      sing N N 1   
DA  OP3   HOP3   sing N N 2   
DA  P     OP1    doub N N 3   
DA  P     OP2    sing N N 4   
DA  P     "O5'"  sing N N 5   
DA  OP2   HOP2   sing N N 6   
DA  "O5'" "C5'"  sing N N 7   
DA  "C5'" "C4'"  sing N N 8   
DA  "C5'" "H5'"  sing N N 9   
DA  "C5'" "H5''" sing N N 10  
DA  "C4'" "O4'"  sing N N 11  
DA  "C4'" "C3'"  sing N N 12  
DA  "C4'" "H4'"  sing N N 13  
DA  "O4'" "C1'"  sing N N 14  
DA  "C3'" "O3'"  sing N N 15  
DA  "C3'" "C2'"  sing N N 16  
DA  "C3'" "H3'"  sing N N 17  
DA  "O3'" "HO3'" sing N N 18  
DA  "C2'" "C1'"  sing N N 19  
DA  "C2'" "H2'"  sing N N 20  
DA  "C2'" "H2''" sing N N 21  
DA  "C1'" N9     sing N N 22  
DA  "C1'" "H1'"  sing N N 23  
DA  N9    C8     sing Y N 24  
DA  N9    C4     sing Y N 25  
DA  C8    N7     doub Y N 26  
DA  C8    H8     sing N N 27  
DA  N7    C5     sing Y N 28  
DA  C5    C6     sing Y N 29  
DA  C5    C4     doub Y N 30  
DA  C6    N6     sing N N 31  
DA  C6    N1     doub Y N 32  
DA  N6    H61    sing N N 33  
DA  N6    H62    sing N N 34  
DA  N1    C2     sing Y N 35  
DA  C2    N3     doub Y N 36  
DA  C2    H2     sing N N 37  
DA  N3    C4     sing Y N 38  
DC  OP3   P      sing N N 39  
DC  OP3   HOP3   sing N N 40  
DC  P     OP1    doub N N 41  
DC  P     OP2    sing N N 42  
DC  P     "O5'"  sing N N 43  
DC  OP2   HOP2   sing N N 44  
DC  "O5'" "C5'"  sing N N 45  
DC  "C5'" "C4'"  sing N N 46  
DC  "C5'" "H5'"  sing N N 47  
DC  "C5'" "H5''" sing N N 48  
DC  "C4'" "O4'"  sing N N 49  
DC  "C4'" "C3'"  sing N N 50  
DC  "C4'" "H4'"  sing N N 51  
DC  "O4'" "C1'"  sing N N 52  
DC  "C3'" "O3'"  sing N N 53  
DC  "C3'" "C2'"  sing N N 54  
DC  "C3'" "H3'"  sing N N 55  
DC  "O3'" "HO3'" sing N N 56  
DC  "C2'" "C1'"  sing N N 57  
DC  "C2'" "H2'"  sing N N 58  
DC  "C2'" "H2''" sing N N 59  
DC  "C1'" N1     sing N N 60  
DC  "C1'" "H1'"  sing N N 61  
DC  N1    C2     sing N N 62  
DC  N1    C6     sing N N 63  
DC  C2    O2     doub N N 64  
DC  C2    N3     sing N N 65  
DC  N3    C4     doub N N 66  
DC  C4    N4     sing N N 67  
DC  C4    C5     sing N N 68  
DC  N4    H41    sing N N 69  
DC  N4    H42    sing N N 70  
DC  C5    C6     doub N N 71  
DC  C5    H5     sing N N 72  
DC  C6    H6     sing N N 73  
DT  OP3   P      sing N N 74  
DT  OP3   HOP3   sing N N 75  
DT  P     OP1    doub N N 76  
DT  P     OP2    sing N N 77  
DT  P     "O5'"  sing N N 78  
DT  OP2   HOP2   sing N N 79  
DT  "O5'" "C5'"  sing N N 80  
DT  "C5'" "C4'"  sing N N 81  
DT  "C5'" "H5'"  sing N N 82  
DT  "C5'" "H5''" sing N N 83  
DT  "C4'" "O4'"  sing N N 84  
DT  "C4'" "C3'"  sing N N 85  
DT  "C4'" "H4'"  sing N N 86  
DT  "O4'" "C1'"  sing N N 87  
DT  "C3'" "O3'"  sing N N 88  
DT  "C3'" "C2'"  sing N N 89  
DT  "C3'" "H3'"  sing N N 90  
DT  "O3'" "HO3'" sing N N 91  
DT  "C2'" "C1'"  sing N N 92  
DT  "C2'" "H2'"  sing N N 93  
DT  "C2'" "H2''" sing N N 94  
DT  "C1'" N1     sing N N 95  
DT  "C1'" "H1'"  sing N N 96  
DT  N1    C2     sing N N 97  
DT  N1    C6     sing N N 98  
DT  C2    O2     doub N N 99  
DT  C2    N3     sing N N 100 
DT  N3    C4     sing N N 101 
DT  N3    H3     sing N N 102 
DT  C4    O4     doub N N 103 
DT  C4    C5     sing N N 104 
DT  C5    C7     sing N N 105 
DT  C5    C6     doub N N 106 
DT  C7    H71    sing N N 107 
DT  C7    H72    sing N N 108 
DT  C7    H73    sing N N 109 
DT  C6    H6     sing N N 110 
HOH O     H1     sing N N 111 
HOH O     H2     sing N N 112 
# 
loop_
_ndb_struct_conf_na.entry_id 
_ndb_struct_conf_na.feature 
8AYG 'double helix'         
8AYG 'parallel strands'     
8AYG 'mismatched base pair' 
8AYG 'internal loop'        
# 
loop_
_ndb_struct_na_base_pair.model_number 
_ndb_struct_na_base_pair.i_label_asym_id 
_ndb_struct_na_base_pair.i_label_comp_id 
_ndb_struct_na_base_pair.i_label_seq_id 
_ndb_struct_na_base_pair.i_symmetry 
_ndb_struct_na_base_pair.j_label_asym_id 
_ndb_struct_na_base_pair.j_label_comp_id 
_ndb_struct_na_base_pair.j_label_seq_id 
_ndb_struct_na_base_pair.j_symmetry 
_ndb_struct_na_base_pair.shear 
_ndb_struct_na_base_pair.stretch 
_ndb_struct_na_base_pair.stagger 
_ndb_struct_na_base_pair.buckle 
_ndb_struct_na_base_pair.propeller 
_ndb_struct_na_base_pair.opening 
_ndb_struct_na_base_pair.pair_number 
_ndb_struct_na_base_pair.pair_name 
_ndb_struct_na_base_pair.i_auth_asym_id 
_ndb_struct_na_base_pair.i_auth_seq_id 
_ndb_struct_na_base_pair.i_PDB_ins_code 
_ndb_struct_na_base_pair.j_auth_asym_id 
_ndb_struct_na_base_pair.j_auth_seq_id 
_ndb_struct_na_base_pair.j_PDB_ins_code 
_ndb_struct_na_base_pair.hbond_type_28 
_ndb_struct_na_base_pair.hbond_type_12 
1 A DA 2  1_555 B DA 24 1_555 3.843  1.323  0.796  -6.950  40.482  -113.218 1  A_DA2:DA24_B  A 2  ? B 24 ? 5  4 
1 A DT 3  1_555 A DT 17 1_555 1.718  -2.009 -1.027 -19.607 10.686  178.125  2  A_DT3:DT17_A  A 3  ? A 17 ? 12 2 
1 A DC 14 1_555 A DC 28 1_555 1.838  0.591  0.079  13.389  10.043  176.208  3  A_DC14:DC28_A A 14 ? A 28 ? 15 2 
1 A DC 4  1_555 A DC 18 1_555 -1.825 -1.058 0.019  6.820   -8.967  -178.327 4  A_DC4:DC18_A  A 4  ? A 18 ? 15 2 
1 A DC 13 1_555 A DC 27 1_555 -1.965 -1.009 -0.006 -6.556  -5.349  -178.809 5  A_DC13:DC27_A A 13 ? A 27 ? 15 2 
1 A DC 5  1_555 A DC 19 1_555 1.926  1.236  -0.095 -4.847  13.264  177.628  6  A_DC5:DC19_A  A 5  ? A 19 ? 15 2 
1 A DC 12 1_555 A DC 26 1_555 -2.058 -1.115 0.018  3.367   -3.080  -178.217 7  A_DC12:DC26_A A 12 ? A 26 ? 15 2 
1 A DC 6  1_555 A DC 20 1_555 -1.848 -1.159 -0.042 -0.847  -4.712  -178.788 8  A_DC6:DC20_A  A 6  ? A 20 ? 15 2 
1 A DC 11 1_555 A DC 25 1_555 1.873  0.958  -0.067 -5.297  0.475   179.701  9  A_DC11:DC25_A A 11 ? A 25 ? 15 2 
1 A DC 7  1_555 A DC 21 1_555 -1.851 -0.726 -0.162 -3.706  -10.880 -178.725 10 A_DC7:DC21_A  A 7  ? A 21 ? 15 2 
1 A DA 10 1_555 A DA 22 1_555 -3.773 1.520  -0.685 -8.227  -7.583  -108.645 11 A_DA10:DA22_A A 10 ? A 22 ? 5  4 
1 A DA 24 1_555 B DA 2  1_555 -4.663 0.102  0.623  3.278   26.000  -102.297 12 A_DA24:DA2_B  A 24 ? B 2  ? 5  4 
1 B DA 22 1_555 B DA 8  1_555 4.008  1.206  -0.607 19.981  -15.096 -94.440  13 B_DA22:DA8_B  B 22 ? B 8  ? 5  4 
1 B DC 7  1_555 B DC 21 1_555 1.984  0.650  0.105  12.631  -0.756  173.165  14 B_DC7:DC21_B  B 7  ? B 21 ? 15 2 
1 B DC 11 1_555 B DC 25 1_555 -1.783 -1.346 0.381  9.279   -6.234  -169.633 15 B_DC11:DC25_B B 11 ? B 25 ? 15 2 
1 B DC 6  1_555 B DC 20 1_555 2.093  1.023  0.363  7.172   2.263   175.400  16 B_DC6:DC20_B  B 6  ? B 20 ? 15 2 
1 B DC 12 1_555 B DC 26 1_555 -1.814 -1.194 0.177  7.521   -5.751  -177.126 17 B_DC12:DC26_B B 12 ? B 26 ? 15 2 
1 B DC 5  1_555 B DC 19 1_555 1.947  1.236  0.291  -6.023  5.720   176.152  18 B_DC5:DC19_B  B 5  ? B 19 ? 15 2 
1 B DC 13 1_555 B DC 27 1_555 1.944  1.169  0.288  9.364   4.931   176.517  19 B_DC13:DC27_B B 13 ? B 27 ? 15 2 
1 B DC 4  1_555 B DC 18 1_555 -1.872 -1.561 -0.015 16.001  2.580   -177.873 20 B_DC4:DC18_B  B 4  ? B 18 ? 15 2 
1 B DC 14 1_555 B DC 28 1_555 2.026  0.707  -0.410 11.883  -4.244  174.521  21 B_DC14:DC28_B B 14 ? B 28 ? 15 2 
1 B DT 3  1_555 B DT 17 1_555 -1.712 1.584  -0.122 17.946  -10.472 -177.502 22 B_DT3:DT17_B  B 3  ? B 17 ? 12 2 
# 
loop_
_ndb_struct_na_base_pair_step.model_number 
_ndb_struct_na_base_pair_step.i_label_asym_id_1 
_ndb_struct_na_base_pair_step.i_label_comp_id_1 
_ndb_struct_na_base_pair_step.i_label_seq_id_1 
_ndb_struct_na_base_pair_step.i_symmetry_1 
_ndb_struct_na_base_pair_step.j_label_asym_id_1 
_ndb_struct_na_base_pair_step.j_label_comp_id_1 
_ndb_struct_na_base_pair_step.j_label_seq_id_1 
_ndb_struct_na_base_pair_step.j_symmetry_1 
_ndb_struct_na_base_pair_step.i_label_asym_id_2 
_ndb_struct_na_base_pair_step.i_label_comp_id_2 
_ndb_struct_na_base_pair_step.i_label_seq_id_2 
_ndb_struct_na_base_pair_step.i_symmetry_2 
_ndb_struct_na_base_pair_step.j_label_asym_id_2 
_ndb_struct_na_base_pair_step.j_label_comp_id_2 
_ndb_struct_na_base_pair_step.j_label_seq_id_2 
_ndb_struct_na_base_pair_step.j_symmetry_2 
_ndb_struct_na_base_pair_step.shift 
_ndb_struct_na_base_pair_step.slide 
_ndb_struct_na_base_pair_step.rise 
_ndb_struct_na_base_pair_step.tilt 
_ndb_struct_na_base_pair_step.roll 
_ndb_struct_na_base_pair_step.twist 
_ndb_struct_na_base_pair_step.x_displacement 
_ndb_struct_na_base_pair_step.y_displacement 
_ndb_struct_na_base_pair_step.helical_rise 
_ndb_struct_na_base_pair_step.inclination 
_ndb_struct_na_base_pair_step.tip 
_ndb_struct_na_base_pair_step.helical_twist 
_ndb_struct_na_base_pair_step.step_number 
_ndb_struct_na_base_pair_step.step_name 
_ndb_struct_na_base_pair_step.i_auth_asym_id_1 
_ndb_struct_na_base_pair_step.i_auth_seq_id_1 
_ndb_struct_na_base_pair_step.i_PDB_ins_code_1 
_ndb_struct_na_base_pair_step.j_auth_asym_id_1 
_ndb_struct_na_base_pair_step.j_auth_seq_id_1 
_ndb_struct_na_base_pair_step.j_PDB_ins_code_1 
_ndb_struct_na_base_pair_step.i_auth_asym_id_2 
_ndb_struct_na_base_pair_step.i_auth_seq_id_2 
_ndb_struct_na_base_pair_step.i_PDB_ins_code_2 
_ndb_struct_na_base_pair_step.j_auth_asym_id_2 
_ndb_struct_na_base_pair_step.j_auth_seq_id_2 
_ndb_struct_na_base_pair_step.j_PDB_ins_code_2 
1 A DT 3  1_555 A DT 17 1_555 A DC 14 1_555 A DC 28 1_555 -3.030 2.079  -0.084 101.694  137.104  131.736  1.059  1.502  -0.132 
68.877  -51.088 176.202  1  AA_DT3DC14:DC28DT17_AA A 3  ? A 17 ? A 14 ? A 28 ? 
1 A DC 14 1_555 A DC 28 1_555 A DC 4  1_555 A DC 18 1_555 -2.159 -1.535 0.026  100.000  -142.977 -125.436 0.772  -1.077 0.014  
71.740  50.176  -177.469 2  AA_DC14DC4:DC18DC28_AA A 14 ? A 28 ? A 4  ? A 18 ? 
1 A DC 4  1_555 A DC 18 1_555 A DC 13 1_555 A DC 27 1_555 -2.319 2.624  0.161  131.721  120.969  35.989   1.245  1.233  0.113  
60.755  -66.156 178.897  3  AA_DC4DC13:DC27DC18_AA A 4  ? A 18 ? A 13 ? A 27 ? 
1 A DC 13 1_555 A DC 27 1_555 A DC 5  1_555 A DC 19 1_555 -2.201 -1.427 0.034  99.572   -145.209 154.090  -0.711 1.102  0.018  
-72.646 -49.814 179.119  4  AA_DC13DC5:DC19DC27_AA A 13 ? A 27 ? A 5  ? A 19 ? 
1 A DC 5  1_555 A DC 19 1_555 A DC 12 1_555 A DC 26 1_555 -2.657 -2.392 -0.119 -122.694 130.548  158.481  -1.188 1.336  -0.102 
65.279  61.352  179.842  5  AA_DC5DC12:DC26DC19_AA A 5  ? A 19 ? A 12 ? A 26 ? 
1 A DC 12 1_555 A DC 26 1_555 A DC 6  1_555 A DC 20 1_555 1.537  -2.454 -0.069 145.055  100.051  -25.501  1.218  0.782  0.110  
-50.863 73.742  -176.307 6  AA_DC12DC6:DC20DC26_AA A 12 ? A 26 ? A 6  ? A 20 ? 
1 A DC 6  1_555 A DC 20 1_555 A DC 11 1_555 A DC 25 1_555 2.395  2.286  -0.050 120.607  -127.848 45.816   1.123  -1.218 -0.038 
-64.866 -61.192 176.094  7  AA_DC6DC11:DC25DC20_AA A 6  ? A 20 ? A 11 ? A 25 ? 
1 A DC 11 1_555 A DC 25 1_555 A DC 7  1_555 A DC 21 1_555 2.265  1.624  0.071  -103.401 143.944  137.405  0.802  -1.140 0.065  
72.049  51.756  178.995  8  AA_DC11DC7:DC21DC25_AA A 11 ? A 25 ? A 7  ? A 21 ? 
1 A DC 7  1_555 A DC 21 1_555 A DA 10 1_555 A DA 22 1_555 3.575  -1.411 1.504  -42.900  -156.491 139.200  -0.444 -1.862 1.555  
-78.774 21.595  173.840  9  AA_DC7DA10:DA22DC21_AA A 7  ? A 21 ? A 10 ? A 22 ? 
1 B DA 22 1_555 B DA 8  1_555 B DC 7  1_555 B DC 21 1_555 1.232  -0.191 -3.293 -2.389   -1.762   20.405   -1.325 -2.368 -3.385 
-4.939  6.699   20.618   10 BB_DA22DC7:DC21DA8_BB  B 22 ? B 8  ? B 7  ? B 21 ? 
1 B DC 7  1_555 B DC 21 1_555 B DC 11 1_555 B DC 25 1_555 -2.561 -1.690 -0.165 100.815  -141.694 81.935   -0.911 1.235  -0.189 
-71.702 -51.016 175.394  11 BB_DC7DC11:DC25DC21_BB B 7  ? B 21 ? B 11 ? B 25 ? 
1 B DC 11 1_555 B DC 25 1_555 B DC 6  1_555 B DC 20 1_555 -2.748 -1.997 -0.111 -114.040 133.377  -22.706  1.123  -1.270 -0.285 
-68.067 -58.198 -175.572 12 BB_DC11DC6:DC20DC25_BB B 11 ? B 25 ? B 6  ? B 20 ? 
1 B DC 6  1_555 B DC 20 1_555 B DC 12 1_555 B DC 26 1_555 -2.577 -1.366 0.034  96.518   -145.886 42.603   -0.746 1.249  -0.251 
-74.290 -49.150 175.271  13 BB_DC6DC12:DC26DC20_BB B 6  ? B 20 ? B 12 ? B 26 ? 
1 B DC 12 1_555 B DC 26 1_555 B DC 5  1_555 B DC 19 1_555 -2.736 -2.074 0.000  -115.584 131.806  98.234   -1.060 1.349  0.160  
66.333  58.169  176.929  14 BB_DC12DC5:DC19DC26_BB B 12 ? B 26 ? B 5  ? B 19 ? 
1 B DC 5  1_555 B DC 19 1_555 B DC 13 1_555 B DC 27 1_555 1.080  -2.634 -0.045 144.417  95.909   -95.527  1.286  0.588  0.341  
-48.430 72.925  -175.540 15 BB_DC5DC13:DC27DC19_BB B 5  ? B 19 ? B 13 ? B 27 ? 
1 B DC 13 1_555 B DC 27 1_555 B DC 4  1_555 B DC 18 1_555 2.245  2.233  -0.109 109.934  -134.150 -96.646  -1.115 1.125  0.120  
67.716  55.492  -175.640 16 BB_DC13DC4:DC18DC27_BB B 13 ? B 27 ? B 4  ? B 18 ? 
1 B DC 4  1_555 B DC 18 1_555 B DC 14 1_555 B DC 28 1_555 -2.717 -1.913 0.199  99.958   -144.062 105.203  -0.905 1.395  0.172  
-72.424 -50.252 177.172  17 BB_DC4DC14:DC28DC18_BB B 4  ? B 18 ? B 14 ? B 28 ? 
1 B DC 14 1_555 B DC 28 1_555 B DT 3  1_555 B DT 17 1_555 -2.185 -2.609 0.027  -134.909 105.604  -92.309  1.310  -1.089 -0.058 
-53.545 -68.404 -173.994 18 BB_DC14DT3:DT17DC28_BB B 14 ? B 28 ? B 3  ? B 17 ? 
# 
_pdbx_audit_support.funding_organization   'Other private' 
_pdbx_audit_support.country                'United Kingdom' 
_pdbx_audit_support.grant_number           'grand code: 565921, award:177365' 
_pdbx_audit_support.ordinal                1 
# 
_atom_sites.entry_id                    8AYG 
_atom_sites.Cartn_transf_matrix[1][1]   ? 
_atom_sites.Cartn_transf_matrix[1][2]   ? 
_atom_sites.Cartn_transf_matrix[1][3]   ? 
_atom_sites.Cartn_transf_matrix[2][1]   ? 
_atom_sites.Cartn_transf_matrix[2][2]   ? 
_atom_sites.Cartn_transf_matrix[2][3]   ? 
_atom_sites.Cartn_transf_matrix[3][1]   ? 
_atom_sites.Cartn_transf_matrix[3][2]   ? 
_atom_sites.Cartn_transf_matrix[3][3]   ? 
_atom_sites.Cartn_transf_vector[1]      ? 
_atom_sites.Cartn_transf_vector[2]      ? 
_atom_sites.Cartn_transf_vector[3]      ? 
_atom_sites.fract_transf_matrix[1][1]   -0.00647680 
_atom_sites.fract_transf_matrix[1][2]   0.01584536 
_atom_sites.fract_transf_matrix[1][3]   0.01231925 
_atom_sites.fract_transf_matrix[2][1]   -0.01705171 
_atom_sites.fract_transf_matrix[2][2]   0.00024195 
_atom_sites.fract_transf_matrix[2][3]   -0.00927606 
_atom_sites.fract_transf_matrix[3][1]   -0.00524406 
_atom_sites.fract_transf_matrix[3][2]   -0.00944663 
_atom_sites.fract_transf_matrix[3][3]   0.00939348 
_atom_sites.fract_transf_vector[1]      -0.017966 
_atom_sites.fract_transf_vector[2]      -0.550181 
_atom_sites.fract_transf_vector[3]      0.002231 
_atom_sites.solution_primary            ? 
_atom_sites.solution_secondary          ? 
_atom_sites.solution_hydrogens          ? 
_atom_sites.special_details             ? 
# 
loop_
_atom_type.symbol 
C 
N 
O 
P 
# 
loop_
_atom_site.group_PDB 
_atom_site.id 
_atom_site.type_symbol 
_atom_site.label_atom_id 
_atom_site.label_alt_id 
_atom_site.label_comp_id 
_atom_site.label_asym_id 
_atom_site.label_entity_id 
_atom_site.label_seq_id 
_atom_site.pdbx_PDB_ins_code 
_atom_site.Cartn_x 
_atom_site.Cartn_y 
_atom_site.Cartn_z 
_atom_site.occupancy 
_atom_site.B_iso_or_equiv 
_atom_site.pdbx_formal_charge 
_atom_site.auth_seq_id 
_atom_site.auth_comp_id 
_atom_site.auth_asym_id 
_atom_site.auth_atom_id 
_atom_site.pdbx_PDB_model_num 
ATOM   1    O "O5'" . DT  A 1 1  ? 8.28052   -5.17949  -12.61830 1.000 93.77028  ? 1   DT  A "O5'" 1 
ATOM   2    C "C5'" . DT  A 1 1  ? 9.53730   -4.52816  -12.47683 1.000 92.33861  ? 1   DT  A "C5'" 1 
ATOM   3    C "C4'" . DT  A 1 1  ? 9.36157   -3.15160  -11.87388 1.000 90.53477  ? 1   DT  A "C4'" 1 
ATOM   4    O "O4'" . DT  A 1 1  ? 8.28931   -2.46191  -12.57048 1.000 87.70317  ? 1   DT  A "O4'" 1 
ATOM   5    C "C3'" . DT  A 1 1  ? 8.96467   -3.15151  -10.39942 1.000 90.16836  ? 1   DT  A "C3'" 1 
ATOM   6    O "O3'" . DT  A 1 1  ? 9.48403   -2.00171  -9.75390  1.000 92.61060  ? 1   DT  A "O3'" 1 
ATOM   7    C "C2'" . DT  A 1 1  ? 7.45875   -3.08323  -10.48108 1.000 88.49806  ? 1   DT  A "C2'" 1 
ATOM   8    C "C1'" . DT  A 1 1  ? 7.28880   -2.12167  -11.64380 1.000 87.59086  ? 1   DT  A "C1'" 1 
ATOM   9    N N1    . DT  A 1 1  ? 5.98481   -2.25277  -12.27919 1.000 86.00798  ? 1   DT  A N1    1 
ATOM   10   C C2    . DT  A 1 1  ? 5.07769   -1.23803  -12.12827 1.000 85.56600  ? 1   DT  A C2    1 
ATOM   11   O O2    . DT  A 1 1  ? 5.32857   -0.20714  -11.51079 1.000 82.78656  ? 1   DT  A O2    1 
ATOM   12   N N3    . DT  A 1 1  ? 3.86397   -1.46188  -12.73510 1.000 83.71954  ? 1   DT  A N3    1 
ATOM   13   C C4    . DT  A 1 1  ? 3.48659   -2.58378  -13.45760 1.000 85.11411  ? 1   DT  A C4    1 
ATOM   14   O O4    . DT  A 1 1  ? 2.37300   -2.69484  -13.97125 1.000 85.32358  ? 1   DT  A O4    1 
ATOM   15   C C5    . DT  A 1 1  ? 4.49588   -3.61258  -13.57055 1.000 83.91246  ? 1   DT  A C5    1 
ATOM   16   C C7    . DT  A 1 1  ? 4.20340   -4.87441  -14.32891 1.000 83.81131  ? 1   DT  A C7    1 
ATOM   17   C C6    . DT  A 1 1  ? 5.68088   -3.40138  -12.97668 1.000 84.39709  ? 1   DT  A C6    1 
ATOM   18   P P     . DA  A 1 2  ? 10.83993  -2.10823  -8.90125  1.000 103.42795 ? 2   DA  A P     1 
ATOM   19   O OP1   . DA  A 1 2  ? 10.82836  -3.42534  -8.20968  1.000 101.05918 ? 2   DA  A OP1   1 
ATOM   20   O OP2   . DA  A 1 2  ? 10.96426  -0.86760  -8.10020  1.000 100.92265 ? 2   DA  A OP2   1 
ATOM   21   O "O5'" . DA  A 1 2  ? 11.98167  -2.09119  -10.03133 1.000 94.38607  ? 2   DA  A "O5'" 1 
ATOM   22   C "C5'" . DA  A 1 2  ? 13.29480  -2.55649  -9.74060  1.000 94.71091  ? 2   DA  A "C5'" 1 
ATOM   23   C "C4'" . DA  A 1 2  ? 14.32046  -1.70566  -10.45838 1.000 92.71107  ? 2   DA  A "C4'" 1 
ATOM   24   O "O4'" . DA  A 1 2  ? 13.94902  -1.60663  -11.85763 1.000 89.56629  ? 2   DA  A "O4'" 1 
ATOM   25   C "C3'" . DA  A 1 2  ? 14.42219  -0.27933  -9.93587  1.000 95.55897  ? 2   DA  A "C3'" 1 
ATOM   26   O "O3'" . DA  A 1 2  ? 15.56218  -0.15227  -9.11349  1.000 99.66342  ? 2   DA  A "O3'" 1 
ATOM   27   C "C2'" . DA  A 1 2  ? 14.59354  0.55291   -11.20466 1.000 93.53262  ? 2   DA  A "C2'" 1 
ATOM   28   C "C1'" . DA  A 1 2  ? 13.84231  -0.25962  -12.24278 1.000 89.93377  ? 2   DA  A "C1'" 1 
ATOM   29   N N9    . DA  A 1 2  ? 12.42941  0.11331   -12.37032 1.000 90.09848  ? 2   DA  A N9    1 
ATOM   30   C C8    . DA  A 1 2  ? 11.69774  0.88179   -11.50650 1.000 87.86153  ? 2   DA  A C8    1 
ATOM   31   N N7    . DA  A 1 2  ? 10.45946  1.08389   -11.89207 1.000 83.84711  ? 2   DA  A N7    1 
ATOM   32   C C5    . DA  A 1 2  ? 10.36837  0.40748   -13.09644 1.000 84.71977  ? 2   DA  A C5    1 
ATOM   33   C C6    . DA  A 1 2  ? 9.30773   0.23316   -14.01198 1.000 80.77466  ? 2   DA  A C6    1 
ATOM   34   N N6    . DA  A 1 2  ? 8.09159   0.74612   -13.83996 1.000 80.99108  ? 2   DA  A N6    1 
ATOM   35   N N1    . DA  A 1 2  ? 9.54734   -0.49943  -15.11131 1.000 79.74729  ? 2   DA  A N1    1 
ATOM   36   C C2    . DA  A 1 2  ? 10.76859  -1.00990  -15.28926 1.000 83.04209  ? 2   DA  A C2    1 
ATOM   37   N N3    . DA  A 1 2  ? 11.84572  -0.91505  -14.50478 1.000 86.22523  ? 2   DA  A N3    1 
ATOM   38   C C4    . DA  A 1 2  ? 11.57337  -0.18911  -13.41080 1.000 87.83042  ? 2   DA  A C4    1 
ATOM   39   P P     . DT  A 1 3  ? 15.53150  -0.53337  -7.54903  1.000 107.96918 ? 3   DT  A P     1 
ATOM   40   O OP1   . DT  A 1 3  ? 15.32196  -1.99454  -7.39988  1.000 102.89105 ? 3   DT  A OP1   1 
ATOM   41   O OP2   . DT  A 1 3  ? 14.67368  0.41527   -6.81020  1.000 94.15451  ? 3   DT  A OP2   1 
ATOM   42   O "O5'" . DT  A 1 3  ? 17.02998  -0.25357  -7.11911  1.000 96.06467  ? 3   DT  A "O5'" 1 
ATOM   43   C "C5'" . DT  A 1 3  ? 18.07715  -0.52411  -8.03463  1.000 96.64153  ? 3   DT  A "C5'" 1 
ATOM   44   C "C4'" . DT  A 1 3  ? 19.39063  -0.50085  -7.31018  1.000 93.21269  ? 3   DT  A "C4'" 1 
ATOM   45   O "O4'" . DT  A 1 3  ? 19.75487  0.86858   -7.05874  1.000 93.55342  ? 3   DT  A "O4'" 1 
ATOM   46   C "C3'" . DT  A 1 3  ? 19.34976  -1.17713  -5.95504  1.000 90.12605  ? 3   DT  A "C3'" 1 
ATOM   47   O "O3'" . DT  A 1 3  ? 20.57049  -1.80547  -5.68752  1.000 89.99802  ? 3   DT  A "O3'" 1 
ATOM   48   C "C2'" . DT  A 1 3  ? 19.06582  -0.03941  -4.97706  1.000 88.05346  ? 3   DT  A "C2'" 1 
ATOM   49   C "C1'" . DT  A 1 3  ? 19.62802  1.17923   -5.68732  1.000 88.29132  ? 3   DT  A "C1'" 1 
ATOM   50   N N1    . DT  A 1 3  ? 18.77345  2.36963   -5.56697  1.000 87.76141  ? 3   DT  A N1    1 
ATOM   51   C C2    . DT  A 1 3  ? 19.02085  3.25608   -4.56724  1.000 88.23933  ? 3   DT  A C2    1 
ATOM   52   O O2    . DT  A 1 3  ? 19.90382  3.10387   -3.76317  1.000 88.95613  ? 3   DT  A O2    1 
ATOM   53   N N3    . DT  A 1 3  ? 18.19179  4.33578   -4.53361  1.000 86.71458  ? 3   DT  A N3    1 
ATOM   54   C C4    . DT  A 1 3  ? 17.15452  4.61094   -5.38794  1.000 84.93739  ? 3   DT  A C4    1 
ATOM   55   O O4    . DT  A 1 3  ? 16.45813  5.61410   -5.27045  1.000 83.88187  ? 3   DT  A O4    1 
ATOM   56   C C5    . DT  A 1 3  ? 16.94972  3.63895   -6.43026  1.000 87.87193  ? 3   DT  A C5    1 
ATOM   57   C C7    . DT  A 1 3  ? 15.85460  3.82737   -7.43124  1.000 86.81246  ? 3   DT  A C7    1 
ATOM   58   C C6    . DT  A 1 3  ? 17.76331  2.57698   -6.46871  1.000 89.39411  ? 3   DT  A C6    1 
ATOM   59   P P     . DC  A 1 4  ? 20.55127  -3.33705  -5.22744  1.000 90.19219  ? 4   DC  A P     1 
ATOM   60   O OP1   . DC  A 1 4  ? 21.93010  -3.86336  -5.32809  1.000 91.78374  ? 4   DC  A OP1   1 
ATOM   61   O OP2   . DC  A 1 4  ? 19.43035  -3.97165  -5.96153  1.000 89.27854  ? 4   DC  A OP2   1 
ATOM   62   O "O5'" . DC  A 1 4  ? 20.18717  -3.24600  -3.67225  1.000 86.80364  ? 4   DC  A "O5'" 1 
ATOM   63   C "C5'" . DC  A 1 4  ? 21.03432  -2.49899  -2.79690  1.000 84.21569  ? 4   DC  A "C5'" 1 
ATOM   64   C "C4'" . DC  A 1 4  ? 20.39548  -2.31544  -1.42709  1.000 81.78239  ? 4   DC  A "C4'" 1 
ATOM   65   O "O4'" . DC  A 1 4  ? 19.23022  -1.46282  -1.51999  1.000 78.45151  ? 4   DC  A "O4'" 1 
ATOM   66   C "C3'" . DC  A 1 4  ? 19.91988  -3.60064  -0.74982  1.000 79.71060  ? 4   DC  A "C3'" 1 
ATOM   67   O "O3'" . DC  A 1 4  ? 20.44719  -3.65842  0.53957   1.000 80.88977  ? 4   DC  A "O3'" 1 
ATOM   68   C "C2'" . DC  A 1 4  ? 18.40120  -3.46041  -0.71736  1.000 76.38294  ? 4   DC  A "C2'" 1 
ATOM   69   C "C1'" . DC  A 1 4  ? 18.26088  -1.95648  -0.64348  1.000 75.88827  ? 4   DC  A "C1'" 1 
ATOM   70   N N1    . DC  A 1 4  ? 16.97693  -1.48414  -1.08275  1.000 69.21349  ? 4   DC  A N1    1 
ATOM   71   C C2    . DC  A 1 4  ? 16.35117  -0.49400  -0.36317  1.000 71.80224  ? 4   DC  A C2    1 
ATOM   72   O O2    . DC  A 1 4  ? 16.91438  -0.03153  0.62164   1.000 72.29380  ? 4   DC  A O2    1 
ATOM   73   N N3    . DC  A 1 4  ? 15.15153  -0.05247  -0.76523  1.000 73.79840  ? 4   DC  A N3    1 
ATOM   74   C C4    . DC  A 1 4  ? 14.58456  -0.57118  -1.83727  1.000 71.49131  ? 4   DC  A C4    1 
ATOM   75   N N4    . DC  A 1 4  ? 13.39539  -0.09601  -2.19258  1.000 72.14234  ? 4   DC  A N4    1 
ATOM   76   C C5    . DC  A 1 4  ? 15.20766  -1.60165  -2.59065  1.000 72.58564  ? 4   DC  A C5    1 
ATOM   77   C C6    . DC  A 1 4  ? 16.39746  -2.02753  -2.17440  1.000 70.88475  ? 4   DC  A C6    1 
ATOM   78   P P     . DC  A 1 5  ? 21.26757  -4.95745  0.97573   1.000 82.43406  ? 5   DC  A P     1 
ATOM   79   O OP1   . DC  A 1 5  ? 22.60022  -4.52253  1.42886   1.000 90.06791  ? 5   DC  A OP1   1 
ATOM   80   O OP2   . DC  A 1 5  ? 21.08768  -5.93557  -0.11987  1.000 82.05787  ? 5   DC  A OP2   1 
ATOM   81   O "O5'" . DC  A 1 5  ? 20.48725  -5.51395  2.23854   1.000 83.58773  ? 5   DC  A "O5'" 1 
ATOM   82   C "C5'" . DC  A 1 5  ? 19.19909  -6.05073  2.09500   1.000 77.39098  ? 5   DC  A "C5'" 1 
ATOM   83   C "C4'" . DC  A 1 5  ? 18.50353  -5.99344  3.43317   1.000 76.15423  ? 5   DC  A "C4'" 1 
ATOM   84   O "O4'" . DC  A 1 5  ? 17.23201  -5.32756  3.29815   1.000 67.25840  ? 5   DC  A "O4'" 1 
ATOM   85   C "C3'" . DC  A 1 5  ? 18.22736  -7.34269  4.06910   1.000 78.69616  ? 5   DC  A "C3'" 1 
ATOM   86   O "O3'" . DC  A 1 5  ? 18.67123  -7.31863  5.40662   1.000 81.53918  ? 5   DC  A "O3'" 1 
ATOM   87   C "C2'" . DC  A 1 5  ? 16.70884  -7.48163  3.97006   1.000 71.99076  ? 5   DC  A "C2'" 1 
ATOM   88   C "C1'" . DC  A 1 5  ? 16.26231  -6.03156  4.00350   1.000 72.33201  ? 5   DC  A "C1'" 1 
ATOM   89   N N1    . DC  A 1 5  ? 15.01521  -5.80436  3.31736   1.000 67.34180  ? 5   DC  A N1    1 
ATOM   90   C C2    . DC  A 1 5  ? 14.20185  -4.74974  3.71354   1.000 61.84679  ? 5   DC  A C2    1 
ATOM   91   O O2    . DC  A 1 5  ? 14.55415  -4.03464  4.65832   1.000 57.58158  ? 5   DC  A O2    1 
ATOM   92   N N3    . DC  A 1 5  ? 13.05576  -4.53482  3.04317   1.000 60.01165  ? 5   DC  A N3    1 
ATOM   93   C C4    . DC  A 1 5  ? 12.71771  -5.32823  2.03532   1.000 62.20061  ? 5   DC  A C4    1 
ATOM   94   N N4    . DC  A 1 5  ? 11.57423  -5.08632  1.42514   1.000 64.60264  ? 5   DC  A N4    1 
ATOM   95   C C5    . DC  A 1 5  ? 13.54016  -6.40581  1.60962   1.000 63.61403  ? 5   DC  A C5    1 
ATOM   96   C C6    . DC  A 1 5  ? 14.67733  -6.59872  2.26796   1.000 65.03999  ? 5   DC  A C6    1 
ATOM   97   P P     . DC  A 1 6  ? 18.92474  -8.69224  6.19489   1.000 89.94918  ? 6   DC  A P     1 
ATOM   98   O OP1   . DC  A 1 6  ? 20.22206  -8.53372  6.88081   1.000 86.06783  ? 6   DC  A OP1   1 
ATOM   99   O OP2   . DC  A 1 6  ? 18.67294  -9.82658  5.27086   1.000 81.65334  ? 6   DC  A OP2   1 
ATOM   100  O "O5'" . DC  A 1 6  ? 17.76808  -8.69243  7.29471   1.000 80.85616  ? 6   DC  A "O5'" 1 
ATOM   101  C "C5'" . DC  A 1 6  ? 17.55754  -9.82339  8.15535   1.000 77.69979  ? 6   DC  A "C5'" 1 
ATOM   102  C "C4'" . DC  A 1 6  ? 16.49576  -9.47208  9.18017   1.000 73.63742  ? 6   DC  A "C4'" 1 
ATOM   103  O "O4'" . DC  A 1 6  ? 15.39952  -8.84341  8.49830   1.000 67.42131  ? 6   DC  A "O4'" 1 
ATOM   104  C "C3'" . DC  A 1 6  ? 15.85681  -10.63625 9.92410   1.000 78.50444  ? 6   DC  A "C3'" 1 
ATOM   105  O "O3'" . DC  A 1 6  ? 16.65948  -11.04433 11.09348  1.000 79.41314  ? 6   DC  A "O3'" 1 
ATOM   106  C "C2'" . DC  A 1 6  ? 14.48942  -10.06185 10.31970  1.000 71.89831  ? 6   DC  A "C2'" 1 
ATOM   107  C "C1'" . DC  A 1 6  ? 14.25104  -8.94654  9.28388   1.000 65.91014  ? 6   DC  A "C1'" 1 
ATOM   108  N N1    . DC  A 1 6  ? 13.10283  -9.18784  8.39355   1.000 62.54819  ? 6   DC  A N1    1 
ATOM   109  C C2    . DC  A 1 6  ? 12.02351  -8.32644  8.44553   1.000 60.85893  ? 6   DC  A C2    1 
ATOM   110  O O2    . DC  A 1 6  ? 12.06303  -7.37921  9.23627   1.000 59.60501  ? 6   DC  A O2    1 
ATOM   111  N N3    . DC  A 1 6  ? 10.96974  -8.53693  7.61742   1.000 53.35769  ? 6   DC  A N3    1 
ATOM   112  C C4    . DC  A 1 6  ? 10.98756  -9.54634  6.76321   1.000 56.05799  ? 6   DC  A C4    1 
ATOM   113  N N4    . DC  A 1 6  ? 9.92494   -9.72012  5.98780   1.000 54.18881  ? 6   DC  A N4    1 
ATOM   114  C C5    . DC  A 1 6  ? 12.09252  -10.43913 6.68404   1.000 57.59577  ? 6   DC  A C5    1 
ATOM   115  C C6    . DC  A 1 6  ? 13.11813  -10.22539 7.51724   1.000 62.14622  ? 6   DC  A C6    1 
ATOM   116  P P     . DC  A 1 7  ? 16.83338  -10.09421 12.39171  1.000 88.50212  ? 7   DC  A P     1 
ATOM   117  O OP1   . DC  A 1 7  ? 16.95989  -8.66971  11.99140  1.000 87.86918  ? 7   DC  A OP1   1 
ATOM   118  O OP2   . DC  A 1 7  ? 17.88526  -10.70525 13.22524  1.000 83.93630  ? 7   DC  A OP2   1 
ATOM   119  O "O5'" . DC  A 1 7  ? 15.42726  -10.20947 13.16205  1.000 82.50639  ? 7   DC  A "O5'" 1 
ATOM   120  C "C5'" . DC  A 1 7  ? 15.22761  -11.10048 14.25540  1.000 72.25543  ? 7   DC  A "C5'" 1 
ATOM   121  C "C4'" . DC  A 1 7  ? 13.96868  -10.69725 14.99973  1.000 69.89316  ? 7   DC  A "C4'" 1 
ATOM   122  O "O4'" . DC  A 1 7  ? 12.85410  -10.67556 14.05408  1.000 66.19618  ? 7   DC  A "O4'" 1 
ATOM   123  C "C3'" . DC  A 1 7  ? 13.53933  -11.64388 16.13328  1.000 62.75687  ? 7   DC  A "C3'" 1 
ATOM   124  O "O3'" . DC  A 1 7  ? 13.04372  -10.91714 17.24658  1.000 68.70918  ? 7   DC  A "O3'" 1 
ATOM   125  C "C2'" . DC  A 1 7  ? 12.41148  -12.40560 15.48405  1.000 61.27980  ? 7   DC  A "C2'" 1 
ATOM   126  C "C1'" . DC  A 1 7  ? 11.77190  -11.30145 14.67401  1.000 60.63334  ? 7   DC  A "C1'" 1 
ATOM   127  N N1    . DC  A 1 7  ? 10.86247  -11.81262 13.68802  1.000 57.43745  ? 7   DC  A N1    1 
ATOM   128  C C2    . DC  A 1 7  ? 9.67983   -11.14873 13.42984  1.000 59.07611  ? 7   DC  A C2    1 
ATOM   129  O O2    . DC  A 1 7  ? 9.46682   -10.08097 13.98140  1.000 61.38589  ? 7   DC  A O2    1 
ATOM   130  N N3    . DC  A 1 7  ? 8.82425   -11.66483 12.52195  1.000 54.17635  ? 7   DC  A N3    1 
ATOM   131  C C4    . DC  A 1 7  ? 9.09820   -12.80941 11.92965  1.000 55.96114  ? 7   DC  A C4    1 
ATOM   132  N N4    . DC  A 1 7  ? 8.21648   -13.28081 11.05326  1.000 65.21306  ? 7   DC  A N4    1 
ATOM   133  C C5    . DC  A 1 7  ? 10.29074  -13.52607 12.20422  1.000 58.75155  ? 7   DC  A C5    1 
ATOM   134  C C6    . DC  A 1 7  ? 11.13324  -12.99719 13.08975  1.000 60.46264  ? 7   DC  A C6    1 
ATOM   135  P P     . DA  A 1 8  ? 13.94836  -10.71588 18.55323  1.000 72.52397  ? 8   DA  A P     1 
ATOM   136  O OP1   . DA  A 1 8  ? 13.88016  -9.25878  18.77069  1.000 68.11795  ? 8   DA  A OP1   1 
ATOM   137  O OP2   . DA  A 1 8  ? 15.18082  -11.51885 18.44234  1.000 69.82103  ? 8   DA  A OP2   1 
ATOM   138  O "O5'" . DA  A 1 8  ? 13.17936  -11.37368 19.79343  1.000 73.35019  ? 8   DA  A "O5'" 1 
ATOM   139  C "C5'" . DA  A 1 8  ? 12.02667  -12.10674 19.62565  1.000 67.79697  ? 8   DA  A "C5'" 1 
ATOM   140  C "C4'" . DA  A 1 8  ? 10.85200  -11.40370 20.26511  1.000 67.05535  ? 8   DA  A "C4'" 1 
ATOM   141  O "O4'" . DA  A 1 8  ? 9.67005   -11.84334 19.57320  1.000 68.23671  ? 8   DA  A "O4'" 1 
ATOM   142  C "C3'" . DA  A 1 8  ? 10.56358  -11.74943 21.73025  1.000 70.80251  ? 8   DA  A "C3'" 1 
ATOM   143  O "O3'" . DA  A 1 8  ? 9.64493   -10.73908 22.30719  1.000 66.38852  ? 8   DA  A "O3'" 1 
ATOM   144  C "C2'" . DA  A 1 8  ? 9.85542   -13.08528 21.53976  1.000 64.17226  ? 8   DA  A "C2'" 1 
ATOM   145  C "C1'" . DA  A 1 8  ? 8.92271   -12.69286 20.40256  1.000 62.71154  ? 8   DA  A "C1'" 1 
ATOM   146  N N9    . DA  A 1 8  ? 8.43900   -13.77354 19.57003  1.000 66.11278  ? 8   DA  A N9    1 
ATOM   147  C C8    . DA  A 1 8  ? 9.13646   -14.85020 19.11501  1.000 71.54063  ? 8   DA  A C8    1 
ATOM   148  N N7    . DA  A 1 8  ? 8.43247   -15.64083 18.33713  1.000 71.80764  ? 8   DA  A N7    1 
ATOM   149  C C5    . DA  A 1 8  ? 7.19617   -15.03142 18.27887  1.000 66.89018  ? 8   DA  A C5    1 
ATOM   150  C C6    . DA  A 1 8  ? 6.00220   -15.36939 17.61982  1.000 67.95421  ? 8   DA  A C6    1 
ATOM   151  N N6    . DA  A 1 8  ? 5.87101   -16.45731 16.85757  1.000 72.22649  ? 8   DA  A N6    1 
ATOM   152  N N1    . DA  A 1 8  ? 4.95191   -14.54358 17.76325  1.000 67.07165  ? 8   DA  A N1    1 
ATOM   153  C C2    . DA  A 1 8  ? 5.09713   -13.44827 18.51355  1.000 67.34466  ? 8   DA  A C2    1 
ATOM   154  N N3    . DA  A 1 8  ? 6.16642   -13.02756 19.18370  1.000 62.67604  ? 8   DA  A N3    1 
ATOM   155  C C4    . DA  A 1 8  ? 7.18909   -13.86832 19.01710  1.000 64.92368  ? 8   DA  A C4    1 
ATOM   156  P P     . DC  A 1 9  ? 9.68114   -10.33093 23.87402  1.000 67.18189  ? 9   DC  A P     1 
ATOM   157  O OP1   . DC  A 1 9  ? 10.98614  -9.67494  24.08728  1.000 64.17634  ? 9   DC  A OP1   1 
ATOM   158  O OP2   . DC  A 1 9  ? 9.30428   -11.47488 24.72739  1.000 67.62012  ? 9   DC  A OP2   1 
ATOM   159  O "O5'" . DC  A 1 9  ? 8.51046   -9.25150  24.04134  1.000 65.51135  ? 9   DC  A "O5'" 1 
ATOM   160  C "C5'" . DC  A 1 9  ? 7.14785   -9.59249  23.78675  1.000 62.02779  ? 9   DC  A "C5'" 1 
ATOM   161  C "C4'" . DC  A 1 9  ? 6.22493   -8.42604  24.14497  1.000 69.32797  ? 9   DC  A "C4'" 1 
ATOM   162  O "O4'" . DC  A 1 9  ? 6.28248   -8.18645  25.57045  1.000 75.77856  ? 9   DC  A "O4'" 1 
ATOM   163  C "C3'" . DC  A 1 9  ? 6.57123   -7.08520  23.49255  1.000 66.42312  ? 9   DC  A "C3'" 1 
ATOM   164  O "O3'" . DC  A 1 9  ? 5.82041   -6.92262  22.32370  1.000 70.58035  ? 9   DC  A "O3'" 1 
ATOM   165  C "C2'" . DC  A 1 9  ? 6.14321   -6.05408  24.52466  1.000 65.91461  ? 9   DC  A "C2'" 1 
ATOM   166  C "C1'" . DC  A 1 9  ? 6.32604   -6.79126  25.83645  1.000 72.26266  ? 9   DC  A "C1'" 1 
ATOM   167  N N1    . DC  A 1 9  ? 7.58908   -6.48197  26.52733  1.000 73.34061  ? 9   DC  A N1    1 
ATOM   168  C C2    . DC  A 1 9  ? 7.57905   -5.57381  27.58216  1.000 75.07229  ? 9   DC  A C2    1 
ATOM   169  O O2    . DC  A 1 9  ? 6.51333   -5.01789  27.89210  1.000 75.98662  ? 9   DC  A O2    1 
ATOM   170  N N3    . DC  A 1 9  ? 8.73197   -5.31727  28.23311  1.000 71.08771  ? 9   DC  A N3    1 
ATOM   171  C C4    . DC  A 1 9  ? 9.84825   -5.92463  27.87163  1.000 71.98310  ? 9   DC  A C4    1 
ATOM   172  N N4    . DC  A 1 9  ? 10.96329  -5.61795  28.54060  1.000 72.27024  ? 9   DC  A N4    1 
ATOM   173  C C5    . DC  A 1 9  ? 9.88183   -6.86706  26.79788  1.000 70.81378  ? 9   DC  A C5    1 
ATOM   174  C C6    . DC  A 1 9  ? 8.73821   -7.11515  26.16479  1.000 71.40468  ? 9   DC  A C6    1 
ATOM   175  P P     . DA  A 1 10 ? 6.49557   -6.30450  21.01129  1.000 69.01424  ? 10  DA  A P     1 
ATOM   176  O OP1   . DA  A 1 10 ? 7.61624   -5.46458  21.47111  1.000 66.37776  ? 10  DA  A OP1   1 
ATOM   177  O OP2   . DA  A 1 10 ? 5.45744   -5.65255  20.19797  1.000 67.08340  ? 10  DA  A OP2   1 
ATOM   178  O "O5'" . DA  A 1 10 ? 7.05520   -7.59439  20.25835  1.000 61.98492  ? 10  DA  A "O5'" 1 
ATOM   179  C "C5'" . DA  A 1 10 ? 8.38789   -8.03590  20.50291  1.000 62.91990  ? 10  DA  A "C5'" 1 
ATOM   180  C "C4'" . DA  A 1 10 ? 9.07171   -8.46173  19.20684  1.000 59.71658  ? 10  DA  A "C4'" 1 
ATOM   181  O "O4'" . DA  A 1 10 ? 8.46519   -9.66798  18.73345  1.000 63.16264  ? 10  DA  A "O4'" 1 
ATOM   182  C "C3'" . DA  A 1 10 ? 8.94056   -7.49644  18.03230  1.000 62.19562  ? 10  DA  A "C3'" 1 
ATOM   183  O "O3'" . DA  A 1 10 ? 10.06133  -6.51012  17.99791  1.000 61.97236  ? 10  DA  A "O3'" 1 
ATOM   184  C "C2'" . DA  A 1 10 ? 8.95091   -8.43911  16.80142  1.000 61.56245  ? 10  DA  A "C2'" 1 
ATOM   185  C "C1'" . DA  A 1 10 ? 8.86350   -9.85172  17.40507  1.000 64.45313  ? 10  DA  A "C1'" 1 
ATOM   186  N N9    . DA  A 1 10 ? 7.90600   -10.74138 16.72546  1.000 60.38221  ? 10  DA  A N9    1 
ATOM   187  C C8    . DA  A 1 10 ? 6.58598   -10.48909 16.45977  1.000 62.59990  ? 10  DA  A C8    1 
ATOM   188  N N7    . DA  A 1 10 ? 5.96804   -11.47086 15.83040  1.000 62.62801  ? 10  DA  A N7    1 
ATOM   189  C C5    . DA  A 1 10 ? 6.94629   -12.43879 15.68222  1.000 63.57164  ? 10  DA  A C5    1 
ATOM   190  C C6    . DA  A 1 10 ? 6.93703   -13.72256 15.08957  1.000 66.61204  ? 10  DA  A C6    1 
ATOM   191  N N6    . DA  A 1 10 ? 5.85474   -14.26136 14.52221  1.000 69.08933  ? 10  DA  A N6    1 
ATOM   192  N N1    . DA  A 1 10 ? 8.08837   -14.43065 15.09643  1.000 64.29040  ? 10  DA  A N1    1 
ATOM   193  C C2    . DA  A 1 10 ? 9.16573   -13.89725 15.67246  1.000 62.74530  ? 10  DA  A C2    1 
ATOM   194  N N3    . DA  A 1 10 ? 9.29887   -12.70961 16.26306  1.000 66.86643  ? 10  DA  A N3    1 
ATOM   195  C C4    . DA  A 1 10 ? 8.14579   -12.01244 16.22506  1.000 66.35095  ? 10  DA  A C4    1 
ATOM   196  P P     . DC  A 1 11 ? 10.06298  -5.28686  16.92992  1.000 68.02766  ? 11  DC  A P     1 
ATOM   197  O OP1   . DC  A 1 11 ? 10.63138  -4.08940  17.57988  1.000 64.78068  ? 11  DC  A OP1   1 
ATOM   198  O OP2   . DC  A 1 11 ? 8.75295   -5.16906  16.26768  1.000 60.61777  ? 11  DC  A OP2   1 
ATOM   199  O "O5'" . DC  A 1 11 ? 11.05411  -5.77177  15.78165  1.000 63.90684  ? 11  DC  A "O5'" 1 
ATOM   200  C "C5'" . DC  A 1 11 ? 12.33132  -6.27380  16.11511  1.000 66.97345  ? 11  DC  A "C5'" 1 
ATOM   201  C "C4'" . DC  A 1 11 ? 12.99026  -6.81267  14.87942  1.000 63.38296  ? 11  DC  A "C4'" 1 
ATOM   202  O "O4'" . DC  A 1 11 ? 12.17626  -7.88004  14.36587  1.000 66.06046  ? 11  DC  A "O4'" 1 
ATOM   203  C "C3'" . DC  A 1 11 ? 13.08847  -5.81091  13.74508  1.000 65.05205  ? 11  DC  A "C3'" 1 
ATOM   204  O "O3'" . DC  A 1 11 ? 14.32023  -5.09337  13.85375  1.000 70.46098  ? 11  DC  A "O3'" 1 
ATOM   205  C "C2'" . DC  A 1 11 ? 13.07755  -6.70895  12.51605  1.000 63.72101  ? 11  DC  A "C2'" 1 
ATOM   206  C "C1'" . DC  A 1 11 ? 12.21261  -7.89009  12.95740  1.000 60.25862  ? 11  DC  A "C1'" 1 
ATOM   207  N N1    . DC  A 1 11 ? 10.82817  -7.83615  12.43228  1.000 61.34185  ? 11  DC  A N1    1 
ATOM   208  C C2    . DC  A 1 11 ? 10.40428  -8.77674  11.48207  1.000 56.76018  ? 11  DC  A C2    1 
ATOM   209  O O2    . DC  A 1 11 ? 11.17223  -9.65319  11.11903  1.000 60.02883  ? 11  DC  A O2    1 
ATOM   210  N N3    . DC  A 1 11 ? 9.14508   -8.70476  11.00544  1.000 52.62227  ? 11  DC  A N3    1 
ATOM   211  C C4    . DC  A 1 11 ? 8.32126   -7.76371  11.44100  1.000 57.43929  ? 11  DC  A C4    1 
ATOM   212  N N4    . DC  A 1 11 ? 7.09637   -7.72575  10.92629  1.000 52.48541  ? 11  DC  A N4    1 
ATOM   213  C C5    . DC  A 1 11 ? 8.72478   -6.80425  12.42136  1.000 55.23543  ? 11  DC  A C5    1 
ATOM   214  C C6    . DC  A 1 11 ? 9.97209   -6.87323  12.87857  1.000 56.88037  ? 11  DC  A C6    1 
ATOM   215  P P     . DC  A 1 12 ? 14.48103  -3.59346  13.28000  1.000 74.60305  ? 12  DC  A P     1 
ATOM   216  O OP1   . DC  A 1 12 ? 15.58524  -2.98382  14.06054  1.000 74.39066  ? 12  DC  A OP1   1 
ATOM   217  O OP2   . DC  A 1 12 ? 13.16932  -2.90588  13.25309  1.000 64.92274  ? 12  DC  A OP2   1 
ATOM   218  O "O5'" . DC  A 1 12 ? 15.04019  -3.83025  11.79386  1.000 71.39068  ? 12  DC  A "O5'" 1 
ATOM   219  C "C5'" . DC  A 1 12 ? 16.15471  -4.71147  11.61268  1.000 69.55859  ? 12  DC  A "C5'" 1 
ATOM   220  C "C4'" . DC  A 1 12 ? 16.42843  -4.98769  10.14526  1.000 68.86461  ? 12  DC  A "C4'" 1 
ATOM   221  O "O4'" . DC  A 1 12 ? 15.31614  -5.70277  9.56921   1.000 66.07844  ? 12  DC  A "O4'" 1 
ATOM   222  C "C3'" . DC  A 1 12 ? 16.61796  -3.75906  9.27888   1.000 67.07522  ? 12  DC  A "C3'" 1 
ATOM   223  O "O3'" . DC  A 1 12 ? 18.01474  -3.32354  9.33286   1.000 72.19205  ? 12  DC  A "O3'" 1 
ATOM   224  C "C2'" . DC  A 1 12 ? 16.23224  -4.29288  7.89531   1.000 70.04966  ? 12  DC  A "C2'" 1 
ATOM   225  C "C1'" . DC  A 1 12 ? 15.18252  -5.37307  8.21092   1.000 63.13922  ? 12  DC  A "C1'" 1 
ATOM   226  N N1    . DC  A 1 12 ? 13.79484  -4.93076  7.96730   1.000 61.11488  ? 12  DC  A N1    1 
ATOM   227  C C2    . DC  A 1 12 ? 13.05283  -5.53411  6.97295   1.000 59.67787  ? 12  DC  A C2    1 
ATOM   228  O O2    . DC  A 1 12 ? 13.54826  -6.44306  6.33333   1.000 61.50514  ? 12  DC  A O2    1 
ATOM   229  N N3    . DC  A 1 12 ? 11.79345  -5.12389  6.75452   1.000 55.53329  ? 12  DC  A N3    1 
ATOM   230  C C4    . DC  A 1 12 ? 11.26435  -4.15785  7.47996   1.000 57.30906  ? 12  DC  A C4    1 
ATOM   231  N N4    . DC  A 1 12 ? 10.01253  -3.78522  7.20732   1.000 52.95515  ? 12  DC  A N4    1 
ATOM   232  C C5    . DC  A 1 12 ? 12.00482  -3.51383  8.50292   1.000 59.99050  ? 12  DC  A C5    1 
ATOM   233  C C6    . DC  A 1 12 ? 13.25798  -3.93326  8.71169   1.000 62.27881  ? 12  DC  A C6    1 
ATOM   234  P P     . DC  A 1 13 ? 18.50694  -1.93592  8.64951   1.000 75.66156  ? 13  DC  A P     1 
ATOM   235  O OP1   . DC  A 1 13 ? 19.90877  -1.72528  9.03314   1.000 77.06490  ? 13  DC  A OP1   1 
ATOM   236  O OP2   . DC  A 1 13 ? 17.54069  -0.85536  8.91852   1.000 69.14504  ? 13  DC  A OP2   1 
ATOM   237  O "O5'" . DC  A 1 13 ? 18.49073  -2.25096  7.09571   1.000 67.07808  ? 13  DC  A "O5'" 1 
ATOM   238  C "C5'" . DC  A 1 13 ? 19.60636  -2.83645  6.49075   1.000 72.14795  ? 13  DC  A "C5'" 1 
ATOM   239  C "C4'" . DC  A 1 13 ? 19.48228  -2.73412  4.99137   1.000 75.47286  ? 13  DC  A "C4'" 1 
ATOM   240  O "O4'" . DC  A 1 13 ? 18.11376  -3.00479  4.62045   1.000 71.87804  ? 13  DC  A "O4'" 1 
ATOM   241  C "C3'" . DC  A 1 13 ? 19.73760  -1.35112  4.42292   1.000 75.54467  ? 13  DC  A "C3'" 1 
ATOM   242  O "O3'" . DC  A 1 13 ? 21.15360  -1.11829  4.28317   1.000 77.46033  ? 13  DC  A "O3'" 1 
ATOM   243  C "C2'" . DC  A 1 13 ? 19.03218  -1.46086  3.06951   1.000 76.51287  ? 13  DC  A "C2'" 1 
ATOM   244  C "C1'" . DC  A 1 13 ? 17.84360  -2.38719  3.38663   1.000 70.75112  ? 13  DC  A "C1'" 1 
ATOM   245  N N1    . DC  A 1 13 ? 16.54760  -1.68249  3.47405   1.000 68.08357  ? 13  DC  A N1    1 
ATOM   246  C C2    . DC  A 1 13 ? 15.53299  -1.99616  2.57677   1.000 65.55089  ? 13  DC  A C2    1 
ATOM   247  O O2    . DC  A 1 13 ? 15.71295  -2.89005  1.75370   1.000 65.03029  ? 13  DC  A O2    1 
ATOM   248  N N3    . DC  A 1 13 ? 14.36944  -1.33237  2.65403   1.000 62.37155  ? 13  DC  A N3    1 
ATOM   249  C C4    . DC  A 1 13 ? 14.20701  -0.38008  3.55337   1.000 64.82033  ? 13  DC  A C4    1 
ATOM   250  N N4    . DC  A 1 13 ? 13.03644  0.25488   3.58698   1.000 62.30991  ? 13  DC  A N4    1 
ATOM   251  C C5    . DC  A 1 13 ? 15.23259  -0.03403  4.46791   1.000 66.20038  ? 13  DC  A C5    1 
ATOM   252  C C6    . DC  A 1 13 ? 16.37645  -0.70273  4.39002   1.000 67.74926  ? 13  DC  A C6    1 
ATOM   253  P P     . DC  A 1 14 ? 21.78260  0.37117   4.33298   1.000 79.81473  ? 14  DC  A P     1 
ATOM   254  O OP1   . DC  A 1 14 ? 23.17471  0.15979   4.75971   1.000 86.76524  ? 14  DC  A OP1   1 
ATOM   255  O OP2   . DC  A 1 14 ? 20.96846  1.35018   5.07623   1.000 79.59395  ? 14  DC  A OP2   1 
ATOM   256  O "O5'" . DC  A 1 14 ? 21.76846  0.83687   2.79160   1.000 83.99944  ? 14  DC  A "O5'" 1 
ATOM   257  C "C5'" . DC  A 1 14 ? 22.25923  -0.05127  1.79222   1.000 84.27484  ? 14  DC  A "C5'" 1 
ATOM   258  C "C4'" . DC  A 1 14 ? 21.88386  0.41065   0.39572   1.000 84.41928  ? 14  DC  A "C4'" 1 
ATOM   259  O "O4'" . DC  A 1 14 ? 20.44936  0.50710   0.27596   1.000 79.59932  ? 14  DC  A "O4'" 1 
ATOM   260  C "C3'" . DC  A 1 14 ? 22.35467  1.79412   0.02695   1.000 88.88062  ? 14  DC  A "C3'" 1 
ATOM   261  O "O3'" . DC  A 1 14 ? 23.73718  1.78058   -0.34344  1.000 93.57432  ? 14  DC  A "O3'" 1 
ATOM   262  C "C2'" . DC  A 1 14 ? 21.44891  2.11214   -1.15903  1.000 88.34329  ? 14  DC  A "C2'" 1 
ATOM   263  C "C1'" . DC  A 1 14 ? 20.15683  1.34271   -0.82245  1.000 80.73884  ? 14  DC  A "C1'" 1 
ATOM   264  N N1    . DC  A 1 14 ? 18.99776  2.22847   -0.49582  1.000 77.03270  ? 14  DC  A N1    1 
ATOM   265  C C2    . DC  A 1 14 ? 17.83428  2.16951   -1.27584  1.000 78.24260  ? 14  DC  A C2    1 
ATOM   266  O O2    . DC  A 1 14 ? 17.76724  1.35372   -2.20316  1.000 78.05841  ? 14  DC  A O2    1 
ATOM   267  N N3    . DC  A 1 14 ? 16.80122  2.99280   -0.97694  1.000 77.14915  ? 14  DC  A N3    1 
ATOM   268  C C4    . DC  A 1 14 ? 16.91042  3.85909   0.02455   1.000 76.64893  ? 14  DC  A C4    1 
ATOM   269  N N4    . DC  A 1 14 ? 15.86702  4.64513   0.28571   1.000 74.64161  ? 14  DC  A N4    1 
ATOM   270  C C5    . DC  A 1 14 ? 18.08293  3.93592   0.82469   1.000 78.13551  ? 14  DC  A C5    1 
ATOM   271  C C6    . DC  A 1 14 ? 19.09652  3.11835   0.52401   1.000 78.64753  ? 14  DC  A C6    1 
ATOM   272  P P     . DT  A 1 15 ? 24.67013  3.04877   0.01355   1.000 100.13804 ? 15  DT  A P     1 
ATOM   273  O OP1   . DT  A 1 15 ? 25.41303  3.44435   -1.19984  1.000 105.98835 ? 15  DT  A OP1   1 
ATOM   274  O OP2   . DT  A 1 15 ? 25.42826  2.72289   1.23996   1.000 100.22661 ? 15  DT  A OP2   1 
ATOM   275  O "O5'" . DT  A 1 15 ? 23.62174  4.21219   0.35664   1.000 95.37999  ? 15  DT  A "O5'" 1 
ATOM   276  C "C5'" . DT  A 1 15 ? 24.07774  5.49228   0.76694   1.000 96.80930  ? 15  DT  A "C5'" 1 
ATOM   277  C "C4'" . DT  A 1 15 ? 23.65790  6.56299   -0.22805  1.000 98.83052  ? 15  DT  A "C4'" 1 
ATOM   278  O "O4'" . DT  A 1 15 ? 23.84503  6.06027   -1.56404  1.000 103.61752 ? 15  DT  A "O4'" 1 
ATOM   279  C "C3'" . DT  A 1 15 ? 22.19150  7.00233   -0.13252  1.000 95.02551  ? 15  DT  A "C3'" 1 
ATOM   280  O "O3'" . DT  A 1 15 ? 22.10568  8.40147   0.13014   1.000 86.52471  ? 15  DT  A "O3'" 1 
ATOM   281  C "C2'" . DT  A 1 15 ? 21.58500  6.64578   -1.49614  1.000 93.48283  ? 15  DT  A "C2'" 1 
ATOM   282  C "C1'" . DT  A 1 15 ? 22.80740  6.52291   -2.38877  1.000 103.06200 ? 15  DT  A "C1'" 1 
ATOM   283  N N1    . DT  A 1 15 ? 22.64355  5.54453   -3.50251  1.000 103.30923 ? 15  DT  A N1    1 
ATOM   284  C C2    . DT  A 1 15 ? 21.74790  5.80592   -4.51706  1.000 101.90940 ? 15  DT  A C2    1 
ATOM   285  O O2    . DT  A 1 15 ? 21.05591  6.80901   -4.56366  1.000 97.53521  ? 15  DT  A O2    1 
ATOM   286  N N3    . DT  A 1 15 ? 21.68972  4.84079   -5.48753  1.000 101.10778 ? 15  DT  A N3    1 
ATOM   287  C C4    . DT  A 1 15 ? 22.41925  3.66848   -5.54627  1.000 103.12948 ? 15  DT  A C4    1 
ATOM   288  O O4    . DT  A 1 15 ? 22.29885  2.86764   -6.46942  1.000 103.61953 ? 15  DT  A O4    1 
ATOM   289  C C5    . DT  A 1 15 ? 23.34398  3.46006   -4.45524  1.000 103.61250 ? 15  DT  A C5    1 
ATOM   290  C C7    . DT  A 1 15 ? 24.19372  2.22091   -4.40740  1.000 105.21717 ? 15  DT  A C7    1 
ATOM   291  C C6    . DT  A 1 15 ? 23.40902  4.39753   -3.49993  1.000 103.34699 ? 15  DT  A C6    1 
ATOM   292  P P     . DA  A 1 16 ? 21.66661  8.93803   1.58972   1.000 96.11956  ? 16  DA  A P     1 
ATOM   293  O OP1   . DA  A 1 16 ? 22.89831  9.36206   2.28732   1.000 90.48475  ? 16  DA  A OP1   1 
ATOM   294  O OP2   . DA  A 1 16 ? 20.75935  7.95449   2.23978   1.000 93.54367  ? 16  DA  A OP2   1 
ATOM   295  O "O5'" . DA  A 1 16 ? 20.79330  10.23120  1.27293   1.000 82.91736  ? 16  DA  A "O5'" 1 
ATOM   296  C "C5'" . DA  A 1 16 ? 20.34956  11.05752  2.31675   1.000 81.67390  ? 16  DA  A "C5'" 1 
ATOM   297  C "C4'" . DA  A 1 16 ? 19.18992  11.89926  1.83659   1.000 80.26494  ? 16  DA  A "C4'" 1 
ATOM   298  O "O4'" . DA  A 1 16 ? 19.45112  12.31303  0.48168   1.000 76.89377  ? 16  DA  A "O4'" 1 
ATOM   299  C "C3'" . DA  A 1 16 ? 17.87171  11.15532  1.77044   1.000 85.02354  ? 16  DA  A "C3'" 1 
ATOM   300  O "O3'" . DA  A 1 16 ? 17.19516  11.26684  2.99982   1.000 84.64488  ? 16  DA  A "O3'" 1 
ATOM   301  C "C2'" . DA  A 1 16 ? 17.13479  11.86301  0.63780   1.000 77.93886  ? 16  DA  A "C2'" 1 
ATOM   302  C "C1'" . DA  A 1 16 ? 18.28641  12.16749  -0.31533  1.000 77.76943  ? 16  DA  A "C1'" 1 
ATOM   303  N N9    . DA  A 1 16 ? 18.53922  11.13332  -1.32638  1.000 77.34397  ? 16  DA  A N9    1 
ATOM   304  C C8    . DA  A 1 16 ? 19.66470  10.36659  -1.44960  1.000 78.52630  ? 16  DA  A C8    1 
ATOM   305  N N7    . DA  A 1 16 ? 19.62773  9.52835   -2.45980  1.000 80.43915  ? 16  DA  A N7    1 
ATOM   306  C C5    . DA  A 1 16 ? 18.39809  9.76606   -3.05089  1.000 80.68731  ? 16  DA  A C5    1 
ATOM   307  C C6    . DA  A 1 16 ? 17.75284  9.19401   -4.16715  1.000 82.00075  ? 16  DA  A C6    1 
ATOM   308  N N6    . DA  A 1 16 ? 18.29339  8.22798   -4.91150  1.000 85.07766  ? 16  DA  A N6    1 
ATOM   309  N N1    . DA  A 1 16 ? 16.52784  9.65136   -4.48763  1.000 80.15409  ? 16  DA  A N1    1 
ATOM   310  C C2    . DA  A 1 16 ? 15.98739  10.61264  -3.73702  1.000 82.54339  ? 16  DA  A C2    1 
ATOM   311  N N3    . DA  A 1 16 ? 16.49145  11.22629  -2.66360  1.000 84.16073  ? 16  DA  A N3    1 
ATOM   312  C C4    . DA  A 1 16 ? 17.71187  10.75187  -2.36783  1.000 80.80837  ? 16  DA  A C4    1 
ATOM   313  P P     . DT  A 1 17 ? 16.47480  9.97272   3.60366   1.000 80.98691  ? 17  DT  A P     1 
ATOM   314  O OP1   . DT  A 1 17 ? 15.82793  10.37563  4.86025   1.000 82.91925  ? 17  DT  A OP1   1 
ATOM   315  O OP2   . DT  A 1 17 ? 17.45351  8.85668   3.55725   1.000 78.84472  ? 17  DT  A OP2   1 
ATOM   316  O "O5'" . DT  A 1 17 ? 15.31026  9.70321   2.56525   1.000 80.19021  ? 17  DT  A "O5'" 1 
ATOM   317  C "C5'" . DT  A 1 17 ? 14.28625  10.64288  2.44373   1.000 81.14143  ? 17  DT  A "C5'" 1 
ATOM   318  C "C4'" . DT  A 1 17 ? 13.25847  10.15788  1.45659   1.000 87.49811  ? 17  DT  A "C4'" 1 
ATOM   319  O "O4'" . DT  A 1 17 ? 13.84274  10.14448  0.13130   1.000 89.54023  ? 17  DT  A "O4'" 1 
ATOM   320  C "C3'" . DT  A 1 17 ? 12.79008  8.73762   1.70105   1.000 85.76030  ? 17  DT  A "C3'" 1 
ATOM   321  O "O3'" . DT  A 1 17 ? 11.70117  8.74167   2.63757   1.000 86.63029  ? 17  DT  A "O3'" 1 
ATOM   322  C "C2'" . DT  A 1 17 ? 12.35332  8.30071   0.30344   1.000 87.02758  ? 17  DT  A "C2'" 1 
ATOM   323  C "C1'" . DT  A 1 17 ? 13.35138  9.03981   -0.60116  1.000 87.29085  ? 17  DT  A "C1'" 1 
ATOM   324  N N1    . DT  A 1 17 ? 14.50879  8.21233   -1.02205  1.000 82.99050  ? 17  DT  A N1    1 
ATOM   325  C C2    . DT  A 1 17 ? 14.39582  7.42633   -2.14089  1.000 83.51545  ? 17  DT  A C2    1 
ATOM   326  O O2    . DT  A 1 17 ? 13.39059  7.37618   -2.81314  1.000 85.69092  ? 17  DT  A O2    1 
ATOM   327  N N3    . DT  A 1 17 ? 15.50967  6.69277   -2.44649  1.000 79.53421  ? 17  DT  A N3    1 
ATOM   328  C C4    . DT  A 1 17 ? 16.70504  6.68044   -1.76515  1.000 80.33829  ? 17  DT  A C4    1 
ATOM   329  O O4    . DT  A 1 17 ? 17.64635  5.99239   -2.11944  1.000 82.56308  ? 17  DT  A O4    1 
ATOM   330  C C5    . DT  A 1 17 ? 16.76484  7.52757   -0.59588  1.000 82.28210  ? 17  DT  A C5    1 
ATOM   331  C C7    . DT  A 1 17 ? 18.01535  7.58283   0.22898   1.000 80.39248  ? 17  DT  A C7    1 
ATOM   332  C C6    . DT  A 1 17 ? 15.67520  8.24710   -0.28353  1.000 82.41519  ? 17  DT  A C6    1 
ATOM   333  P P     . DC  A 1 18 ? 11.66895  7.70574   3.86802   1.000 84.35373  ? 18  DC  A P     1 
ATOM   334  O OP1   . DC  A 1 18 ? 10.81220  8.29826   4.91912   1.000 81.94229  ? 18  DC  A OP1   1 
ATOM   335  O OP2   . DC  A 1 18 ? 13.04082  7.27024   4.22269   1.000 80.57013  ? 18  DC  A OP2   1 
ATOM   336  O "O5'" . DC  A 1 18 ? 10.95880  6.42752   3.23529   1.000 80.76125  ? 18  DC  A "O5'" 1 
ATOM   337  C "C5'" . DC  A 1 18 ? 9.68814   6.55396   2.61921   1.000 81.29850  ? 18  DC  A "C5'" 1 
ATOM   338  C "C4'" . DC  A 1 18 ? 9.21264   5.21002   2.10144   1.000 79.08467  ? 18  DC  A "C4'" 1 
ATOM   339  O "O4'" . DC  A 1 18 ? 10.14212  4.74501   1.09124   1.000 79.46316  ? 18  DC  A "O4'" 1 
ATOM   340  C "C3'" . DC  A 1 18 ? 9.16170   4.10734   3.14274   1.000 73.25149  ? 18  DC  A "C3'" 1 
ATOM   341  O "O3'" . DC  A 1 18 ? 7.87430   4.09409   3.79795   1.000 73.36239  ? 18  DC  A "O3'" 1 
ATOM   342  C "C2'" . DC  A 1 18 ? 9.38416   2.85506   2.30139   1.000 73.93941  ? 18  DC  A "C2'" 1 
ATOM   343  C "C1'" . DC  A 1 18 ? 10.30770  3.35002   1.18366   1.000 74.48933  ? 18  DC  A "C1'" 1 
ATOM   344  N N1    . DC  A 1 18 ? 11.74980  3.04549   1.42087   1.000 73.45525  ? 18  DC  A N1    1 
ATOM   345  C C2    . DC  A 1 18 ? 12.41864  2.17559   0.56292   1.000 74.26716  ? 18  DC  A C2    1 
ATOM   346  O O2    . DC  A 1 18 ? 11.81182  1.69067   -0.39560  1.000 73.17855  ? 18  DC  A O2    1 
ATOM   347  N N3    . DC  A 1 18 ? 13.72334  1.90005   0.79648   1.000 74.79277  ? 18  DC  A N3    1 
ATOM   348  C C4    . DC  A 1 18 ? 14.34752  2.45195   1.83282   1.000 71.77362  ? 18  DC  A C4    1 
ATOM   349  N N4    . DC  A 1 18 ? 15.62478  2.14000   2.02651   1.000 72.08956  ? 18  DC  A N4    1 
ATOM   350  C C5    . DC  A 1 18 ? 13.68731  3.34229   2.71803   1.000 72.77080  ? 18  DC  A C5    1 
ATOM   351  C C6    . DC  A 1 18 ? 12.40035  3.60517   2.48073   1.000 75.17831  ? 18  DC  A C6    1 
ATOM   352  P P     . DC  A 1 19 ? 7.64494   3.22728   5.14433   1.000 75.96799  ? 19  DC  A P     1 
ATOM   353  O OP1   . DC  A 1 19 ? 6.35286   3.61018   5.74478   1.000 71.58907  ? 19  DC  A OP1   1 
ATOM   354  O OP2   . DC  A 1 19 ? 8.85687   3.27986   5.97871   1.000 69.83276  ? 19  DC  A OP2   1 
ATOM   355  O "O5'" . DC  A 1 19 ? 7.46525   1.73429   4.60686   1.000 72.01718  ? 19  DC  A "O5'" 1 
ATOM   356  C "C5'" . DC  A 1 19 ? 6.29307   1.38696   3.85894   1.000 72.80270  ? 19  DC  A "C5'" 1 
ATOM   357  C "C4'" . DC  A 1 19 ? 6.16416   -0.12075  3.70670   1.000 65.80549  ? 19  DC  A "C4'" 1 
ATOM   358  O "O4'" . DC  A 1 19 ? 7.36385   -0.63423  3.08959   1.000 65.03820  ? 19  DC  A "O4'" 1 
ATOM   359  C "C3'" . DC  A 1 19 ? 6.02240   -0.87585  5.00739   1.000 62.49231  ? 19  DC  A "C3'" 1 
ATOM   360  O "O3'" . DC  A 1 19 ? 4.64838   -0.98719  5.33832   1.000 63.86999  ? 19  DC  A "O3'" 1 
ATOM   361  C "C2'" . DC  A 1 19 ? 6.61925   -2.23322  4.66082   1.000 62.74085  ? 19  DC  A "C2'" 1 
ATOM   362  C "C1'" . DC  A 1 19 ? 7.67727   -1.89763  3.59700   1.000 61.09529  ? 19  DC  A "C1'" 1 
ATOM   363  N N1    . DC  A 1 19 ? 9.04856   -1.87167  4.13183   1.000 57.82337  ? 19  DC  A N1    1 
ATOM   364  C C2    . DC  A 1 19 ? 10.02553  -2.70438  3.58646   1.000 62.03615  ? 19  DC  A C2    1 
ATOM   365  O O2    . DC  A 1 19 ? 9.74117   -3.42140  2.63251   1.000 65.42189  ? 19  DC  A O2    1 
ATOM   366  N N3    . DC  A 1 19 ? 11.26316  -2.68635  4.10831   1.000 57.65010  ? 19  DC  A N3    1 
ATOM   367  C C4    . DC  A 1 19 ? 11.53994  -1.89234  5.12928   1.000 57.74798  ? 19  DC  A C4    1 
ATOM   368  N N4    . DC  A 1 19 ? 12.76795  -1.91142  5.60758   1.000 57.79192  ? 19  DC  A N4    1 
ATOM   369  C C5    . DC  A 1 19 ? 10.56818  -1.03796  5.70354   1.000 59.39396  ? 19  DC  A C5    1 
ATOM   370  C C6    . DC  A 1 19 ? 9.34483   -1.06064  5.17964   1.000 60.56697  ? 19  DC  A C6    1 
ATOM   371  P P     . DC  A 1 20 ? 4.19299   -1.35429  6.83225   1.000 69.80351  ? 20  DC  A P     1 
ATOM   372  O OP1   . DC  A 1 20 ? 2.80056   -0.88752  7.00021   1.000 68.83284  ? 20  DC  A OP1   1 
ATOM   373  O OP2   . DC  A 1 20 ? 5.21084   -0.89401  7.79721   1.000 57.40120  ? 20  DC  A OP2   1 
ATOM   374  O "O5'" . DC  A 1 20 ? 4.13467   -2.95089  6.82437   1.000 66.23130  ? 20  DC  A "O5'" 1 
ATOM   375  C "C5'" . DC  A 1 20 ? 3.20112   -3.61976  5.98075   1.000 63.75792  ? 20  DC  A "C5'" 1 
ATOM   376  C "C4'" . DC  A 1 20 ? 3.48150   -5.10158  5.97146   1.000 65.55423  ? 20  DC  A "C4'" 1 
ATOM   377  O "O4'" . DC  A 1 20 ? 4.89780   -5.29283  5.78681   1.000 64.81797  ? 20  DC  A "O4'" 1 
ATOM   378  C "C3'" . DC  A 1 20 ? 3.18623   -5.81389  7.27460   1.000 61.25676  ? 20  DC  A "C3'" 1 
ATOM   379  O "O3'" . DC  A 1 20 ? 1.82380   -6.20798  7.32224   1.000 65.42817  ? 20  DC  A "O3'" 1 
ATOM   380  C "C2'" . DC  A 1 20 ? 4.10248   -7.02400  7.17933   1.000 63.66482  ? 20  DC  A "C2'" 1 
ATOM   381  C "C1'" . DC  A 1 20 ? 5.29753   -6.49095  6.39465   1.000 60.44417  ? 20  DC  A "C1'" 1 
ATOM   382  N N1    . DC  A 1 20 ? 6.47133   -6.24525  7.23572   1.000 55.76805  ? 20  DC  A N1    1 
ATOM   383  C C2    . DC  A 1 20 ? 7.57486   -7.04914  7.08393   1.000 58.95884  ? 20  DC  A C2    1 
ATOM   384  O O2    . DC  A 1 20 ? 7.55268   -7.91753  6.20894   1.000 58.05388  ? 20  DC  A O2    1 
ATOM   385  N N3    . DC  A 1 20 ? 8.65987   -6.82646  7.85803   1.000 56.29519  ? 20  DC  A N3    1 
ATOM   386  C C4    . DC  A 1 20 ? 8.64017   -5.86518  8.76949   1.000 58.45350  ? 20  DC  A C4    1 
ATOM   387  N N4    . DC  A 1 20 ? 9.72679   -5.69439  9.53109   1.000 55.13885  ? 20  DC  A N4    1 
ATOM   388  C C5    . DC  A 1 20 ? 7.51468   -5.03419  8.94234   1.000 54.52490  ? 20  DC  A C5    1 
ATOM   389  C C6    . DC  A 1 20 ? 6.46064   -5.26019  8.15966   1.000 57.78254  ? 20  DC  A C6    1 
ATOM   390  P P     . DC  A 1 21 ? 1.11269   -6.49959  8.73034   1.000 70.10110  ? 21  DC  A P     1 
ATOM   391  O OP1   . DC  A 1 21 ? -0.33998  -6.36336  8.51520   1.000 72.49827  ? 21  DC  A OP1   1 
ATOM   392  O OP2   . DC  A 1 21 ? 1.77535   -5.68269  9.76708   1.000 62.61260  ? 21  DC  A OP2   1 
ATOM   393  O "O5'" . DC  A 1 21 ? 1.48070   -8.02064  9.04644   1.000 66.32815  ? 21  DC  A "O5'" 1 
ATOM   394  C "C5'" . DC  A 1 21 ? 1.39204   -9.01183  8.03715   1.000 64.70512  ? 21  DC  A "C5'" 1 
ATOM   395  C "C4'" . DC  A 1 21 ? 1.58481   -10.38032 8.65635   1.000 66.10853  ? 21  DC  A "C4'" 1 
ATOM   396  O "O4'" . DC  A 1 21 ? 2.92560   -10.49149 9.12622   1.000 62.22018  ? 21  DC  A "O4'" 1 
ATOM   397  C "C3'" . DC  A 1 21 ? 0.72624   -10.62848 9.87378   1.000 65.00636  ? 21  DC  A "C3'" 1 
ATOM   398  O "O3'" . DC  A 1 21 ? -0.42182  -11.29898 9.49454   1.000 68.00497  ? 21  DC  A "O3'" 1 
ATOM   399  C "C2'" . DC  A 1 21 ? 1.59029   -11.49655 10.79440  1.000 64.81601  ? 21  DC  A "C2'" 1 
ATOM   400  C "C1'" . DC  A 1 21 ? 2.99506   -11.37043 10.21119  1.000 61.09085  ? 21  DC  A "C1'" 1 
ATOM   401  N N1    . DC  A 1 21 ? 3.97267   -10.80897 11.13620  1.000 57.79074  ? 21  DC  A N1    1 
ATOM   402  C C2    . DC  A 1 21 ? 5.24498   -11.36284 11.19824  1.000 58.99512  ? 21  DC  A C2    1 
ATOM   403  O O2    . DC  A 1 21 ? 5.51117   -12.34083 10.49760  1.000 57.12403  ? 21  DC  A O2    1 
ATOM   404  N N3    . DC  A 1 21 ? 6.15636   -10.80767 12.00780  1.000 55.60426  ? 21  DC  A N3    1 
ATOM   405  C C4    . DC  A 1 21 ? 5.83895   -9.77052  12.75365  1.000 59.41345  ? 21  DC  A C4    1 
ATOM   406  N N4    . DC  A 1 21 ? 6.78037   -9.27941  13.56363  1.000 57.59497  ? 21  DC  A N4    1 
ATOM   407  C C5    . DC  A 1 21 ? 4.54563   -9.18776  12.71088  1.000 58.14241  ? 21  DC  A C5    1 
ATOM   408  C C6    . DC  A 1 21 ? 3.65157   -9.73461  11.88745  1.000 58.50170  ? 21  DC  A C6    1 
ATOM   409  P P     . DA  A 1 22 ? -1.79694  -10.96105 10.24011  1.000 68.22513  ? 22  DA  A P     1 
ATOM   410  O OP1   . DA  A 1 22 ? -2.66090  -10.36877 9.18347   1.000 69.02929  ? 22  DA  A OP1   1 
ATOM   411  O OP2   . DA  A 1 22 ? -1.48390  -10.22016 11.48861  1.000 65.18723  ? 22  DA  A OP2   1 
ATOM   412  O "O5'" . DA  A 1 22 ? -2.30787  -12.35760 10.79605  1.000 68.71021  ? 22  DA  A "O5'" 1 
ATOM   413  C "C5'" . DA  A 1 22 ? -2.24012  -13.51373 10.00918  1.000 71.44731  ? 22  DA  A "C5'" 1 
ATOM   414  C "C4'" . DA  A 1 22 ? -2.47209  -14.75435 10.85096  1.000 72.64369  ? 22  DA  A "C4'" 1 
ATOM   415  O "O4'" . DA  A 1 22 ? -1.33845  -14.93616 11.72038  1.000 72.91265  ? 22  DA  A "O4'" 1 
ATOM   416  C "C3'" . DA  A 1 22 ? -3.68612  -14.70950 11.77934  1.000 72.40698  ? 22  DA  A "C3'" 1 
ATOM   417  O "O3'" . DA  A 1 22 ? -4.13278  -16.03368 12.07208  1.000 72.64193  ? 22  DA  A "O3'" 1 
ATOM   418  C "C2'" . DA  A 1 22 ? -3.12040  -14.04576 13.02232  1.000 71.37633  ? 22  DA  A "C2'" 1 
ATOM   419  C "C1'" . DA  A 1 22 ? -1.68666  -14.57858 13.04131  1.000 70.87570  ? 22  DA  A "C1'" 1 
ATOM   420  N N9    . DA  A 1 22 ? -0.69946  -13.61757 13.52241  1.000 67.52390  ? 22  DA  A N9    1 
ATOM   421  C C8    . DA  A 1 22 ? -0.93302  -12.38474 14.05809  1.000 66.10574  ? 22  DA  A C8    1 
ATOM   422  N N7    . DA  A 1 22 ? 0.16419   -11.74620 14.41257  1.000 67.16322  ? 22  DA  A N7    1 
ATOM   423  C C5    . DA  A 1 22 ? 1.18538   -12.63496 14.09830  1.000 66.69267  ? 22  DA  A C5    1 
ATOM   424  C C6    . DA  A 1 22 ? 2.59159   -12.56684 14.24041  1.000 66.64627  ? 22  DA  A C6    1 
ATOM   425  N N6    . DA  A 1 22 ? 3.23383   -11.50742 14.75353  1.000 67.04888  ? 22  DA  A N6    1 
ATOM   426  N N1    . DA  A 1 22 ? 3.31735   -13.63283 13.82671  1.000 64.62140  ? 22  DA  A N1    1 
ATOM   427  C C2    . DA  A 1 22 ? 2.67110   -14.69633 13.31224  1.000 68.25774  ? 22  DA  A C2    1 
ATOM   428  N N3    . DA  A 1 22 ? 1.36013   -14.87640 13.13808  1.000 65.43264  ? 22  DA  A N3    1 
ATOM   429  C C4    . DA  A 1 22 ? 0.66800   -13.79618 13.55352  1.000 65.88850  ? 22  DA  A C4    1 
ATOM   430  P P     . DC  A 1 23 ? -5.35865  -16.66565 11.25841  1.000 72.07222  ? 23  DC  A P     1 
ATOM   431  O OP1   . DC  A 1 23 ? -6.10023  -15.54135 10.65317  1.000 75.49389  ? 23  DC  A OP1   1 
ATOM   432  O OP2   . DC  A 1 23 ? -6.05375  -17.63581 12.12419  1.000 74.97410  ? 23  DC  A OP2   1 
ATOM   433  O "O5'" . DC  A 1 23 ? -4.66022  -17.52135 10.11376  1.000 73.03817  ? 23  DC  A "O5'" 1 
ATOM   434  C "C5'" . DC  A 1 23 ? -4.01349  -18.74226 10.44326  1.000 73.74011  ? 23  DC  A "C5'" 1 
ATOM   435  C "C4'" . DC  A 1 23 ? -3.46635  -19.41636 9.19726   1.000 72.06197  ? 23  DC  A "C4'" 1 
ATOM   436  O "O4'" . DC  A 1 23 ? -4.46478  -20.29894 8.64187   1.000 71.68460  ? 23  DC  A "O4'" 1 
ATOM   437  C "C3'" . DC  A 1 23 ? -3.09460  -18.47108 8.07691   1.000 68.69781  ? 23  DC  A "C3'" 1 
ATOM   438  O "O3'" . DC  A 1 23 ? -1.77664  -18.08869 8.24011   1.000 73.41725  ? 23  DC  A "O3'" 1 
ATOM   439  C "C2'" . DC  A 1 23 ? -3.26359  -19.34121 6.84093   1.000 70.41823  ? 23  DC  A "C2'" 1 
ATOM   440  C "C1'" . DC  A 1 23 ? -4.45134  -20.21367 7.23398   1.000 70.63644  ? 23  DC  A "C1'" 1 
ATOM   441  N N1    . DC  A 1 23 ? -5.74358  -19.68083 6.81772   1.000 67.54049  ? 23  DC  A N1    1 
ATOM   442  C C2    . DC  A 1 23 ? -6.27977  -20.09485 5.62271   1.000 71.02424  ? 23  DC  A C2    1 
ATOM   443  O O2    . DC  A 1 23 ? -5.63576  -20.88299 4.93658   1.000 73.34703  ? 23  DC  A O2    1 
ATOM   444  N N3    . DC  A 1 23 ? -7.48712  -19.62291 5.24438   1.000 71.02522  ? 23  DC  A N3    1 
ATOM   445  C C4    . DC  A 1 23 ? -8.14052  -18.76981 6.02307   1.000 71.61337  ? 23  DC  A C4    1 
ATOM   446  N N4    . DC  A 1 23 ? -9.32584  -18.32485 5.60958   1.000 70.04890  ? 23  DC  A N4    1 
ATOM   447  C C5    . DC  A 1 23 ? -7.60471  -18.33305 7.26223   1.000 72.16363  ? 23  DC  A C5    1 
ATOM   448  C C6    . DC  A 1 23 ? -6.41604  -18.81784 7.61939   1.000 70.28343  ? 23  DC  A C6    1 
ATOM   449  P P     . DA  A 1 24 ? -1.27414  -16.68816 7.65645   1.000 75.89337  ? 24  DA  A P     1 
ATOM   450  O OP1   . DA  A 1 24 ? -0.15550  -16.26663 8.53228   1.000 73.33489  ? 24  DA  A OP1   1 
ATOM   451  O OP2   . DA  A 1 24 ? -2.45727  -15.81075 7.49513   1.000 69.99620  ? 24  DA  A OP2   1 
ATOM   452  O "O5'" . DA  A 1 24 ? -0.78195  -17.06881 6.18317   1.000 71.59305  ? 24  DA  A "O5'" 1 
ATOM   453  C "C5'" . DA  A 1 24 ? 0.09012   -18.17705 5.97804   1.000 73.72354  ? 24  DA  A "C5'" 1 
ATOM   454  C "C4'" . DA  A 1 24 ? 1.06884   -17.87828 4.84807   1.000 73.42920  ? 24  DA  A "C4'" 1 
ATOM   455  O "O4'" . DA  A 1 24 ? 0.41226   -18.05045 3.56246   1.000 64.18540  ? 24  DA  A "O4'" 1 
ATOM   456  C "C3'" . DA  A 1 24 ? 1.63457   -16.45465 4.83612   1.000 71.19682  ? 24  DA  A "C3'" 1 
ATOM   457  O "O3'" . DA  A 1 24 ? 2.99889   -16.46854 4.37807   1.000 68.57664  ? 24  DA  A "O3'" 1 
ATOM   458  C "C2'" . DA  A 1 24 ? 0.71539   -15.74317 3.85386   1.000 71.02901  ? 24  DA  A "C2'" 1 
ATOM   459  C "C1'" . DA  A 1 24 ? 0.45488   -16.84858 2.84579   1.000 72.68367  ? 24  DA  A "C1'" 1 
ATOM   460  N N9    . DA  A 1 24 ? -0.79584  -16.72088 2.12854   1.000 72.69180  ? 24  DA  A N9    1 
ATOM   461  C C8    . DA  A 1 24 ? -1.95569  -16.15747 2.56537   1.000 71.58460  ? 24  DA  A C8    1 
ATOM   462  N N7    . DA  A 1 24 ? -2.92197  -16.20202 1.68108   1.000 72.24705  ? 24  DA  A N7    1 
ATOM   463  C C5    . DA  A 1 24 ? -2.34882  -16.84382 0.60171   1.000 71.55392  ? 24  DA  A C5    1 
ATOM   464  C C6    . DA  A 1 24 ? -2.84516  -17.21375 -0.65861  1.000 74.55110  ? 24  DA  A C6    1 
ATOM   465  N N6    . DA  A 1 24 ? -4.08914  -16.97050 -1.05491  1.000 76.05274  ? 24  DA  A N6    1 
ATOM   466  N N1    . DA  A 1 24 ? -2.00038  -17.83512 -1.51156  1.000 74.27875  ? 24  DA  A N1    1 
ATOM   467  C C2    . DA  A 1 24 ? -0.75644  -18.08200 -1.10960  1.000 73.10041  ? 24  DA  A C2    1 
ATOM   468  N N3    . DA  A 1 24 ? -0.18584  -17.79363 0.05639   1.000 74.30210  ? 24  DA  A N3    1 
ATOM   469  C C4    . DA  A 1 24 ? -1.04333  -17.16735 0.86709   1.000 72.19187  ? 24  DA  A C4    1 
ATOM   470  P P     . DC  A 1 25 ? 4.20322   -16.30860 5.43238   1.000 66.23401  ? 25  DC  A P     1 
ATOM   471  O OP1   . DC  A 1 25 ? 5.48561   -16.37996 4.70096   1.000 71.99180  ? 25  DC  A OP1   1 
ATOM   472  O OP2   . DC  A 1 25 ? 3.99668   -17.14301 6.62659   1.000 74.44171  ? 25  DC  A OP2   1 
ATOM   473  O "O5'" . DC  A 1 25 ? 4.03186   -14.83222 5.92924   1.000 70.44813  ? 25  DC  A "O5'" 1 
ATOM   474  C "C5'" . DC  A 1 25 ? 4.15420   -13.79371 5.02173   1.000 70.19611  ? 25  DC  A "C5'" 1 
ATOM   475  C "C4'" . DC  A 1 25 ? 3.81388   -12.50716 5.70776   1.000 66.96108  ? 25  DC  A "C4'" 1 
ATOM   476  O "O4'" . DC  A 1 25 ? 4.62316   -12.37479 6.89207   1.000 61.43118  ? 25  DC  A "O4'" 1 
ATOM   477  C "C3'" . DC  A 1 25 ? 4.05763   -11.26550 4.88086   1.000 63.47607  ? 25  DC  A "C3'" 1 
ATOM   478  O "O3'" . DC  A 1 25 ? 2.99862   -10.40503 5.07563   1.000 67.69064  ? 25  DC  A "O3'" 1 
ATOM   479  C "C2'" . DC  A 1 25 ? 5.33287   -10.69785 5.47037   1.000 61.84973  ? 25  DC  A "C2'" 1 
ATOM   480  C "C1'" . DC  A 1 25 ? 5.19916   -11.10669 6.92314   1.000 60.11334  ? 25  DC  A "C1'" 1 
ATOM   481  N N1    . DC  A 1 25 ? 6.49413   -11.25163 7.54362   1.000 61.44447  ? 25  DC  A N1    1 
ATOM   482  C C2    . DC  A 1 25 ? 6.91357   -10.32440 8.47439   1.000 57.70675  ? 25  DC  A C2    1 
ATOM   483  O O2    . DC  A 1 25 ? 6.15835   -9.40647  8.77384   1.000 57.93572  ? 25  DC  A O2    1 
ATOM   484  N N3    . DC  A 1 25 ? 8.12911   -10.45994 9.02487   1.000 54.14766  ? 25  DC  A N3    1 
ATOM   485  C C4    . DC  A 1 25 ? 8.91441   -11.46221 8.66003   1.000 57.86417  ? 25  DC  A C4    1 
ATOM   486  N N4    . DC  A 1 25 ? 10.11739  -11.54709 9.21789   1.000 53.76006  ? 25  DC  A N4    1 
ATOM   487  C C5    . DC  A 1 25 ? 8.50220   -12.42745 7.69951   1.000 61.47695  ? 25  DC  A C5    1 
ATOM   488  C C6    . DC  A 1 25 ? 7.29738   -12.27936 7.16720   1.000 58.29015  ? 25  DC  A C6    1 
ATOM   489  P P     . DC  A 1 26 ? 2.63424   -9.37420  3.92546   1.000 70.97687  ? 26  DC  A P     1 
ATOM   490  O OP1   . DC  A 1 26 ? 1.59438   -8.46708  4.46525   1.000 68.02690  ? 26  DC  A OP1   1 
ATOM   491  O OP2   . DC  A 1 26 ? 2.43932   -10.13616 2.67251   1.000 68.14764  ? 26  DC  A OP2   1 
ATOM   492  O "O5'" . DC  A 1 26 ? 4.00324   -8.60959  3.73839   1.000 66.44043  ? 26  DC  A "O5'" 1 
ATOM   493  C "C5'" . DC  A 1 26 ? 4.29566   -8.01532  2.52935   1.000 68.81693  ? 26  DC  A "C5'" 1 
ATOM   494  C "C4'" . DC  A 1 26 ? 5.00698   -6.71072  2.78358   1.000 66.39375  ? 26  DC  A "C4'" 1 
ATOM   495  O "O4'" . DC  A 1 26 ? 6.26046   -6.96486  3.44715   1.000 64.64615  ? 26  DC  A "O4'" 1 
ATOM   496  C "C3'" . DC  A 1 26 ? 5.33671   -5.90291  1.54830   1.000 65.23417  ? 26  DC  A "C3'" 1 
ATOM   497  O "O3'" . DC  A 1 26 ? 4.65189   -4.66896  1.64613   1.000 70.41765  ? 26  DC  A "O3'" 1 
ATOM   498  C "C2'" . DC  A 1 26 ? 6.87017   -5.73247  1.61905   1.000 66.67991  ? 26  DC  A "C2'" 1 
ATOM   499  C "C1'" . DC  A 1 26 ? 7.13625   -5.96586  3.09797   1.000 62.26153  ? 26  DC  A "C1'" 1 
ATOM   500  N N1    . DC  A 1 26 ? 8.48515   -6.43153  3.42102   1.000 58.39557  ? 26  DC  A N1    1 
ATOM   501  C C2    . DC  A 1 26 ? 9.16475   -5.84829  4.47467   1.000 59.97305  ? 26  DC  A C2    1 
ATOM   502  O O2    . DC  A 1 26 ? 8.62828   -4.94066  5.09574   1.000 59.78240  ? 26  DC  A O2    1 
ATOM   503  N N3    . DC  A 1 26 ? 10.38813  -6.29391  4.79183   1.000 57.20571  ? 26  DC  A N3    1 
ATOM   504  C C4    . DC  A 1 26 ? 10.92825  -7.28245  4.11694   1.000 60.03294  ? 26  DC  A C4    1 
ATOM   505  N N4    . DC  A 1 26 ? 12.15445  -7.66808  4.45684   1.000 56.95093  ? 26  DC  A N4    1 
ATOM   506  C C5    . DC  A 1 26 ? 10.24420  -7.91288  3.04263   1.000 61.66447  ? 26  DC  A C5    1 
ATOM   507  C C6    . DC  A 1 26 ? 9.02800   -7.45991  2.73855   1.000 61.27281  ? 26  DC  A C6    1 
ATOM   508  P P     . DC  A 1 27 ? 4.32280   -3.82451  0.32985   1.000 77.06841  ? 27  DC  A P     1 
ATOM   509  O OP1   . DC  A 1 27 ? 3.46080   -2.67896  0.71665   1.000 76.24051  ? 27  DC  A OP1   1 
ATOM   510  O OP2   . DC  A 1 27 ? 3.95119   -4.75718  -0.74838  1.000 70.00602  ? 27  DC  A OP2   1 
ATOM   511  O "O5'" . DC  A 1 27 ? 5.74385   -3.26215  -0.07963  1.000 72.91798  ? 27  DC  A "O5'" 1 
ATOM   512  C "C5'" . DC  A 1 27 ? 5.82637   -2.14151  -0.86376  1.000 73.26908  ? 27  DC  A "C5'" 1 
ATOM   513  C "C4'" . DC  A 1 27 ? 6.62435   -1.07715  -0.15738  1.000 72.75274  ? 27  DC  A "C4'" 1 
ATOM   514  O "O4'" . DC  A 1 27 ? 7.89482   -1.62543  0.28202   1.000 67.26126  ? 27  DC  A "O4'" 1 
ATOM   515  C "C3'" . DC  A 1 27 ? 6.95526   0.12360   -1.03394  1.000 70.48711  ? 27  DC  A "C3'" 1 
ATOM   516  O "O3'" . DC  A 1 27 ? 6.56909   1.30351   -0.37588  1.000 75.20472  ? 27  DC  A "O3'" 1 
ATOM   517  C "C2'" . DC  A 1 27 ? 8.47303   0.03417   -1.22151  1.000 68.77950  ? 27  DC  A "C2'" 1 
ATOM   518  C "C1'" . DC  A 1 27 ? 8.89371   -0.68530  0.04627   1.000 68.44270  ? 27  DC  A "C1'" 1 
ATOM   519  N N1    . DC  A 1 27 ? 10.20141  -1.38477  -0.05485  1.000 68.90662  ? 27  DC  A N1    1 
ATOM   520  C C2    . DC  A 1 27 ? 11.14894  -1.15285  0.92015   1.000 67.06778  ? 27  DC  A C2    1 
ATOM   521  O O2    . DC  A 1 27 ? 10.86441  -0.38509  1.83559   1.000 68.64475  ? 27  DC  A O2    1 
ATOM   522  N N3    . DC  A 1 27 ? 12.34038  -1.78286  0.85210   1.000 62.73842  ? 27  DC  A N3    1 
ATOM   523  C C4    . DC  A 1 27 ? 12.60429  -2.59947  -0.14709  1.000 64.78458  ? 27  DC  A C4    1 
ATOM   524  N N4    . DC  A 1 27 ? 13.80615  -3.18809  -0.16995  1.000 65.21775  ? 27  DC  A N4    1 
ATOM   525  C C5    . DC  A 1 27 ? 11.65025  -2.85251  -1.17393  1.000 66.90761  ? 27  DC  A C5    1 
ATOM   526  C C6    . DC  A 1 27 ? 10.46544  -2.22776  -1.08864  1.000 68.11197  ? 27  DC  A C6    1 
ATOM   527  P P     . DC  A 1 28 ? 6.12404   2.57337   -1.24627  1.000 81.84172  ? 28  DC  A P     1 
ATOM   528  O OP1   . DC  A 1 28 ? 5.49037   3.56617   -0.35168  1.000 83.57904  ? 28  DC  A OP1   1 
ATOM   529  O OP2   . DC  A 1 28 ? 5.40295   2.03045   -2.42324  1.000 81.46962  ? 28  DC  A OP2   1 
ATOM   530  O "O5'" . DC  A 1 28 ? 7.51259   3.13933   -1.78665  1.000 79.40335  ? 28  DC  A "O5'" 1 
ATOM   531  C "C5'" . DC  A 1 28 ? 7.55320   4.32659   -2.52396  1.000 84.71099  ? 28  DC  A "C5'" 1 
ATOM   532  C "C4'" . DC  A 1 28 ? 8.68165   5.19836   -2.02429  1.000 88.02934  ? 28  DC  A "C4'" 1 
ATOM   533  O "O4'" . DC  A 1 28 ? 9.90167   4.41703   -1.95490  1.000 84.07004  ? 28  DC  A "O4'" 1 
ATOM   534  C "C3'" . DC  A 1 28 ? 8.99211   6.41889   -2.90060  1.000 93.95290  ? 28  DC  A "C3'" 1 
ATOM   535  O "O3'" . DC  A 1 28 ? 8.65637   7.64283   -2.19291  1.000 97.52796  ? 28  DC  A "O3'" 1 
ATOM   536  C "C2'" . DC  A 1 28 ? 10.50638  6.30468   -3.20188  1.000 86.66663  ? 28  DC  A "C2'" 1 
ATOM   537  C "C1'" . DC  A 1 28 ? 10.99516  5.26715   -2.18274  1.000 83.87979  ? 28  DC  A "C1'" 1 
ATOM   538  N N1    . DC  A 1 28 ? 12.16109  4.42757   -2.64265  1.000 78.76928  ? 28  DC  A N1    1 
ATOM   539  C C2    . DC  A 1 28 ? 13.24215  4.21600   -1.78984  1.000 79.26598  ? 28  DC  A C2    1 
ATOM   540  O O2    . DC  A 1 28 ? 13.23317  4.72857   -0.66950  1.000 80.83399  ? 28  DC  A O2    1 
ATOM   541  N N3    . DC  A 1 28 ? 14.27040  3.44558   -2.21044  1.000 78.94295  ? 28  DC  A N3    1 
ATOM   542  C C4    . DC  A 1 28 ? 14.24534  2.90368   -3.41768  1.000 75.86882  ? 28  DC  A C4    1 
ATOM   543  N N4    . DC  A 1 28 ? 15.28298  2.14854   -3.78663  1.000 79.91003  ? 28  DC  A N4    1 
ATOM   544  C C5    . DC  A 1 28 ? 13.15753  3.10599   -4.30054  1.000 78.07801  ? 28  DC  A C5    1 
ATOM   545  C C6    . DC  A 1 28 ? 12.14470  3.86553   -3.87652  1.000 80.00614  ? 28  DC  A C6    1 
ATOM   546  P P     . DT  A 1 29 ? 7.17467   8.28006   -2.28162  1.000 100.46402 ? 29  DT  A P     1 
ATOM   547  O OP1   . DT  A 1 29 ? 6.19768   7.26584   -2.73901  1.000 96.05079  ? 29  DT  A OP1   1 
ATOM   548  O OP2   . DT  A 1 29 ? 7.30672   9.53357   -3.05761  1.000 102.49384 ? 29  DT  A OP2   1 
ATOM   549  O "O5'" . DT  A 1 29 ? 6.83426   8.65562   -0.76297  1.000 100.56850 ? 29  DT  A "O5'" 1 
ATOM   550  C "C5'" . DT  A 1 29 ? 7.80570   8.45442   0.25764   1.000 98.04654  ? 29  DT  A "C5'" 1 
ATOM   551  C "C4'" . DT  A 1 29 ? 8.09796   9.74754   1.00239   1.000 100.23035 ? 29  DT  A "C4'" 1 
ATOM   552  O "O4'" . DT  A 1 29 ? 9.43158   10.21157  0.66643   1.000 100.66059 ? 29  DT  A "O4'" 1 
ATOM   553  C "C3'" . DT  A 1 29 ? 7.17000   10.91514  0.67893   1.000 104.93019 ? 29  DT  A "C3'" 1 
ATOM   554  O "O3'" . DT  A 1 29 ? 7.06232   11.75425  1.80450   1.000 105.57394 ? 29  DT  A "O3'" 1 
ATOM   555  C "C2'" . DT  A 1 29 ? 7.91954   11.61517  -0.43900  1.000 105.33304 ? 29  DT  A "C2'" 1 
ATOM   556  C "C1'" . DT  A 1 29 ? 9.35144   11.48152  0.05048   1.000 103.00524 ? 29  DT  A "C1'" 1 
ATOM   557  N N1    . DT  A 1 29 ? 10.33043  11.52894  -1.04843  1.000 103.74934 ? 29  DT  A N1    1 
ATOM   558  C C2    . DT  A 1 29 ? 11.46972  12.29175  -0.91252  1.000 102.49226 ? 29  DT  A C2    1 
ATOM   559  O O2    . DT  A 1 29 ? 11.73553  12.93136  0.09091   1.000 101.67787 ? 29  DT  A O2    1 
ATOM   560  N N3    . DT  A 1 29 ? 12.29501  12.27093  -1.99920  1.000 100.45409 ? 29  DT  A N3    1 
ATOM   561  C C4    . DT  A 1 29 ? 12.09600  11.58657  -3.18523  1.000 100.59098 ? 29  DT  A C4    1 
ATOM   562  O O4    . DT  A 1 29 ? 12.89888  11.62594  -4.10211  1.000 105.34918 ? 29  DT  A O4    1 
ATOM   563  C C5    . DT  A 1 29 ? 10.88039  10.81352  -3.26210  1.000 102.73508 ? 29  DT  A C5    1 
ATOM   564  C C7    . DT  A 1 29 ? 10.55869  10.02657  -4.49892  1.000 98.65254  ? 29  DT  A C7    1 
ATOM   565  C C6    . DT  A 1 29 ? 10.06564  10.82619  -2.20434  1.000 102.10769 ? 29  DT  A C6    1 
ATOM   566  P P     . DA  A 1 30 ? 5.92813   12.88659  1.87143   1.000 111.23140 ? 30  DA  A P     1 
ATOM   567  O OP1   . DA  A 1 30 ? 4.93785   12.43521  2.88238   1.000 115.32554 ? 30  DA  A OP1   1 
ATOM   568  O OP2   . DA  A 1 30 ? 5.47246   13.21915  0.50332   1.000 111.03041 ? 30  DA  A OP2   1 
ATOM   569  O "O5'" . DA  A 1 30 ? 6.71189   14.15609  2.44290   1.000 114.05584 ? 30  DA  A "O5'" 1 
ATOM   570  C "C5'" . DA  A 1 30 ? 8.13926   14.18221  2.43132   1.000 113.79255 ? 30  DA  A "C5'" 1 
ATOM   571  C "C4'" . DA  A 1 30 ? 8.65306   15.46891  1.80284   1.000 115.01966 ? 30  DA  A "C4'" 1 
ATOM   572  O "O4'" . DA  A 1 30 ? 9.10408   15.19925  0.44820   1.000 113.69849 ? 30  DA  A "O4'" 1 
ATOM   573  C "C3'" . DA  A 1 30 ? 7.61822   16.59015  1.68794   1.000 119.52702 ? 30  DA  A "C3'" 1 
ATOM   574  O "O3'" . DA  A 1 30 ? 8.22315   17.87009  1.97944   1.000 125.63473 ? 30  DA  A "O3'" 1 
ATOM   575  C "C2'" . DA  A 1 30 ? 7.17212   16.48642  0.23268   1.000 117.40642 ? 30  DA  A "C2'" 1 
ATOM   576  C "C1'" . DA  A 1 30 ? 8.46588   16.07978  -0.44646  1.000 117.45667 ? 30  DA  A "C1'" 1 
ATOM   577  N N9    . DA  A 1 30 ? 8.26531   15.39106  -1.71791  1.000 118.28489 ? 30  DA  A N9    1 
ATOM   578  C C8    . DA  A 1 30 ? 7.14639   14.71776  -2.12442  1.000 116.43338 ? 30  DA  A C8    1 
ATOM   579  N N7    . DA  A 1 30 ? 7.24935   14.19902  -3.32667  1.000 115.05390 ? 30  DA  A N7    1 
ATOM   580  C C5    . DA  A 1 30 ? 8.52414   14.55696  -3.73554  1.000 116.50366 ? 30  DA  A C5    1 
ATOM   581  C C6    . DA  A 1 30 ? 9.24680   14.31224  -4.92261  1.000 115.21477 ? 30  DA  A C6    1 
ATOM   582  N N6    . DA  A 1 30 ? 8.75797   13.61558  -5.95441  1.000 113.66767 ? 30  DA  A N6    1 
ATOM   583  N N1    . DA  A 1 30 ? 10.49573  14.81174  -5.00630  1.000 113.40750 ? 30  DA  A N1    1 
ATOM   584  C C2    . DA  A 1 30 ? 10.98193  15.50687  -3.97313  1.000 115.09377 ? 30  DA  A C2    1 
ATOM   585  N N3    . DA  A 1 30 ? 10.40132  15.80140  -2.81178  1.000 116.78844 ? 30  DA  A N3    1 
ATOM   586  C C4    . DA  A 1 30 ? 9.16249   15.29268  -2.75637  1.000 116.01343 ? 30  DA  A C4    1 
ATOM   587  P P     . DT  A 1 31 ? 7.33965   19.22014  1.95299   1.000 122.87199 ? 31  DT  A P     1 
ATOM   588  O OP1   . DT  A 1 31 ? 6.09175   18.92757  2.69982   1.000 104.18322 ? 31  DT  A OP1   1 
ATOM   589  O OP2   . DT  A 1 31 ? 7.25530   19.69176  0.54869   1.000 127.41843 ? 31  DT  A OP2   1 
ATOM   590  O "O5'" . DT  A 1 31 ? 8.22395   20.31178  2.75445   1.000 125.03918 ? 31  DT  A "O5'" 1 
ATOM   591  C "C5'" . DT  A 1 31 ? 9.62644   20.08945  3.02180   1.000 125.03918 ? 31  DT  A "C5'" 1 
ATOM   592  C "C4'" . DT  A 1 31 ? 10.51682  21.08043  2.26884   1.000 127.92306 ? 31  DT  A "C4'" 1 
ATOM   593  O "O4'" . DT  A 1 31 ? 11.24941  20.37235  1.23325   1.000 130.22733 ? 31  DT  A "O4'" 1 
ATOM   594  C "C3'" . DT  A 1 31 ? 9.78711   22.21727  1.55349   1.000 129.31783 ? 31  DT  A "C3'" 1 
ATOM   595  O "O3'" . DT  A 1 31 ? 9.63787   23.34966  2.42658   1.000 112.23308 ? 31  DT  A "O3'" 1 
ATOM   596  C "C2'" . DT  A 1 31 ? 10.71674  22.54054  0.37991   1.000 128.34058 ? 31  DT  A "C2'" 1 
ATOM   597  C "C1'" . DT  A 1 31 ? 11.40798  21.19723  0.08998   1.000 132.15714 ? 31  DT  A "C1'" 1 
ATOM   598  N N1    . DT  A 1 31 ? 10.87861  20.46468  -1.14026  1.000 132.78616 ? 31  DT  A N1    1 
ATOM   599  C C2    . DT  A 1 31 ? 11.73971  19.68331  -1.88572  1.000 132.92667 ? 31  DT  A C2    1 
ATOM   600  O O2    . DT  A 1 31 ? 12.91275  19.53420  -1.60853  1.000 133.26442 ? 31  DT  A O2    1 
ATOM   601  N N3    . DT  A 1 31 ? 11.16878  19.06984  -2.97365  1.000 132.41768 ? 31  DT  A N3    1 
ATOM   602  C C4    . DT  A 1 31 ? 9.85109   19.15685  -3.39046  1.000 132.10626 ? 31  DT  A C4    1 
ATOM   603  O O4    . DT  A 1 31 ? 9.43377   18.56467  -4.38821  1.000 129.91060 ? 31  DT  A O4    1 
ATOM   604  C C5    . DT  A 1 31 ? 8.99962   19.99402  -2.56892  1.000 131.61960 ? 31  DT  A C5    1 
ATOM   605  C C7    . DT  A 1 31 ? 7.55011   20.17074  -2.91666  1.000 130.62222 ? 31  DT  A C7    1 
ATOM   606  C C6    . DT  A 1 31 ? 9.54883   20.59995  -1.49905  1.000 131.95918 ? 31  DT  A C6    1 
ATOM   607  O "O5'" . DT  B 1 1  ? -4.27590  -12.19116 -5.00609  1.000 101.99078 ? 1   DT  B "O5'" 1 
ATOM   608  C "C5'" . DT  B 1 1  ? -4.08216  -13.13727 -3.95213  1.000 91.96198  ? 1   DT  B "C5'" 1 
ATOM   609  C "C4'" . DT  B 1 1  ? -4.90321  -12.76496 -2.74118  1.000 84.55918  ? 1   DT  B "C4'" 1 
ATOM   610  O "O4'" . DT  B 1 1  ? -4.31152  -13.36888 -1.57153  1.000 84.15793  ? 1   DT  B "O4'" 1 
ATOM   611  C "C3'" . DT  B 1 1  ? -4.94435  -11.28524 -2.42450  1.000 84.58185  ? 1   DT  B "C3'" 1 
ATOM   612  O "O3'" . DT  B 1 1  ? -6.07336  -11.02523 -1.62898  1.000 88.58918  ? 1   DT  B "O3'" 1 
ATOM   613  C "C2'" . DT  B 1 1  ? -3.66593  -11.10943 -1.62509  1.000 83.73913  ? 1   DT  B "C2'" 1 
ATOM   614  C "C1'" . DT  B 1 1  ? -3.68720  -12.37608 -0.78140  1.000 81.62373  ? 1   DT  B "C1'" 1 
ATOM   615  N N1    . DT  B 1 1  ? -2.34515  -12.87257 -0.40328  1.000 77.96965  ? 1   DT  B N1    1 
ATOM   616  C C2    . DT  B 1 1  ? -1.85645  -12.59028 0.85268   1.000 79.00533  ? 1   DT  B C2    1 
ATOM   617  O O2    . DT  B 1 1  ? -2.46884  -11.92578 1.67325   1.000 84.67761  ? 1   DT  B O2    1 
ATOM   618  N N3    . DT  B 1 1  ? -0.61069  -13.10370 1.11410   1.000 75.35836  ? 1   DT  B N3    1 
ATOM   619  C C4    . DT  B 1 1  ? 0.17650   -13.85800 0.26353   1.000 76.98472  ? 1   DT  B C4    1 
ATOM   620  O O4    . DT  B 1 1  ? 1.28731   -14.26676 0.59233   1.000 77.53486  ? 1   DT  B O4    1 
ATOM   621  C C5    . DT  B 1 1  ? -0.40140  -14.12693 -1.04058  1.000 76.14448  ? 1   DT  B C5    1 
ATOM   622  C C7    . DT  B 1 1  ? 0.35496   -14.93439 -2.04804  1.000 75.30133  ? 1   DT  B C7    1 
ATOM   623  C C6    . DT  B 1 1  ? -1.62100  -13.62898 -1.30566  1.000 75.42311  ? 1   DT  B C6    1 
ATOM   624  P P     . DA  B 1 2  ? -6.49803  -9.51706  -1.29800  1.000 95.53918  ? 2   DA  B P     1 
ATOM   625  O OP1   . DA  B 1 2  ? -6.06726  -8.70340  -2.46492  1.000 97.15359  ? 2   DA  B OP1   1 
ATOM   626  O OP2   . DA  B 1 2  ? -5.97524  -9.19651  0.05588   1.000 89.15250  ? 2   DA  B OP2   1 
ATOM   627  O "O5'" . DA  B 1 2  ? -8.10816  -9.57873  -1.25078  1.000 93.62918  ? 2   DA  B "O5'" 1 
ATOM   628  C "C5'" . DA  B 1 2  ? -8.86410  -10.02607 -2.40569  1.000 90.51567  ? 2   DA  B "C5'" 1 
ATOM   629  C "C4'" . DA  B 1 2  ? -10.00078 -10.98073 -2.01735  1.000 87.00607  ? 2   DA  B "C4'" 1 
ATOM   630  O "O4'" . DA  B 1 2  ? -9.45559  -12.26652 -1.67025  1.000 83.91212  ? 2   DA  B "O4'" 1 
ATOM   631  C "C3'" . DA  B 1 2  ? -10.88828 -10.52837 -0.84917  1.000 87.07602  ? 2   DA  B "C3'" 1 
ATOM   632  O "O3'" . DA  B 1 2  ? -12.17267 -10.24777 -1.32030  1.000 87.37133  ? 2   DA  B "O3'" 1 
ATOM   633  C "C2'" . DA  B 1 2  ? -10.95655 -11.71707 0.10279   1.000 84.32362  ? 2   DA  B "C2'" 1 
ATOM   634  C "C1'" . DA  B 1 2  ? -9.87157  -12.66150 -0.37970  1.000 83.52069  ? 2   DA  B "C1'" 1 
ATOM   635  N N9    . DA  B 1 2  ? -8.71577  -12.70414 0.50271   1.000 79.95708  ? 2   DA  B N9    1 
ATOM   636  C C8    . DA  B 1 2  ? -8.42251  -11.85508 1.53189   1.000 78.80777  ? 2   DA  B C8    1 
ATOM   637  N N7    . DA  B 1 2  ? -7.31046  -12.15648 2.15775   1.000 78.83223  ? 2   DA  B N7    1 
ATOM   638  C C5    . DA  B 1 2  ? -6.85460  -13.27953 1.49230   1.000 79.25247  ? 2   DA  B C5    1 
ATOM   639  C C6    . DA  B 1 2  ? -5.71911  -14.09236 1.65880   1.000 78.26729  ? 2   DA  B C6    1 
ATOM   640  N N6    . DA  B 1 2  ? -4.79338  -13.88292 2.60218   1.000 76.95537  ? 2   DA  B N6    1 
ATOM   641  N N1    . DA  B 1 2  ? -5.56543  -15.13085 0.81647   1.000 77.36272  ? 2   DA  B N1    1 
ATOM   642  C C2    . DA  B 1 2  ? -6.49237  -15.33700 -0.12884  1.000 79.13303  ? 2   DA  B C2    1 
ATOM   643  N N3    . DA  B 1 2  ? -7.59368  -14.64128 -0.38485  1.000 80.22603  ? 2   DA  B N3    1 
ATOM   644  C C4    . DA  B 1 2  ? -7.71832  -13.62190 0.46823   1.000 79.38643  ? 2   DA  B C4    1 
ATOM   645  P P     . DT  B 1 3  ? -12.67277 -8.73634  -1.50870  1.000 89.49850  ? 3   DT  B P     1 
ATOM   646  O OP1   . DT  B 1 3  ? -12.47134 -8.39511  -2.93983  1.000 90.05445  ? 3   DT  B OP1   1 
ATOM   647  O OP2   . DT  B 1 3  ? -12.08868 -7.88222  -0.43223  1.000 80.06706  ? 3   DT  B OP2   1 
ATOM   648  O "O5'" . DT  B 1 3  ? -14.23979 -8.87395  -1.31447  1.000 80.61437  ? 3   DT  B "O5'" 1 
ATOM   649  C "C5'" . DT  B 1 3  ? -14.85803 -10.11951 -1.56407  1.000 79.26816  ? 3   DT  B "C5'" 1 
ATOM   650  C "C4'" . DT  B 1 3  ? -16.34456 -9.94276  -1.70511  1.000 75.37954  ? 3   DT  B "C4'" 1 
ATOM   651  O "O4'" . DT  B 1 3  ? -16.91530 -9.70917  -0.39825  1.000 73.57697  ? 3   DT  B "O4'" 1 
ATOM   652  C "C3'" . DT  B 1 3  ? -16.75790 -8.75655  -2.56027  1.000 74.25199  ? 3   DT  B "C3'" 1 
ATOM   653  O "O3'" . DT  B 1 3  ? -17.96975 -9.03829  -3.21233  1.000 75.36480  ? 3   DT  B "O3'" 1 
ATOM   654  C "C2'" . DT  B 1 3  ? -16.91522 -7.62946  -1.54749  1.000 71.82244  ? 3   DT  B "C2'" 1 
ATOM   655  C "C1'" . DT  B 1 3  ? -17.32803 -8.36223  -0.26978  1.000 71.21052  ? 3   DT  B "C1'" 1 
ATOM   656  N N1    . DT  B 1 3  ? -16.69496 -7.81480  0.93906   1.000 68.48110  ? 3   DT  B N1    1 
ATOM   657  C C2    . DT  B 1 3  ? -17.23196 -6.70746  1.54478   1.000 67.67257  ? 3   DT  B C2    1 
ATOM   658  O O2    . DT  B 1 3  ? -18.22222 -6.15317  1.14680   1.000 68.81423  ? 3   DT  B O2    1 
ATOM   659  N N3    . DT  B 1 3  ? -16.57161 -6.28167  2.65974   1.000 65.68565  ? 3   DT  B N3    1 
ATOM   660  C C4    . DT  B 1 3  ? -15.44767 -6.83990  3.22098   1.000 64.08375  ? 3   DT  B C4    1 
ATOM   661  O O4    . DT  B 1 3  ? -14.91971 -6.37265  4.21906   1.000 66.54236  ? 3   DT  B O4    1 
ATOM   662  C C5    . DT  B 1 3  ? -14.92377 -7.99858  2.53187   1.000 70.65401  ? 3   DT  B C5    1 
ATOM   663  C C7    . DT  B 1 3  ? -13.68432 -8.69048  3.03441   1.000 71.50426  ? 3   DT  B C7    1 
ATOM   664  C C6    . DT  B 1 3  ? -15.57066 -8.42421  1.43594   1.000 72.45632  ? 3   DT  B C6    1 
ATOM   665  P P     . DC  B 1 4  ? -18.02273 -9.05417  -4.81434  1.000 82.52518  ? 4   DC  B P     1 
ATOM   666  O OP1   . DC  B 1 4  ? -19.41511 -9.35465  -5.22596  1.000 80.39788  ? 4   DC  B OP1   1 
ATOM   667  O OP2   . DC  B 1 4  ? -16.88571 -9.85520  -5.31265  1.000 81.77146  ? 4   DC  B OP2   1 
ATOM   668  O "O5'" . DC  B 1 4  ? -17.72200 -7.54443  -5.19238  1.000 82.13128  ? 4   DC  B "O5'" 1 
ATOM   669  C "C5'" . DC  B 1 4  ? -18.59000 -6.54825  -4.73591  1.000 76.79191  ? 4   DC  B "C5'" 1 
ATOM   670  C "C4'" . DC  B 1 4  ? -17.96848 -5.19065  -4.91442  1.000 73.95670  ? 4   DC  B "C4'" 1 
ATOM   671  O "O4'" . DC  B 1 4  ? -17.04911 -4.93534  -3.86467  1.000 71.30255  ? 4   DC  B "O4'" 1 
ATOM   672  C "C3'" . DC  B 1 4  ? -17.15083 -5.00634  -6.17878  1.000 74.36670  ? 4   DC  B "C3'" 1 
ATOM   673  O "O3'" . DC  B 1 4  ? -17.97531 -4.43538  -7.16405  1.000 80.03051  ? 4   DC  B "O3'" 1 
ATOM   674  C "C2'" . DC  B 1 4  ? -16.03891 -4.03113  -5.74475  1.000 70.76692  ? 4   DC  B "C2'" 1 
ATOM   675  C "C1'" . DC  B 1 4  ? -16.32200 -3.82304  -4.25249  1.000 67.44227  ? 4   DC  B "C1'" 1 
ATOM   676  N N1    . DC  B 1 4  ? -15.14146 -3.79799  -3.43988  1.000 66.13496  ? 4   DC  B N1    1 
ATOM   677  C C2    . DC  B 1 4  ? -14.88404 -2.69932  -2.62543  1.000 66.78199  ? 4   DC  B C2    1 
ATOM   678  O O2    . DC  B 1 4  ? -15.67173 -1.74721  -2.61597  1.000 63.88066  ? 4   DC  B O2    1 
ATOM   679  N N3    . DC  B 1 4  ? -13.77923 -2.71098  -1.85551  1.000 67.59493  ? 4   DC  B N3    1 
ATOM   680  C C4    . DC  B 1 4  ? -12.96156 -3.75844  -1.87537  1.000 67.61790  ? 4   DC  B C4    1 
ATOM   681  N N4    . DC  B 1 4  ? -11.87691 -3.71364  -1.09985  1.000 61.76247  ? 4   DC  B N4    1 
ATOM   682  C C5    . DC  B 1 4  ? -13.21227 -4.89049  -2.70203  1.000 70.27769  ? 4   DC  B C5    1 
ATOM   683  C C6    . DC  B 1 4  ? -14.30877 -4.86915  -3.45555  1.000 69.35938  ? 4   DC  B C6    1 
ATOM   684  P P     . DC  B 1 5  ? -17.52294 -4.41687  -8.70025  1.000 85.76918  ? 5   DC  B P     1 
ATOM   685  O OP1   . DC  B 1 5  ? -18.68994 -4.78589  -9.51783  1.000 80.41278  ? 5   DC  B OP1   1 
ATOM   686  O OP2   . DC  B 1 5  ? -16.22606 -5.12569  -8.86844  1.000 80.01598  ? 5   DC  B OP2   1 
ATOM   687  O "O5'" . DC  B 1 5  ? -17.21461 -2.89682  -8.95701  1.000 76.59179  ? 5   DC  B "O5'" 1 
ATOM   688  C "C5'" . DC  B 1 5  ? -16.13524 -2.56939  -9.77193  1.000 77.84357  ? 5   DC  B "C5'" 1 
ATOM   689  C "C4'" . DC  B 1 5  ? -15.76739 -1.13460  -9.54834  1.000 77.66433  ? 5   DC  B "C4'" 1 
ATOM   690  O "O4'" . DC  B 1 5  ? -14.82323 -1.03963  -8.47692  1.000 75.04931  ? 5   DC  B "O4'" 1 
ATOM   691  C "C3'" . DC  B 1 5  ? -15.12618 -0.44846  -10.74019 1.000 78.86316  ? 5   DC  B "C3'" 1 
ATOM   692  O "O3'" . DC  B 1 5  ? -15.95596 0.55476   -11.14434 1.000 85.14743  ? 5   DC  B "O3'" 1 
ATOM   693  C "C2'" . DC  B 1 5  ? -13.81945 0.12500   -10.19783 1.000 76.41504  ? 5   DC  B "C2'" 1 
ATOM   694  C "C1'" . DC  B 1 5  ? -14.04951 0.09207   -8.69932  1.000 73.24715  ? 5   DC  B "C1'" 1 
ATOM   695  N N1    . DC  B 1 5  ? -12.83645 -0.07683  -7.98786  1.000 70.53714  ? 5   DC  B N1    1 
ATOM   696  C C2    . DC  B 1 5  ? -12.44779 0.87629   -7.07838  1.000 67.08383  ? 5   DC  B C2    1 
ATOM   697  O O2    . DC  B 1 5  ? -13.18429 1.84376   -6.87454  1.000 64.96654  ? 5   DC  B O2    1 
ATOM   698  N N3    . DC  B 1 5  ? -11.28311 0.70315   -6.42439  1.000 64.18291  ? 5   DC  B N3    1 
ATOM   699  C C4    . DC  B 1 5  ? -10.52666 -0.36158  -6.67731  1.000 64.04823  ? 5   DC  B C4    1 
ATOM   700  N N4    . DC  B 1 5  ? -9.38618  -0.48766  -6.01065  1.000 64.71093  ? 5   DC  B N4    1 
ATOM   701  C C5    . DC  B 1 5  ? -10.90738 -1.34299  -7.62148  1.000 67.27738  ? 5   DC  B C5    1 
ATOM   702  C C6    . DC  B 1 5  ? -12.05945 -1.15925  -8.25254  1.000 71.24621  ? 5   DC  B C6    1 
ATOM   703  P P     . DC  B 1 6  ? -16.33340 0.67884   -12.68111 1.000 88.71297  ? 6   DC  B P     1 
ATOM   704  O OP1   . DC  B 1 6  ? -17.80498 0.52959   -12.77254 1.000 88.52441  ? 6   DC  B OP1   1 
ATOM   705  O OP2   . DC  B 1 6  ? -15.37189 -0.18324  -13.41638 1.000 83.56727  ? 6   DC  B OP2   1 
ATOM   706  O "O5'" . DC  B 1 6  ? -15.95971 2.17003   -13.02394 1.000 86.77096  ? 6   DC  B "O5'" 1 
ATOM   707  C "C5'" . DC  B 1 6  ? -14.72427 2.43716   -13.56057 1.000 83.05985  ? 6   DC  B "C5'" 1 
ATOM   708  C "C4'" . DC  B 1 6  ? -14.29284 3.81253   -13.16001 1.000 84.71552  ? 6   DC  B "C4'" 1 
ATOM   709  O "O4'" . DC  B 1 6  ? -13.19474 3.69812   -12.25628 1.000 77.21167  ? 6   DC  B "O4'" 1 
ATOM   710  C "C3'" . DC  B 1 6  ? -13.80072 4.67359   -14.31507 1.000 87.31324  ? 6   DC  B "C3'" 1 
ATOM   711  O "O3'" . DC  B 1 6  ? -14.76409 5.66182   -14.62543 1.000 102.68918 ? 6   DC  B "O3'" 1 
ATOM   712  C "C2'" . DC  B 1 6  ? -12.51118 5.30591   -13.80271 1.000 80.09842  ? 6   DC  B "C2'" 1 
ATOM   713  C "C1'" . DC  B 1 6  ? -12.42546 4.84671   -12.35446 1.000 75.43545  ? 6   DC  B "C1'" 1 
ATOM   714  N N1    . DC  B 1 6  ? -11.11166 4.49547   -12.02263 1.000 70.82697  ? 6   DC  B N1    1 
ATOM   715  C C2    . DC  B 1 6  ? -10.45120 5.20658   -11.06459 1.000 67.09607  ? 6   DC  B C2    1 
ATOM   716  O O2    . DC  B 1 6  ? -11.03635 6.12072   -10.49233 1.000 63.82135  ? 6   DC  B O2    1 
ATOM   717  N N3    . DC  B 1 6  ? -9.18386  4.86750   -10.77616 1.000 66.00720  ? 6   DC  B N3    1 
ATOM   718  C C4    . DC  B 1 6  ? -8.58742  3.87759   -11.42528 1.000 64.76903  ? 6   DC  B C4    1 
ATOM   719  N N4    . DC  B 1 6  ? -7.33049  3.58641   -11.10142 1.000 62.94372  ? 6   DC  B N4    1 
ATOM   720  C C5    . DC  B 1 6  ? -9.25558  3.13700   -12.42470 1.000 69.19031  ? 6   DC  B C5    1 
ATOM   721  C C6    . DC  B 1 6  ? -10.50713 3.48389   -12.69409 1.000 71.68282  ? 6   DC  B C6    1 
ATOM   722  P P     . DC  B 1 7  ? -14.90484 6.19961   -16.13435 1.000 111.77918 ? 7   DC  B P     1 
ATOM   723  O OP1   . DC  B 1 7  ? -15.55638 7.53463   -16.03863 1.000 101.12918 ? 7   DC  B OP1   1 
ATOM   724  O OP2   . DC  B 1 7  ? -15.47705 5.09019   -16.93920 1.000 101.15908 ? 7   DC  B OP2   1 
ATOM   725  O "O5'" . DC  B 1 7  ? -13.39740 6.33860   -16.64453 1.000 94.87918  ? 7   DC  B "O5'" 1 
ATOM   726  C "C5'" . DC  B 1 7  ? -13.02818 7.41232   -17.47212 1.000 94.17918  ? 7   DC  B "C5'" 1 
ATOM   727  C "C4'" . DC  B 1 7  ? -12.70993 8.64794   -16.64741 1.000 91.38283  ? 7   DC  B "C4'" 1 
ATOM   728  O "O4'" . DC  B 1 7  ? -11.47716 8.44657   -15.90527 1.000 85.80047  ? 7   DC  B "O4'" 1 
ATOM   729  C "C3'" . DC  B 1 7  ? -12.49898 9.91705   -17.46302 1.000 90.54062  ? 7   DC  B "C3'" 1 
ATOM   730  O "O3'" . DC  B 1 7  ? -13.16562 10.99131  -16.85075 1.000 95.57954  ? 7   DC  B "O3'" 1 
ATOM   731  C "C2'" . DC  B 1 7  ? -10.98759 10.11022  -17.43129 1.000 85.72305  ? 7   DC  B "C2'" 1 
ATOM   732  C "C1'" . DC  B 1 7  ? -10.64825 9.57066   -16.06053 1.000 81.06000  ? 7   DC  B "C1'" 1 
ATOM   733  N N1    . DC  B 1 7  ? -9.24231  9.12755   -15.94447 1.000 76.97987  ? 7   DC  B N1    1 
ATOM   734  C C2    . DC  B 1 7  ? -8.41268  9.68116   -14.97281 1.000 71.36614  ? 7   DC  B C2    1 
ATOM   735  O O2    . DC  B 1 7  ? -8.85742  10.53901  -14.21219 1.000 69.74964  ? 7   DC  B O2    1 
ATOM   736  N N3    . DC  B 1 7  ? -7.14230  9.25066   -14.88783 1.000 69.25254  ? 7   DC  B N3    1 
ATOM   737  C C4    . DC  B 1 7  ? -6.68787  8.33050   -15.72786 1.000 67.65015  ? 7   DC  B C4    1 
ATOM   738  N N4    . DC  B 1 7  ? -5.41669  7.95072   -15.60782 1.000 65.64377  ? 7   DC  B N4    1 
ATOM   739  C C5    . DC  B 1 7  ? -7.51245  7.75503   -16.72339 1.000 69.62059  ? 7   DC  B C5    1 
ATOM   740  C C6    . DC  B 1 7  ? -8.76975  8.18118   -16.79910 1.000 75.45153  ? 7   DC  B C6    1 
ATOM   741  P P     . DA  B 1 8  ? -14.17529 11.89170  -17.71343 1.000 101.01969 ? 8   DA  B P     1 
ATOM   742  O OP1   . DA  B 1 8  ? -15.54406 11.46475  -17.33016 1.000 100.84013 ? 8   DA  B OP1   1 
ATOM   743  O OP2   . DA  B 1 8  ? -13.73889 11.88428  -19.13400 1.000 92.53569  ? 8   DA  B OP2   1 
ATOM   744  O "O5'" . DA  B 1 8  ? -13.87487 13.36443  -17.21650 1.000 94.79283  ? 8   DA  B "O5'" 1 
ATOM   745  C "C5'" . DA  B 1 8  ? -13.00551 14.16992  -17.96604 1.000 93.55208  ? 8   DA  B "C5'" 1 
ATOM   746  C "C4'" . DA  B 1 8  ? -12.38661 15.21688  -17.08104 1.000 96.42854  ? 8   DA  B "C4'" 1 
ATOM   747  O "O4'" . DA  B 1 8  ? -11.29103 14.62496  -16.33486 1.000 95.94650  ? 8   DA  B "O4'" 1 
ATOM   748  C "C3'" . DA  B 1 8  ? -11.80049 16.41127  -17.82295 1.000 99.16533  ? 8   DA  B "C3'" 1 
ATOM   749  O "O3'" . DA  B 1 8  ? -12.05312 17.62285  -17.07981 1.000 110.46918 ? 8   DA  B "O3'" 1 
ATOM   750  C "C2'" . DA  B 1 8  ? -10.31043 16.06971  -17.88323 1.000 93.31607  ? 8   DA  B "C2'" 1 
ATOM   751  C "C1'" . DA  B 1 8  ? -10.11350 15.38234  -16.54483 1.000 94.45388  ? 8   DA  B "C1'" 1 
ATOM   752  N N9    . DA  B 1 8  ? -8.95395  14.48060  -16.48481 1.000 89.54492  ? 8   DA  B N9    1 
ATOM   753  C C8    . DA  B 1 8  ? -7.96098  14.47473  -15.54161 1.000 85.13950  ? 8   DA  B C8    1 
ATOM   754  N N7    . DA  B 1 8  ? -7.05587  13.54270  -15.73153 1.000 79.95473  ? 8   DA  B N7    1 
ATOM   755  C C5    . DA  B 1 8  ? -7.48674  12.88878  -16.87128 1.000 82.59738  ? 8   DA  B C5    1 
ATOM   756  C C6    . DA  B 1 8  ? -6.96725  11.79695  -17.59746 1.000 82.29085  ? 8   DA  B C6    1 
ATOM   757  N N6    . DA  B 1 8  ? -5.84725  11.15749  -17.25296 1.000 82.14545  ? 8   DA  B N6    1 
ATOM   758  N N1    . DA  B 1 8  ? -7.63818  11.39010  -18.69698 1.000 82.93246  ? 8   DA  B N1    1 
ATOM   759  C C2    . DA  B 1 8  ? -8.75568  12.03217  -19.03896 1.000 86.80135  ? 8   DA  B C2    1 
ATOM   760  N N3    . DA  B 1 8  ? -9.34822  13.06379  -18.43375 1.000 88.85907  ? 8   DA  B N3    1 
ATOM   761  C C4    . DA  B 1 8  ? -8.65621  13.44925  -17.34959 1.000 87.26449  ? 8   DA  B C4    1 
ATOM   762  P P     . DC  B 1 9  ? -13.30997 18.56239  -17.44952 1.000 99.30411  ? 9   DC  B P     1 
ATOM   763  O OP1   . DC  B 1 9  ? -14.41231 17.67449  -17.89262 1.000 96.40687  ? 9   DC  B OP1   1 
ATOM   764  O OP2   . DC  B 1 9  ? -12.84576 19.62730  -18.36431 1.000 101.01454 ? 9   DC  B OP2   1 
ATOM   765  O "O5'" . DC  B 1 9  ? -13.69787 19.24664  -16.06094 1.000 92.80705  ? 9   DC  B "O5'" 1 
ATOM   766  C "C5'" . DC  B 1 9  ? -12.88161 20.24686  -15.50264 1.000 91.17406  ? 9   DC  B "C5'" 1 
ATOM   767  C "C4'" . DC  B 1 9  ? -13.73919 21.17441  -14.69071 1.000 90.88505  ? 9   DC  B "C4'" 1 
ATOM   768  O "O4'" . DC  B 1 9  ? -14.47069 22.03420  -15.58684 1.000 91.67716  ? 9   DC  B "O4'" 1 
ATOM   769  C "C3'" . DC  B 1 9  ? -14.80304 20.46130  -13.88789 1.000 88.76220  ? 9   DC  B "C3'" 1 
ATOM   770  O "O3'" . DC  B 1 9  ? -14.28199 20.12052  -12.62843 1.000 92.15431  ? 9   DC  B "O3'" 1 
ATOM   771  C "C2'" . DC  B 1 9  ? -15.90380 21.50810  -13.76841 1.000 83.60967  ? 9   DC  B "C2'" 1 
ATOM   772  C "C1'" . DC  B 1 9  ? -15.77057 22.27703  -15.07306 1.000 86.58106  ? 9   DC  B "C1'" 1 
ATOM   773  N N1    . DC  B 1 9  ? -16.77624 21.90462  -16.11512 1.000 83.36480  ? 9   DC  B N1    1 
ATOM   774  C C2    . DC  B 1 9  ? -18.05232 22.47300  -16.07614 1.000 76.46144  ? 9   DC  B C2    1 
ATOM   775  O O2    . DC  B 1 9  ? -18.33840 23.24387  -15.15792 1.000 75.12423  ? 9   DC  B O2    1 
ATOM   776  N N3    . DC  B 1 9  ? -18.94120 22.14789  -17.03169 1.000 70.42921  ? 9   DC  B N3    1 
ATOM   777  C C4    . DC  B 1 9  ? -18.60319 21.31025  -17.99875 1.000 74.90648  ? 9   DC  B C4    1 
ATOM   778  N N4    . DC  B 1 9  ? -19.52193 21.02359  -18.92214 1.000 73.45339  ? 9   DC  B N4    1 
ATOM   779  C C5    . DC  B 1 9  ? -17.30496 20.73036  -18.07161 1.000 81.51101  ? 9   DC  B C5    1 
ATOM   780  C C6    . DC  B 1 9  ? -16.42898 21.05213  -17.11694 1.000 82.91527  ? 9   DC  B C6    1 
ATOM   781  P P     . DA  B 1 10 ? -15.15247 19.24407  -11.60587 1.000 101.77615 ? 10  DA  B P     1 
ATOM   782  O OP1   . DA  B 1 10 ? -16.49471 18.98594  -12.17446 1.000 94.02835  ? 10  DA  B OP1   1 
ATOM   783  O OP2   . DA  B 1 10 ? -15.01663 19.87628  -10.27706 1.000 102.23582 ? 10  DA  B OP2   1 
ATOM   784  O "O5'" . DA  B 1 10 ? -14.40383 17.83788  -11.58405 1.000 100.57276 ? 10  DA  B "O5'" 1 
ATOM   785  C "C5'" . DA  B 1 10 ? -14.29952 17.06740  -12.76999 1.000 97.05633  ? 10  DA  B "C5'" 1 
ATOM   786  C "C4'" . DA  B 1 10 ? -12.96063 16.36640  -12.81340 1.000 99.07609  ? 10  DA  B "C4'" 1 
ATOM   787  O "O4'" . DA  B 1 10 ? -11.94406 17.32528  -13.16542 1.000 101.87436 ? 10  DA  B "O4'" 1 
ATOM   788  C "C3'" . DA  B 1 10 ? -12.52544 15.75308  -11.47653 1.000 100.49449 ? 10  DA  B "C3'" 1 
ATOM   789  O "O3'" . DA  B 1 10 ? -12.56403 14.32489  -11.55696 1.000 100.37033 ? 10  DA  B "O3'" 1 
ATOM   790  C "C2'" . DA  B 1 10 ? -11.09407 16.27349  -11.24772 1.000 100.60386 ? 10  DA  B "C2'" 1 
ATOM   791  C "C1'" . DA  B 1 10 ? -10.73363 16.95613  -12.56485 1.000 100.49639 ? 10  DA  B "C1'" 1 
ATOM   792  N N9    . DA  B 1 10 ? -9.95398  18.16468  -12.37940 1.000 101.55577 ? 10  DA  B N9    1 
ATOM   793  C C8    . DA  B 1 10 ? -10.40220 19.35170  -11.88392 1.000 102.33517 ? 10  DA  B C8    1 
ATOM   794  N N7    . DA  B 1 10 ? -9.48035  20.28123  -11.82592 1.000 105.80992 ? 10  DA  B N7    1 
ATOM   795  C C5    . DA  B 1 10 ? -8.34929  19.65993  -12.31939 1.000 101.08216 ? 10  DA  B C5    1 
ATOM   796  C C6    . DA  B 1 10 ? -7.03437  20.11245  -12.51447 1.000 100.01421 ? 10  DA  B C6    1 
ATOM   797  N N6    . DA  B 1 10 ? -6.63374  21.35612  -12.22007 1.000 101.36164 ? 10  DA  B N6    1 
ATOM   798  N N1    . DA  B 1 10 ? -6.14442  19.23864  -13.02746 1.000 99.34689  ? 10  DA  B N1    1 
ATOM   799  C C2    . DA  B 1 10 ? -6.55352  17.99824  -13.32061 1.000 99.23914  ? 10  DA  B C2    1 
ATOM   800  N N3    . DA  B 1 10 ? -7.76413  17.45813  -13.17796 1.000 101.17290 ? 10  DA  B N3    1 
ATOM   801  C C4    . DA  B 1 10 ? -8.62301  18.35193  -12.66772 1.000 101.88123 ? 10  DA  B C4    1 
ATOM   802  P P     . DC  B 1 11 ? -13.03448 13.43074  -10.30488 1.000 88.44211  ? 11  DC  B P     1 
ATOM   803  O OP1   . DC  B 1 11 ? -14.36297 13.92372  -9.88484  1.000 95.58015  ? 11  DC  B OP1   1 
ATOM   804  O OP2   . DC  B 1 11 ? -11.91683 13.42834  -9.33242  1.000 86.03638  ? 11  DC  B OP2   1 
ATOM   805  O "O5'" . DC  B 1 11 ? -13.22047 11.97322  -10.94354 1.000 84.13326  ? 11  DC  B "O5'" 1 
ATOM   806  C "C5'" . DC  B 1 11 ? -13.94602 11.82456  -12.17405 1.000 87.64477  ? 11  DC  B "C5'" 1 
ATOM   807  C "C4'" . DC  B 1 11 ? -13.80879 10.41576  -12.70397 1.000 84.92612  ? 11  DC  B "C4'" 1 
ATOM   808  O "O4'" . DC  B 1 11 ? -12.45741 10.22367  -13.17775 1.000 79.39979  ? 11  DC  B "O4'" 1 
ATOM   809  C "C3'" . DC  B 1 11 ? -14.01562 9.36595   -11.64336 1.000 87.91176  ? 11  DC  B "C3'" 1 
ATOM   810  O "O3'" . DC  B 1 11 ? -15.37605 8.97840   -11.60192 1.000 93.49477  ? 11  DC  B "O3'" 1 
ATOM   811  C "C2'" . DC  B 1 11 ? -13.10058 8.22631   -12.06635 1.000 83.20913  ? 11  DC  B "C2'" 1 
ATOM   812  C "C1'" . DC  B 1 11 ? -11.97539 8.95139   -12.79664 1.000 80.15576  ? 11  DC  B "C1'" 1 
ATOM   813  N N1    . DC  B 1 11 ? -10.70244 9.12743   -12.01675 1.000 72.37326  ? 11  DC  B N1    1 
ATOM   814  C C2    . DC  B 1 11 ? -9.65629  8.23734   -12.21898 1.000 67.68238  ? 11  DC  B C2    1 
ATOM   815  O O2    . DC  B 1 11 ? -9.81668  7.30359   -12.99796 1.000 67.27600  ? 11  DC  B O2    1 
ATOM   816  N N3    . DC  B 1 11 ? -8.49768  8.41444   -11.54809 1.000 64.56904  ? 11  DC  B N3    1 
ATOM   817  C C4    . DC  B 1 11 ? -8.35561  9.43333   -10.71881 1.000 64.32573  ? 11  DC  B C4    1 
ATOM   818  N N4    . DC  B 1 11 ? -7.19195  9.55558   -10.07429 1.000 59.33012  ? 11  DC  B N4    1 
ATOM   819  C C5    . DC  B 1 11 ? -9.40950  10.36565  -10.49961 1.000 67.63130  ? 11  DC  B C5    1 
ATOM   820  C C6    . DC  B 1 11 ? -10.55252 10.18226  -11.17245 1.000 70.93489  ? 11  DC  B C6    1 
ATOM   821  P P     . DC  B 1 12 ? -16.18843 9.13145   -10.21528 1.000 113.01918 ? 12  DC  B P     1 
ATOM   822  O OP1   . DC  B 1 12 ? -17.45525 9.80370   -10.57866 1.000 109.33353 ? 12  DC  B OP1   1 
ATOM   823  O OP2   . DC  B 1 12 ? -15.33204 9.68589   -9.12649  1.000 84.80774  ? 12  DC  B OP2   1 
ATOM   824  O "O5'" . DC  B 1 12 ? -16.50949 7.63063   -9.80018  1.000 92.16918  ? 12  DC  B "O5'" 1 
ATOM   825  C "C5'" . DC  B 1 12 ? -16.62682 6.64342   -10.79221 1.000 88.32918  ? 12  DC  B "C5'" 1 
ATOM   826  C "C4'" . DC  B 1 12 ? -16.16352 5.32099   -10.24163 1.000 85.57479  ? 12  DC  B "C4'" 1 
ATOM   827  O "O4'" . DC  B 1 12 ? -14.73108 5.30114   -10.17829 1.000 80.76609  ? 12  DC  B "O4'" 1 
ATOM   828  C "C3'" . DC  B 1 12 ? -16.56551 5.05781   -8.80853  1.000 82.72398  ? 12  DC  B "C3'" 1 
ATOM   829  O "O3'" . DC  B 1 12 ? -17.90866 4.61301   -8.75955  1.000 79.77558  ? 12  DC  B "O3'" 1 
ATOM   830  C "C2'" . DC  B 1 12 ? -15.59057 3.94549   -8.43578  1.000 79.03307  ? 12  DC  B "C2'" 1 
ATOM   831  C "C1'" . DC  B 1 12 ? -14.35998 4.27765   -9.29653  1.000 75.80508  ? 12  DC  B "C1'" 1 
ATOM   832  N N1    . DC  B 1 12 ? -13.22314 4.70425   -8.49282  1.000 70.47167  ? 12  DC  B N1    1 
ATOM   833  C C2    . DC  B 1 12 ? -12.08947 3.92336   -8.48674  1.000 67.10181  ? 12  DC  B C2    1 
ATOM   834  O O2    . DC  B 1 12 ? -12.06102 2.91806   -9.19602  1.000 69.15013  ? 12  DC  B O2    1 
ATOM   835  N N3    . DC  B 1 12 ? -11.05315 4.28191   -7.71743  1.000 63.04772  ? 12  DC  B N3    1 
ATOM   836  C C4    . DC  B 1 12 ? -11.12766 5.35587   -6.97067  1.000 64.14971  ? 12  DC  B C4    1 
ATOM   837  N N4    . DC  B 1 12 ? -10.07825 5.65208   -6.21032  1.000 61.21524  ? 12  DC  B N4    1 
ATOM   838  C C5    . DC  B 1 12 ? -12.28644 6.17326   -6.95324  1.000 69.29541  ? 12  DC  B C5    1 
ATOM   839  C C6    . DC  B 1 12 ? -13.30918 5.80556   -7.72008  1.000 71.73610  ? 12  DC  B C6    1 
ATOM   840  P P     . DC  B 1 13 ? -18.75687 4.68735   -7.39698  1.000 86.50715  ? 13  DC  B P     1 
ATOM   841  O OP1   . DC  B 1 13 ? -20.13783 4.94862   -7.84503  1.000 90.54501  ? 13  DC  B OP1   1 
ATOM   842  O OP2   . DC  B 1 13 ? -18.12082 5.51775   -6.34510  1.000 81.29772  ? 13  DC  B OP2   1 
ATOM   843  O "O5'" . DC  B 1 13 ? -18.72130 3.18940   -6.86633  1.000 81.29191  ? 13  DC  B "O5'" 1 
ATOM   844  C "C5'" . DC  B 1 13 ? -18.90837 2.14247   -7.77734  1.000 77.51503  ? 13  DC  B "C5'" 1 
ATOM   845  C "C4'" . DC  B 1 13 ? -18.32904 0.86571   -7.23114  1.000 74.93716  ? 13  DC  B "C4'" 1 
ATOM   846  O "O4'" . DC  B 1 13 ? -16.94257 1.04074   -6.92116  1.000 72.81824  ? 13  DC  B "O4'" 1 
ATOM   847  C "C3'" . DC  B 1 13 ? -18.92276 0.43196   -5.92781  1.000 75.84239  ? 13  DC  B "C3'" 1 
ATOM   848  O "O3'" . DC  B 1 13 ? -20.10436 -0.22234  -6.20503  1.000 77.28952  ? 13  DC  B "O3'" 1 
ATOM   849  C "C2'" . DC  B 1 13 ? -17.85416 -0.53167  -5.41302  1.000 73.23090  ? 13  DC  B "C2'" 1 
ATOM   850  C "C1'" . DC  B 1 13 ? -16.56281 0.03294   -6.02731  1.000 70.57866  ? 13  DC  B "C1'" 1 
ATOM   851  N N1    . DC  B 1 13 ? -15.66035 0.60821   -5.01987  1.000 68.69634  ? 13  DC  B N1    1 
ATOM   852  C C2    . DC  B 1 13 ? -14.48301 -0.05881  -4.70669  1.000 67.40335  ? 13  DC  B C2    1 
ATOM   853  O O2    . DC  B 1 13 ? -14.21021 -1.09467  -5.30656  1.000 65.59491  ? 13  DC  B O2    1 
ATOM   854  N N3    . DC  B 1 13 ? -13.66840 0.45318   -3.76349  1.000 64.78471  ? 13  DC  B N3    1 
ATOM   855  C C4    . DC  B 1 13 ? -14.00190 1.56395   -3.12566  1.000 64.48245  ? 13  DC  B C4    1 
ATOM   856  N N4    . DC  B 1 13 ? -13.15923 2.03056   -2.19182  1.000 61.56261  ? 13  DC  B N4    1 
ATOM   857  C C5    . DC  B 1 13 ? -15.20599 2.26132   -3.42950  1.000 68.40558  ? 13  DC  B C5    1 
ATOM   858  C C6    . DC  B 1 13 ? -16.00455 1.74212   -4.36866  1.000 65.86789  ? 13  DC  B C6    1 
ATOM   859  P P     . DC  B 1 14 ? -21.25087 -0.35706  -5.10608  1.000 80.92120  ? 14  DC  B P     1 
ATOM   860  O OP1   . DC  B 1 14 ? -22.46550 -0.57385  -5.91666  1.000 82.90221  ? 14  DC  B OP1   1 
ATOM   861  O OP2   . DC  B 1 14 ? -21.19620 0.69765   -4.06707  1.000 75.24918  ? 14  DC  B OP2   1 
ATOM   862  O "O5'" . DC  B 1 14 ? -20.87497 -1.71602  -4.38586  1.000 75.75716  ? 14  DC  B "O5'" 1 
ATOM   863  C "C5'" . DC  B 1 14 ? -21.12334 -1.87393  -3.03758  1.000 74.88151  ? 14  DC  B "C5'" 1 
ATOM   864  C "C4'" . DC  B 1 14 ? -20.51279 -3.17375  -2.57668  1.000 75.56286  ? 14  DC  B "C4'" 1 
ATOM   865  O "O4'" . DC  B 1 14 ? -19.11365 -2.96228  -2.29836  1.000 70.04141  ? 14  DC  B "O4'" 1 
ATOM   866  C "C3'" . DC  B 1 14 ? -21.10072 -3.73943  -1.30825  1.000 62.44050  ? 14  DC  B "C3'" 1 
ATOM   867  O "O3'" . DC  B 1 14 ? -22.18706 -4.61491  -1.64127  1.000 75.85551  ? 14  DC  B "O3'" 1 
ATOM   868  C "C2'" . DC  B 1 14 ? -19.93782 -4.54034  -0.74431  1.000 67.09348  ? 14  DC  B "C2'" 1 
ATOM   869  C "C1'" . DC  B 1 14 ? -18.69196 -3.87689  -1.33111  1.000 65.89361  ? 14  DC  B "C1'" 1 
ATOM   870  N N1    . DC  B 1 14 ? -17.91739 -3.16088  -0.32805  1.000 63.58647  ? 14  DC  B N1    1 
ATOM   871  C C2    . DC  B 1 14 ? -16.64304 -3.58960  -0.03357  1.000 64.75770  ? 14  DC  B C2    1 
ATOM   872  O O2    . DC  B 1 14 ? -16.18470 -4.54198  -0.66589  1.000 67.69963  ? 14  DC  B O2    1 
ATOM   873  N N3    . DC  B 1 14 ? -15.93236 -2.93773  0.91836   1.000 61.82414  ? 14  DC  B N3    1 
ATOM   874  C C4    . DC  B 1 14 ? -16.46777 -1.90907  1.56221   1.000 64.48498  ? 14  DC  B C4    1 
ATOM   875  N N4    . DC  B 1 14 ? -15.73230 -1.28759  2.48531   1.000 64.11034  ? 14  DC  B N4    1 
ATOM   876  C C5    . DC  B 1 14 ? -17.77876 -1.45467  1.26887   1.000 69.04639  ? 14  DC  B C5    1 
ATOM   877  C C6    . DC  B 1 14 ? -18.46448 -2.11078  0.32798   1.000 67.41579  ? 14  DC  B C6    1 
ATOM   878  P P     . DT  B 1 15 ? -23.71933 -4.27354  -1.24556  1.000 77.29263  ? 15  DT  B P     1 
ATOM   879  O OP1   . DT  B 1 15 ? -24.50378 -5.48533  -1.57580  1.000 67.40331  ? 15  DT  B OP1   1 
ATOM   880  O OP2   . DT  B 1 15 ? -24.05260 -2.96388  -1.85953  1.000 77.54471  ? 15  DT  B OP2   1 
ATOM   881  O "O5'" . DT  B 1 15 ? -23.69585 -4.06246  0.33823   1.000 71.27690  ? 15  DT  B "O5'" 1 
ATOM   882  C "C5'" . DT  B 1 15 ? -24.66518 -3.21838  0.95991   1.000 73.45503  ? 15  DT  B "C5'" 1 
ATOM   883  C "C4'" . DT  B 1 15 ? -24.25361 -2.89459  2.38712   1.000 72.86170  ? 15  DT  B "C4'" 1 
ATOM   884  O "O4'" . DT  B 1 15 ? -23.72142 -4.10111  2.99977   1.000 69.25677  ? 15  DT  B "O4'" 1 
ATOM   885  C "C3'" . DT  B 1 15 ? -23.15037 -1.83269  2.52853   1.000 76.54155  ? 15  DT  B "C3'" 1 
ATOM   886  O "O3'" . DT  B 1 15 ? -23.35937 -1.02902  3.71656   1.000 80.12919  ? 15  DT  B "O3'" 1 
ATOM   887  C "C2'" . DT  B 1 15 ? -21.90097 -2.69056  2.66076   1.000 74.29338  ? 15  DT  B "C2'" 1 
ATOM   888  C "C1'" . DT  B 1 15 ? -22.44127 -3.83924  3.50754   1.000 68.90291  ? 15  DT  B "C1'" 1 
ATOM   889  N N1    . DT  B 1 15 ? -21.62475 -5.07894  3.43203   1.000 63.15639  ? 15  DT  B N1    1 
ATOM   890  C C2    . DT  B 1 15 ? -20.75828 -5.35568  4.45173   1.000 63.90434  ? 15  DT  B C2    1 
ATOM   891  O O2    . DT  B 1 15 ? -20.62217 -4.64024  5.40805   1.000 64.46923  ? 15  DT  B O2    1 
ATOM   892  N N3    . DT  B 1 15 ? -20.04014 -6.50318  4.30693   1.000 66.01729  ? 15  DT  B N3    1 
ATOM   893  C C4    . DT  B 1 15 ? -20.09854 -7.39193  3.26612   1.000 64.65528  ? 15  DT  B C4    1 
ATOM   894  O O4    . DT  B 1 15 ? -19.40282 -8.39578  3.23332   1.000 63.78517  ? 15  DT  B O4    1 
ATOM   895  C C5    . DT  B 1 15 ? -21.03323 -7.04966  2.21318   1.000 67.11028  ? 15  DT  B C5    1 
ATOM   896  C C7    . DT  B 1 15 ? -21.18956 -7.94813  1.01585   1.000 68.83802  ? 15  DT  B C7    1 
ATOM   897  C C6    . DT  B 1 15 ? -21.74103 -5.91400  2.34378   1.000 65.27759  ? 15  DT  B C6    1 
ATOM   898  P P     . DA  B 1 16 ? -22.92505 0.52157   3.73397   1.000 90.39303  ? 16  DA  B P     1 
ATOM   899  O OP1   . DA  B 1 16 ? -24.08163 1.25083   3.17388   1.000 88.82254  ? 16  DA  B OP1   1 
ATOM   900  O OP2   . DA  B 1 16 ? -21.57694 0.65808   3.12960   1.000 81.86746  ? 16  DA  B OP2   1 
ATOM   901  O "O5'" . DA  B 1 16 ? -22.80776 0.89755   5.28435   1.000 95.27134  ? 16  DA  B "O5'" 1 
ATOM   902  C "C5'" . DA  B 1 16 ? -21.90816 0.19029   6.12673   1.000 100.63835 ? 16  DA  B "C5'" 1 
ATOM   903  C "C4'" . DA  B 1 16 ? -20.89687 1.13181   6.76677   1.000 105.62053 ? 16  DA  B "C4'" 1 
ATOM   904  O "O4'" . DA  B 1 16 ? -21.57036 2.26797   7.35081   1.000 111.01495 ? 16  DA  B "O4'" 1 
ATOM   905  C "C3'" . DA  B 1 16 ? -20.07091 0.52667   7.89037   1.000 103.93303 ? 16  DA  B "C3'" 1 
ATOM   906  O "O3'" . DA  B 1 16 ? -18.73764 1.09777   7.94042   1.000 98.00047  ? 16  DA  B "O3'" 1 
ATOM   907  C "C2'" . DA  B 1 16 ? -20.88715 0.84767   9.14258   1.000 114.39888 ? 16  DA  B "C2'" 1 
ATOM   908  C "C1'" . DA  B 1 16 ? -21.57245 2.16483   8.76922   1.000 121.27918 ? 16  DA  B "C1'" 1 
ATOM   909  N N9    . DA  B 1 16 ? -22.95858 2.28631   9.23364   1.000 127.75893 ? 16  DA  B N9    1 
ATOM   910  C C8    . DA  B 1 16 ? -23.50624 3.35066   9.90357   1.000 130.39937 ? 16  DA  B C8    1 
ATOM   911  N N7    . DA  B 1 16 ? -24.78194 3.20727   10.18086  1.000 132.11271 ? 16  DA  B N7    1 
ATOM   912  C C5    . DA  B 1 16 ? -25.10411 1.96475   9.64852   1.000 130.99705 ? 16  DA  B C5    1 
ATOM   913  C C6    . DA  B 1 16 ? -26.31204 1.22952   9.61564   1.000 128.39641 ? 16  DA  B C6    1 
ATOM   914  N N6    . DA  B 1 16 ? -27.46006 1.67127   10.14648  1.000 125.03918 ? 16  DA  B N6    1 
ATOM   915  N N1    . DA  B 1 16 ? -26.29205 0.01858   9.01132   1.000 129.03445 ? 16  DA  B N1    1 
ATOM   916  C C2    . DA  B 1 16 ? -25.14189 -0.41871  8.47957   1.000 127.54397 ? 16  DA  B C2    1 
ATOM   917  N N3    . DA  B 1 16 ? -23.94620 0.17716   8.45239   1.000 125.03918 ? 16  DA  B N3    1 
ATOM   918  C C4    . DA  B 1 16 ? -23.99449 1.38069   9.05973   1.000 129.18371 ? 16  DA  B C4    1 
ATOM   919  P P     . DT  B 1 17 ? -18.34799 2.50980   7.25539   1.000 97.64950  ? 17  DT  B P     1 
ATOM   920  O OP1   . DT  B 1 17 ? -18.92936 3.59221   8.07258   1.000 102.21498 ? 17  DT  B OP1   1 
ATOM   921  O OP2   . DT  B 1 17 ? -18.52996 2.52365   5.77912   1.000 94.97189  ? 17  DT  B OP2   1 
ATOM   922  O "O5'" . DT  B 1 17 ? -16.77278 2.55240   7.45982   1.000 88.09861  ? 17  DT  B "O5'" 1 
ATOM   923  C "C5'" . DT  B 1 17 ? -16.19056 1.90832   8.56716   1.000 83.94233  ? 17  DT  B "C5'" 1 
ATOM   924  C "C4'" . DT  B 1 17 ? -14.94325 1.15601   8.14901   1.000 82.44868  ? 17  DT  B "C4'" 1 
ATOM   925  O "O4'" . DT  B 1 17 ? -15.21699 -0.25879  8.12912   1.000 83.81047  ? 17  DT  B "O4'" 1 
ATOM   926  C "C3'" . DT  B 1 17 ? -14.44314 1.46637   6.75408   1.000 80.77683  ? 17  DT  B "C3'" 1 
ATOM   927  O "O3'" . DT  B 1 17 ? -13.60183 2.63686   6.78300   1.000 77.66540  ? 17  DT  B "O3'" 1 
ATOM   928  C "C2'" . DT  B 1 17 ? -13.64175 0.21254   6.41674   1.000 78.98960  ? 17  DT  B "C2'" 1 
ATOM   929  C "C1'" . DT  B 1 17 ? -14.37243 -0.88871  7.19678   1.000 80.04715  ? 17  DT  B "C1'" 1 
ATOM   930  N N1    . DT  B 1 17 ? -15.20478 -1.74126  6.35542   1.000 74.74260  ? 17  DT  B N1    1 
ATOM   931  C C2    . DT  B 1 17 ? -14.70677 -2.93295  5.92514   1.000 72.62116  ? 17  DT  B C2    1 
ATOM   932  O O2    . DT  B 1 17 ? -13.59511 -3.32089  6.20855   1.000 74.63746  ? 17  DT  B O2    1 
ATOM   933  N N3    . DT  B 1 17 ? -15.55830 -3.66640  5.15325   1.000 68.89562  ? 17  DT  B N3    1 
ATOM   934  C C4    . DT  B 1 17 ? -16.82911 -3.31987  4.78041   1.000 69.60369  ? 17  DT  B C4    1 
ATOM   935  O O4    . DT  B 1 17 ? -17.51760 -4.04500  4.08069   1.000 68.03113  ? 17  DT  B O4    1 
ATOM   936  C C5    . DT  B 1 17 ? -17.28901 -2.03785  5.27193   1.000 71.26099  ? 17  DT  B C5    1 
ATOM   937  C C7    . DT  B 1 17 ? -18.65295 -1.54041  4.93738   1.000 75.87072  ? 17  DT  B C7    1 
ATOM   938  C C6    . DT  B 1 17 ? -16.46472 -1.32736  6.02755   1.000 74.39519  ? 17  DT  B C6    1 
ATOM   939  P P     . DC  B 1 18 ? -13.68080 3.73481   5.61201   1.000 83.40339  ? 18  DC  B P     1 
ATOM   940  O OP1   . DC  B 1 18 ? -13.13237 4.97153   6.21194   1.000 82.99018  ? 18  DC  B OP1   1 
ATOM   941  O OP2   . DC  B 1 18 ? -15.00953 3.74547   4.94496   1.000 75.86308  ? 18  DC  B OP2   1 
ATOM   942  O "O5'" . DC  B 1 18 ? -12.61920 3.20460   4.56440   1.000 73.05515  ? 18  DC  B "O5'" 1 
ATOM   943  C "C5'" . DC  B 1 18 ? -11.36016 2.76911   5.02799   1.000 75.14309  ? 18  DC  B "C5'" 1 
ATOM   944  C "C4'" . DC  B 1 18 ? -10.53696 2.26423   3.86847   1.000 75.52232  ? 18  DC  B "C4'" 1 
ATOM   945  O "O4'" . DC  B 1 18 ? -11.19237 1.11200   3.32108   1.000 70.01884  ? 18  DC  B "O4'" 1 
ATOM   946  C "C3'" . DC  B 1 18 ? -10.42149 3.24369   2.70904   1.000 71.46220  ? 18  DC  B "C3'" 1 
ATOM   947  O "O3'" . DC  B 1 18 ? -9.26649  4.04917   2.86976   1.000 76.74418  ? 18  DC  B "O3'" 1 
ATOM   948  C "C2'" . DC  B 1 18 ? -10.27816 2.33642   1.50333   1.000 69.42992  ? 18  DC  B "C2'" 1 
ATOM   949  C "C1'" . DC  B 1 18 ? -11.00800 1.06646   1.93089   1.000 66.44164  ? 18  DC  B "C1'" 1 
ATOM   950  N N1    . DC  B 1 18 ? -12.30672 0.90811   1.29694   1.000 61.78906  ? 18  DC  B N1    1 
ATOM   951  C C2    . DC  B 1 18 ? -12.48103 -0.12900  0.42141   1.000 63.05542  ? 18  DC  B C2    1 
ATOM   952  O O2    . DC  B 1 18 ? -11.54221 -0.88463  0.21969   1.000 69.13378  ? 18  DC  B O2    1 
ATOM   953  N N3    . DC  B 1 18 ? -13.66882 -0.29887  -0.17166  1.000 63.73698  ? 18  DC  B N3    1 
ATOM   954  C C4    . DC  B 1 18 ? -14.65745 0.52569   0.08710   1.000 62.46890  ? 18  DC  B C4    1 
ATOM   955  N N4    . DC  B 1 18 ? -15.80402 0.30964   -0.53987  1.000 65.23065  ? 18  DC  B N4    1 
ATOM   956  C C5    . DC  B 1 18 ? -14.51078 1.61491   0.98830   1.000 62.58925  ? 18  DC  B C5    1 
ATOM   957  C C6    . DC  B 1 18 ? -13.32056 1.76937   1.56819   1.000 66.76883  ? 18  DC  B C6    1 
ATOM   958  P P     . DC  B 1 19 ? -9.11608  5.41254   2.03198   1.000 79.80147  ? 19  DC  B P     1 
ATOM   959  O OP1   . DC  B 1 19 ? -8.24186  6.27274   2.85908   1.000 79.88242  ? 19  DC  B OP1   1 
ATOM   960  O OP2   . DC  B 1 19 ? -10.47416 5.86796   1.64189   1.000 66.60674  ? 19  DC  B OP2   1 
ATOM   961  O "O5'" . DC  B 1 19 ? -8.33736  4.96282   0.70481   1.000 74.67569  ? 19  DC  B "O5'" 1 
ATOM   962  C "C5'" . DC  B 1 19 ? -7.08649  4.24904   0.80628   1.000 73.99378  ? 19  DC  B "C5'" 1 
ATOM   963  C "C4'" . DC  B 1 19 ? -6.52947  3.92372   -0.57256  1.000 71.19172  ? 19  DC  B "C4'" 1 
ATOM   964  O "O4'" . DC  B 1 19 ? -7.40310  2.97271   -1.21947  1.000 69.30826  ? 19  DC  B "O4'" 1 
ATOM   965  C "C3'" . DC  B 1 19 ? -6.44212  5.10330   -1.54108  1.000 67.46122  ? 19  DC  B "C3'" 1 
ATOM   966  O "O3'" . DC  B 1 19 ? -5.18768  5.80485   -1.37655  1.000 71.94819  ? 19  DC  B "O3'" 1 
ATOM   967  C "C2'" . DC  B 1 19 ? -6.50560  4.40758   -2.89293  1.000 66.33765  ? 19  DC  B "C2'" 1 
ATOM   968  C "C1'" . DC  B 1 19 ? -7.38240  3.18419   -2.61435  1.000 68.65217  ? 19  DC  B "C1'" 1 
ATOM   969  N N1    . DC  B 1 19 ? -8.76582  3.33430   -3.10331  1.000 64.16309  ? 19  DC  B N1    1 
ATOM   970  C C2    . DC  B 1 19 ? -9.28477  2.38610   -3.97231  1.000 63.57553  ? 19  DC  B C2    1 
ATOM   971  O O2    . DC  B 1 19 ? -8.60475  1.42016   -4.27615  1.000 65.79541  ? 19  DC  B O2    1 
ATOM   972  N N3    . DC  B 1 19 ? -10.53929 2.52292   -4.41562  1.000 64.35557  ? 19  DC  B N3    1 
ATOM   973  C C4    . DC  B 1 19 ? -11.25840 3.56723   -4.05524  1.000 63.27387  ? 19  DC  B C4    1 
ATOM   974  N N4    . DC  B 1 19 ? -12.48746 3.66350   -4.54921  1.000 65.22354  ? 19  DC  B N4    1 
ATOM   975  C C5    . DC  B 1 19 ? -10.74314 4.56871   -3.18972  1.000 61.62680  ? 19  DC  B C5    1 
ATOM   976  C C6    . DC  B 1 19 ? -9.49824  4.41486   -2.74647  1.000 62.69416  ? 19  DC  B C6    1 
ATOM   977  P P     . DC  B 1 20 ? -4.90689  7.22547   -2.09785  1.000 75.71778  ? 20  DC  B P     1 
ATOM   978  O OP1   . DC  B 1 20 ? -3.71060  7.77032   -1.42558  1.000 79.08918  ? 20  DC  B OP1   1 
ATOM   979  O OP2   . DC  B 1 20 ? -6.14353  8.03163   -2.18543  1.000 69.53414  ? 20  DC  B OP2   1 
ATOM   980  O "O5'" . DC  B 1 20 ? -4.50530  6.84319   -3.60006  1.000 68.39495  ? 20  DC  B "O5'" 1 
ATOM   981  C "C5'" . DC  B 1 20 ? -3.31980  6.10169   -3.85161  1.000 66.03119  ? 20  DC  B "C5'" 1 
ATOM   982  C "C4'" . DC  B 1 20 ? -3.15990  5.86124   -5.33561  1.000 70.60393  ? 20  DC  B "C4'" 1 
ATOM   983  O "O4'" . DC  B 1 20 ? -4.39236  5.33260   -5.85155  1.000 69.77152  ? 20  DC  B "O4'" 1 
ATOM   984  C "C3'" . DC  B 1 20 ? -2.91585  7.11055   -6.17615  1.000 67.51744  ? 20  DC  B "C3'" 1 
ATOM   985  O "O3'" . DC  B 1 20 ? -1.54997  7.41595   -6.19171  1.000 68.92235  ? 20  DC  B "O3'" 1 
ATOM   986  C "C2'" . DC  B 1 20 ? -3.37976  6.65707   -7.54679  1.000 67.14883  ? 20  DC  B "C2'" 1 
ATOM   987  C "C1'" . DC  B 1 20 ? -4.47096  5.62914   -7.22703  1.000 65.97815  ? 20  DC  B "C1'" 1 
ATOM   988  N N1    . DC  B 1 20 ? -5.81590  6.11691   -7.53006  1.000 63.48570  ? 20  DC  B N1    1 
ATOM   989  C C2    . DC  B 1 20 ? -6.60097  5.43388   -8.45461  1.000 63.30460  ? 20  DC  B C2    1 
ATOM   990  O O2    . DC  B 1 20 ? -6.16735  4.39927   -8.97284  1.000 58.55109  ? 20  DC  B O2    1 
ATOM   991  N N3    . DC  B 1 20 ? -7.83262  5.90213   -8.73038  1.000 61.85796  ? 20  DC  B N3    1 
ATOM   992  C C4    . DC  B 1 20 ? -8.27198  7.01074   -8.15797  1.000 64.08335  ? 20  DC  B C4    1 
ATOM   993  N N4    . DC  B 1 20 ? -9.50043  7.43671   -8.47948  1.000 62.13391  ? 20  DC  B N4    1 
ATOM   994  C C5    . DC  B 1 20 ? -7.47562  7.73290   -7.22602  1.000 66.55640  ? 20  DC  B C5    1 
ATOM   995  C C6    . DC  B 1 20 ? -6.26282  7.25194   -6.94726  1.000 61.80155  ? 20  DC  B C6    1 
ATOM   996  P P     . DC  B 1 21 ? -1.04757  8.93795   -6.31203  1.000 74.04748  ? 21  DC  B P     1 
ATOM   997  O OP1   . DC  B 1 21 ? -0.02064  9.15506   -5.28525  1.000 76.75934  ? 21  DC  B OP1   1 
ATOM   998  O OP2   . DC  B 1 21 ? -2.17849  9.87915   -6.39774  1.000 70.77401  ? 21  DC  B OP2   1 
ATOM   999  O "O5'" . DC  B 1 21 ? -0.39652  8.98520   -7.75219  1.000 75.33029  ? 21  DC  B "O5'" 1 
ATOM   1000 C "C5'" . DC  B 1 21 ? -1.23075  9.09678   -8.84306  1.000 70.97918  ? 21  DC  B "C5'" 1 
ATOM   1001 C "C4'" . DC  B 1 21 ? -0.71911  8.26035   -9.96661  1.000 74.99865  ? 21  DC  B "C4'" 1 
ATOM   1002 O "O4'" . DC  B 1 21 ? -1.81313  7.98728   -10.86163 1.000 73.76374  ? 21  DC  B "O4'" 1 
ATOM   1003 C "C3'" . DC  B 1 21 ? 0.30718   8.96238   -10.81326 1.000 77.83185  ? 21  DC  B "C3'" 1 
ATOM   1004 O "O3'" . DC  B 1 21 ? 1.02078   8.02301   -11.56262 1.000 88.38918  ? 21  DC  B "O3'" 1 
ATOM   1005 C "C2'" . DC  B 1 21 ? -0.57682  9.81660   -11.68655 1.000 71.51602  ? 21  DC  B "C2'" 1 
ATOM   1006 C "C1'" . DC  B 1 21 ? -1.74723  8.87079   -11.95007 1.000 70.83877  ? 21  DC  B "C1'" 1 
ATOM   1007 N N1    . DC  B 1 21 ? -3.03865  9.57626   -12.08289 1.000 66.41305  ? 21  DC  B N1    1 
ATOM   1008 C C2    . DC  B 1 21 ? -3.98629  9.12875   -13.00129 1.000 65.60461  ? 21  DC  B C2    1 
ATOM   1009 O O2    . DC  B 1 21 ? -3.76731  8.11587   -13.65557 1.000 62.84885  ? 21  DC  B O2    1 
ATOM   1010 N N3    . DC  B 1 21 ? -5.13555  9.81229   -13.13252 1.000 69.76958  ? 21  DC  B N3    1 
ATOM   1011 C C4    . DC  B 1 21 ? -5.35617  10.89785  -12.40859 1.000 68.28697  ? 21  DC  B C4    1 
ATOM   1012 N N4    . DC  B 1 21 ? -6.51802  11.53248  -12.57917 1.000 70.38300  ? 21  DC  B N4    1 
ATOM   1013 C C5    . DC  B 1 21 ? -4.40401  11.37753  -11.47401 1.000 69.39631  ? 21  DC  B C5    1 
ATOM   1014 C C6    . DC  B 1 21 ? -3.26502  10.69509  -11.35157 1.000 69.30851  ? 21  DC  B C6    1 
ATOM   1015 P P     . DA  B 1 22 ? 2.59287   7.83446   -11.30522 1.000 97.10918  ? 22  DA  B P     1 
ATOM   1016 O OP1   . DA  B 1 22 ? 2.82938   6.42241   -10.91651 1.000 90.74319  ? 22  DA  B OP1   1 
ATOM   1017 O OP2   . DA  B 1 22 ? 3.08405   9.01212   -10.54472 1.000 82.20347  ? 22  DA  B OP2   1 
ATOM   1018 O "O5'" . DA  B 1 22 ? 3.22695   7.98817   -12.73206 1.000 97.39918  ? 22  DA  B "O5'" 1 
ATOM   1019 C "C5'" . DA  B 1 22 ? 3.44126   9.24417   -13.22637 1.000 87.80918  ? 22  DA  B "C5'" 1 
ATOM   1020 C "C4'" . DA  B 1 22 ? 3.06878   9.26788   -14.66921 1.000 82.14817  ? 22  DA  B "C4'" 1 
ATOM   1021 O "O4'" . DA  B 1 22 ? 1.63726   9.46086   -14.78343 1.000 79.45758  ? 22  DA  B "O4'" 1 
ATOM   1022 C "C3'" . DA  B 1 22 ? 3.72110   10.39756  -15.44494 1.000 83.87306  ? 22  DA  B "C3'" 1 
ATOM   1023 O "O3'" . DA  B 1 22 ? 4.01927   9.97024   -16.74035 1.000 84.37114  ? 22  DA  B "O3'" 1 
ATOM   1024 C "C2'" . DA  B 1 22 ? 2.65055   11.46176  -15.44516 1.000 76.98705  ? 22  DA  B "C2'" 1 
ATOM   1025 C "C1'" . DA  B 1 22 ? 1.39730   10.62119  -15.53808 1.000 77.98508  ? 22  DA  B "C1'" 1 
ATOM   1026 N N9    . DA  B 1 22 ? 0.26419   11.31063  -14.99866 1.000 75.47538  ? 22  DA  B N9    1 
ATOM   1027 C C8    . DA  B 1 22 ? 0.27302   12.28394  -14.03858 1.000 75.99501  ? 22  DA  B C8    1 
ATOM   1028 N N7    . DA  B 1 22 ? -0.90673  12.76589  -13.77353 1.000 72.33175  ? 22  DA  B N7    1 
ATOM   1029 C C5    . DA  B 1 22 ? -1.72900  12.06606  -14.62536 1.000 69.30219  ? 22  DA  B C5    1 
ATOM   1030 C C6    . DA  B 1 22 ? -3.08986  12.11281  -14.83405 1.000 71.31807  ? 22  DA  B C6    1 
ATOM   1031 N N6    . DA  B 1 22 ? -3.89630  12.92619  -14.16127 1.000 76.33591  ? 22  DA  B N6    1 
ATOM   1032 N N1    . DA  B 1 22 ? -3.60811  11.27312  -15.75041 1.000 74.62790  ? 22  DA  B N1    1 
ATOM   1033 C C2    . DA  B 1 22 ? -2.79022  10.45077  -16.41062 1.000 71.98622  ? 22  DA  B C2    1 
ATOM   1034 N N3    . DA  B 1 22 ? -1.47931  10.33005  -16.30289 1.000 72.37548  ? 22  DA  B N3    1 
ATOM   1035 C C4    . DA  B 1 22 ? -1.01450  11.17498  -15.38809 1.000 71.27860  ? 22  DA  B C4    1 
ATOM   1036 P P     . DC  B 1 23 ? 5.47035   9.37616   -17.06194 1.000 82.29419  ? 23  DC  B P     1 
ATOM   1037 O OP1   . DC  B 1 23 ? 6.11349   9.01147   -15.77976 1.000 84.19450  ? 23  DC  B OP1   1 
ATOM   1038 O OP2   . DC  B 1 23 ? 6.12663   10.39542  -17.90933 1.000 78.57168  ? 23  DC  B OP2   1 
ATOM   1039 O "O5'" . DC  B 1 23 ? 5.13797   8.07277   -17.92507 1.000 78.13676  ? 23  DC  B "O5'" 1 
ATOM   1040 C "C5'" . DC  B 1 23 ? 4.09322   8.14306   -18.85959 1.000 78.84609  ? 23  DC  B "C5'" 1 
ATOM   1041 C "C4'" . DC  B 1 23 ? 4.13313   6.98795   -19.82806 1.000 77.52363  ? 23  DC  B "C4'" 1 
ATOM   1042 O "O4'" . DC  B 1 23 ? 5.49056   6.77961   -20.29356 1.000 73.03804  ? 23  DC  B "O4'" 1 
ATOM   1043 C "C3'" . DC  B 1 23 ? 3.66201   5.66347   -19.24647 1.000 79.61820  ? 23  DC  B "C3'" 1 
ATOM   1044 O "O3'" . DC  B 1 23 ? 2.87735   4.94607   -20.21002 1.000 88.06918  ? 23  DC  B "O3'" 1 
ATOM   1045 C "C2'" . DC  B 1 23 ? 4.96132   4.94788   -18.94579 1.000 75.18436  ? 23  DC  B "C2'" 1 
ATOM   1046 C "C1'" . DC  B 1 23 ? 5.85529   5.44791   -20.06860 1.000 73.59314  ? 23  DC  B "C1'" 1 
ATOM   1047 N N1    . DC  B 1 23 ? 7.24390   5.42020   -19.69197 1.000 72.49933  ? 23  DC  B N1    1 
ATOM   1048 C C2    . DC  B 1 23 ? 8.03690   4.39680   -20.15270 1.000 71.63775  ? 23  DC  B C2    1 
ATOM   1049 O O2    . DC  B 1 23 ? 7.54289   3.56337   -20.90629 1.000 68.45929  ? 23  DC  B O2    1 
ATOM   1050 N N3    . DC  B 1 23 ? 9.32945   4.35347   -19.77543 1.000 73.85043  ? 23  DC  B N3    1 
ATOM   1051 C C4    . DC  B 1 23 ? 9.81623   5.28114   -18.95705 1.000 72.23144  ? 23  DC  B C4    1 
ATOM   1052 N N4    . DC  B 1 23 ? 11.09948  5.19745   -18.61330 1.000 72.43262  ? 23  DC  B N4    1 
ATOM   1053 C C5    . DC  B 1 23 ? 9.00580   6.33173   -18.45650 1.000 71.00719  ? 23  DC  B C5    1 
ATOM   1054 C C6    . DC  B 1 23 ? 7.73196   6.35446   -18.83884 1.000 72.21714  ? 23  DC  B C6    1 
ATOM   1055 P P     . DA  B 1 24 ? 1.36819   4.50005   -19.86108 1.000 93.25234  ? 24  DA  B P     1 
ATOM   1056 O OP1   . DA  B 1 24 ? 1.02550   3.40475   -20.79924 1.000 81.64529  ? 24  DA  B OP1   1 
ATOM   1057 O OP2   . DA  B 1 24 ? 0.49830   5.69187   -19.79132 1.000 100.94918 ? 24  DA  B OP2   1 
ATOM   1058 O "O5'" . DA  B 1 24 ? 1.46600   4.01094   -18.35163 1.000 83.65602  ? 24  DA  B "O5'" 1 
ATOM   1059 C "C5'" . DA  B 1 24 ? 2.12146   2.83874   -18.05082 1.000 79.27281  ? 24  DA  B "C5'" 1 
ATOM   1060 C "C4'" . DA  B 1 24 ? 1.19308   1.91413   -17.31845 1.000 79.54524  ? 24  DA  B "C4'" 1 
ATOM   1061 O "O4'" . DA  B 1 24 ? 1.86860   0.66297   -17.13574 1.000 77.75046  ? 24  DA  B "O4'" 1 
ATOM   1062 C "C3'" . DA  B 1 24 ? 0.86074   2.36645   -15.91728 1.000 81.08752  ? 24  DA  B "C3'" 1 
ATOM   1063 O "O3'" . DA  B 1 24 ? -0.26715  1.63836   -15.42224 1.000 79.14656  ? 24  DA  B "O3'" 1 
ATOM   1064 C "C2'" . DA  B 1 24 ? 2.13413   1.97236   -15.18758 1.000 78.69572  ? 24  DA  B "C2'" 1 
ATOM   1065 C "C1'" . DA  B 1 24 ? 2.42072   0.62668   -15.84426 1.000 77.12569  ? 24  DA  B "C1'" 1 
ATOM   1066 N N9    . DA  B 1 24 ? 3.82905   0.28454   -15.94896 1.000 77.70191  ? 24  DA  B N9    1 
ATOM   1067 C C8    . DA  B 1 24 ? 4.90368   1.05598   -15.60696 1.000 76.03118  ? 24  DA  B C8    1 
ATOM   1068 N N7    . DA  B 1 24 ? 6.05760   0.45377   -15.78563 1.000 75.55547  ? 24  DA  B N7    1 
ATOM   1069 C C5    . DA  B 1 24 ? 5.70649   -0.80555  -16.26740 1.000 77.24327  ? 24  DA  B C5    1 
ATOM   1070 C C6    . DA  B 1 24 ? 6.46835   -1.93437  -16.65105 1.000 76.50083  ? 24  DA  B C6    1 
ATOM   1071 N N6    . DA  B 1 24 ? 7.80937   -1.97143  -16.60488 1.000 74.72811  ? 24  DA  B N6    1 
ATOM   1072 N N1    . DA  B 1 24 ? 5.79463   -3.02722  -17.08720 1.000 69.31126  ? 24  DA  B N1    1 
ATOM   1073 C C2    . DA  B 1 24 ? 4.46369   -2.98293  -17.13988 1.000 72.30988  ? 24  DA  B C2    1 
ATOM   1074 N N3    . DA  B 1 24 ? 3.64583   -1.99229  -16.80028 1.000 73.91879  ? 24  DA  B N3    1 
ATOM   1075 C C4    . DA  B 1 24 ? 4.33838   -0.92248  -16.36852 1.000 77.06157  ? 24  DA  B C4    1 
ATOM   1076 P P     . DC  B 1 25 ? -1.69670  2.35373   -15.21749 1.000 80.68713  ? 25  DC  B P     1 
ATOM   1077 O OP1   . DC  B 1 25 ? -2.71828  1.30040   -15.38331 1.000 84.36210  ? 25  DC  B OP1   1 
ATOM   1078 O OP2   . DC  B 1 25 ? -1.78863  3.54632   -16.07308 1.000 75.18205  ? 25  DC  B OP2   1 
ATOM   1079 O "O5'" . DC  B 1 25 ? -1.67273  2.84203   -13.68879 1.000 76.83476  ? 25  DC  B "O5'" 1 
ATOM   1080 C "C5'" . DC  B 1 25 ? -0.70274  3.79261   -13.28648 1.000 76.13615  ? 25  DC  B "C5'" 1 
ATOM   1081 C "C4'" . DC  B 1 25 ? -1.09592  4.51985   -12.01061 1.000 74.40424  ? 25  DC  B "C4'" 1 
ATOM   1082 O "O4'" . DC  B 1 25 ? -2.24427  5.37550   -12.22646 1.000 69.97502  ? 25  DC  B "O4'" 1 
ATOM   1083 C "C3'" . DC  B 1 25 ? -1.44402  3.65202   -10.82867 1.000 68.83230  ? 25  DC  B "C3'" 1 
ATOM   1084 O "O3'" . DC  B 1 25 ? -0.92170  4.26916   -9.67702  1.000 69.86265  ? 25  DC  B "O3'" 1 
ATOM   1085 C "C2'" . DC  B 1 25 ? -2.97318  3.65674   -10.82985 1.000 66.81731  ? 25  DC  B "C2'" 1 
ATOM   1086 C "C1'" . DC  B 1 25 ? -3.25678  5.07149   -11.29780 1.000 66.25450  ? 25  DC  B "C1'" 1 
ATOM   1087 N N1    . DC  B 1 25 ? -4.48820  5.22345   -12.02135 1.000 62.72337  ? 25  DC  B N1    1 
ATOM   1088 C C2    . DC  B 1 25 ? -5.31612  6.29978   -11.73973 1.000 61.31357  ? 25  DC  B C2    1 
ATOM   1089 O O2    . DC  B 1 25 ? -5.01362  7.06572   -10.82533 1.000 61.91439  ? 25  DC  B O2    1 
ATOM   1090 N N3    . DC  B 1 25 ? -6.43466  6.46407   -12.46460 1.000 63.58336  ? 25  DC  B N3    1 
ATOM   1091 C C4    . DC  B 1 25 ? -6.72191  5.62035   -13.44233 1.000 62.62323  ? 25  DC  B C4    1 
ATOM   1092 N N4    . DC  B 1 25 ? -7.84617  5.81368   -14.11291 1.000 64.66296  ? 25  DC  B N4    1 
ATOM   1093 C C5    . DC  B 1 25 ? -5.88158  4.51766   -13.75492 1.000 66.12341  ? 25  DC  B C5    1 
ATOM   1094 C C6    . DC  B 1 25 ? -4.77431  4.36989   -13.03494 1.000 65.19765  ? 25  DC  B C6    1 
ATOM   1095 P P     . DC  B 1 26 ? -0.55518  3.36547   -8.41811  1.000 75.91220  ? 26  DC  B P     1 
ATOM   1096 O OP1   . DC  B 1 26 ? 0.05857   4.20781   -7.36184  1.000 68.83723  ? 26  DC  B OP1   1 
ATOM   1097 O OP2   . DC  B 1 26 ? 0.16310   2.19234   -8.95910  1.000 70.69606  ? 26  DC  B OP2   1 
ATOM   1098 O "O5'" . DC  B 1 26 ? -2.00318  2.86357   -7.97983  1.000 67.18055  ? 26  DC  B "O5'" 1 
ATOM   1099 C "C5'" . DC  B 1 26 ? -2.15401  1.85165   -7.07301  1.000 69.32069  ? 26  DC  B "C5'" 1 
ATOM   1100 C "C4'" . DC  B 1 26 ? -3.21968  2.24637   -6.07767  1.000 71.38185  ? 26  DC  B "C4'" 1 
ATOM   1101 O "O4'" . DC  B 1 26 ? -4.45024  2.55209   -6.75720  1.000 65.20160  ? 26  DC  B "O4'" 1 
ATOM   1102 C "C3'" . DC  B 1 26 ? -3.54698  1.19040   -5.05427  1.000 69.24990  ? 26  DC  B "C3'" 1 
ATOM   1103 O "O3'" . DC  B 1 26 ? -3.29248  1.71874   -3.78741  1.000 74.05732  ? 26  DC  B "O3'" 1 
ATOM   1104 C "C2'" . DC  B 1 26 ? -5.04194  0.88142   -5.26931  1.000 69.42092  ? 26  DC  B "C2'" 1 
ATOM   1105 C "C1'" . DC  B 1 26 ? -5.52903  2.12687   -5.97218  1.000 67.97398  ? 26  DC  B "C1'" 1 
ATOM   1106 N N1    . DC  B 1 26 ? -6.62016  1.89413   -6.89227  1.000 63.59097  ? 26  DC  B N1    1 
ATOM   1107 C C2    . DC  B 1 26 ? -7.67499  2.78970   -6.92594  1.000 63.78170  ? 26  DC  B C2    1 
ATOM   1108 O O2    . DC  B 1 26 ? -7.68457  3.72516   -6.12648  1.000 62.63028  ? 26  DC  B O2    1 
ATOM   1109 N N3    . DC  B 1 26 ? -8.65307  2.61149   -7.83290  1.000 65.46067  ? 26  DC  B N3    1 
ATOM   1110 C C4    . DC  B 1 26 ? -8.59103  1.59609   -8.68266  1.000 63.84393  ? 26  DC  B C4    1 
ATOM   1111 N N4    . DC  B 1 26 ? -9.59382  1.44495   -9.55436  1.000 62.76110  ? 26  DC  B N4    1 
ATOM   1112 C C5    . DC  B 1 26 ? -7.50199  0.67566   -8.67364  1.000 64.49516  ? 26  DC  B C5    1 
ATOM   1113 C C6    . DC  B 1 26 ? -6.54285  0.87265   -7.77587  1.000 60.57859  ? 26  DC  B C6    1 
ATOM   1114 P P     . DC  B 1 27 ? -3.11876  0.72589   -2.54383  1.000 80.02479  ? 27  DC  B P     1 
ATOM   1115 O OP1   . DC  B 1 27 ? -2.62641  1.57370   -1.43376  1.000 74.08141  ? 27  DC  B OP1   1 
ATOM   1116 O OP2   . DC  B 1 27 ? -2.44836  -0.54081  -2.94852  1.000 69.10627  ? 27  DC  B OP2   1 
ATOM   1117 O "O5'" . DC  B 1 27 ? -4.60532  0.25794   -2.28559  1.000 70.22015  ? 27  DC  B "O5'" 1 
ATOM   1118 C "C5'" . DC  B 1 27 ? -4.87495  -0.62784  -1.29278  1.000 72.48957  ? 27  DC  B "C5'" 1 
ATOM   1119 C "C4'" . DC  B 1 27 ? -6.12031  -0.18746  -0.58642  1.000 74.46609  ? 27  DC  B "C4'" 1 
ATOM   1120 O "O4'" . DC  B 1 27 ? -7.16107  0.01762   -1.55688  1.000 67.63007  ? 27  DC  B "O4'" 1 
ATOM   1121 C "C3'" . DC  B 1 27 ? -6.66714  -1.19949  0.38430   1.000 74.02735  ? 27  DC  B "C3'" 1 
ATOM   1122 O "O3'" . DC  B 1 27 ? -6.10641  -0.95585  1.66127   1.000 80.68234  ? 27  DC  B "O3'" 1 
ATOM   1123 C "C2'" . DC  B 1 27 ? -8.17807  -0.91936  0.36792   1.000 72.40237  ? 27  DC  B "C2'" 1 
ATOM   1124 C "C1'" . DC  B 1 27 ? -8.40079  -0.13212  -0.93510  1.000 68.68540  ? 27  DC  B "C1'" 1 
ATOM   1125 N N1    . DC  B 1 27 ? -9.27883  -0.80190  -1.87484  1.000 65.87512  ? 27  DC  B N1    1 
ATOM   1126 C C2    . DC  B 1 27 ? -10.39360 -0.14188  -2.33526  1.000 61.96658  ? 27  DC  B C2    1 
ATOM   1127 O O2    . DC  B 1 27 ? -10.61691 1.00530   -1.94242  1.000 62.79909  ? 27  DC  B O2    1 
ATOM   1128 N N3    . DC  B 1 27 ? -11.20246 -0.76686  -3.19733  1.000 61.95671  ? 27  DC  B N3    1 
ATOM   1129 C C4    . DC  B 1 27 ? -10.92461 -1.97996  -3.61788  1.000 61.55208  ? 27  DC  B C4    1 
ATOM   1130 N N4    . DC  B 1 27 ? -11.76466 -2.53619  -4.48661  1.000 63.64889  ? 27  DC  B N4    1 
ATOM   1131 C C5    . DC  B 1 27 ? -9.78650  -2.69283  -3.15280  1.000 62.12839  ? 27  DC  B C5    1 
ATOM   1132 C C6    . DC  B 1 27 ? -8.99589  -2.06830  -2.28399  1.000 63.64352  ? 27  DC  B C6    1 
ATOM   1133 P P     . DC  B 1 28 ? -5.57157  -2.17865  2.54166   1.000 79.43068  ? 28  DC  B P     1 
ATOM   1134 O OP1   . DC  B 1 28 ? -4.85391  -1.59628  3.70136   1.000 84.13107  ? 28  DC  B OP1   1 
ATOM   1135 O OP2   . DC  B 1 28 ? -4.86559  -3.08341  1.61134   1.000 79.17756  ? 28  DC  B OP2   1 
ATOM   1136 O "O5'" . DC  B 1 28 ? -6.91631  -2.91132  3.03161   1.000 80.21590  ? 28  DC  B "O5'" 1 
ATOM   1137 C "C5'" . DC  B 1 28 ? -7.38403  -2.76385  4.39330   1.000 81.40633  ? 28  DC  B "C5'" 1 
ATOM   1138 C "C4'" . DC  B 1 28 ? -8.47294  -1.70350  4.50499   1.000 81.60301  ? 28  DC  B "C4'" 1 
ATOM   1139 O "O4'" . DC  B 1 28 ? -9.44348  -1.88839  3.44151   1.000 75.87215  ? 28  DC  B "O4'" 1 
ATOM   1140 C "C3'" . DC  B 1 28 ? -9.26306  -1.73132  5.81781   1.000 81.69745  ? 28  DC  B "C3'" 1 
ATOM   1141 O "O3'" . DC  B 1 28 ? -9.44487  -0.40043  6.32576   1.000 83.67225  ? 28  DC  B "O3'" 1 
ATOM   1142 C "C2'" . DC  B 1 28 ? -10.59074 -2.38001  5.42301   1.000 77.98894  ? 28  DC  B "C2'" 1 
ATOM   1143 C "C1'" . DC  B 1 28 ? -10.74759 -1.94955  3.97281   1.000 72.37554  ? 28  DC  B "C1'" 1 
ATOM   1144 N N1    . DC  B 1 28 ? -11.54053 -2.91421  3.14933   1.000 67.69259  ? 28  DC  B N1    1 
ATOM   1145 C C2    . DC  B 1 28 ? -12.86416 -2.62626  2.80959   1.000 63.64756  ? 28  DC  B C2    1 
ATOM   1146 O O2    . DC  B 1 28 ? -13.36726 -1.58660  3.18976   1.000 65.72849  ? 28  DC  B O2    1 
ATOM   1147 N N3    . DC  B 1 28 ? -13.55752 -3.50599  2.07266   1.000 65.72417  ? 28  DC  B N3    1 
ATOM   1148 C C4    . DC  B 1 28 ? -12.99444 -4.62489  1.66824   1.000 65.24201  ? 28  DC  B C4    1 
ATOM   1149 N N4    . DC  B 1 28 ? -13.72726 -5.45487  0.93206   1.000 65.90325  ? 28  DC  B N4    1 
ATOM   1150 C C5    . DC  B 1 28 ? -11.64386 -4.93755  1.98207   1.000 66.15259  ? 28  DC  B C5    1 
ATOM   1151 C C6    . DC  B 1 28 ? -10.96146 -4.06302  2.72569   1.000 66.66839  ? 28  DC  B C6    1 
ATOM   1152 P P     . DT  B 1 29 ? -8.73009  0.04324   7.69668   1.000 89.29336  ? 29  DT  B P     1 
ATOM   1153 O OP1   . DT  B 1 29 ? -9.05434  1.47955   7.87256   1.000 86.79252  ? 29  DT  B OP1   1 
ATOM   1154 O OP2   . DT  B 1 29 ? -7.34529  -0.48727  7.72458   1.000 84.46933  ? 29  DT  B OP2   1 
ATOM   1155 O "O5'" . DT  B 1 29 ? -9.46679  -0.80509  8.82086   1.000 93.54307  ? 29  DT  B "O5'" 1 
ATOM   1156 C "C5'" . DT  B 1 29 ? -10.85923 -0.71536  8.95929   1.000 92.77643  ? 29  DT  B "C5'" 1 
ATOM   1157 C "C4'" . DT  B 1 29 ? -11.22173 -0.40834  10.39002  1.000 98.00706  ? 29  DT  B "C4'" 1 
ATOM   1158 O "O4'" . DT  B 1 29 ? -12.65319 -0.28594  10.49348  1.000 94.85438  ? 29  DT  B "O4'" 1 
ATOM   1159 C "C3'" . DT  B 1 29 ? -10.79868 -1.47203  11.38743  1.000 107.20975 ? 29  DT  B "C3'" 1 
ATOM   1160 O "O3'" . DT  B 1 29 ? -10.23687 -0.87302  12.52307  1.000 118.56683 ? 29  DT  B "O3'" 1 
ATOM   1161 C "C2'" . DT  B 1 29 ? -12.08738 -2.21190  11.72747  1.000 103.83347 ? 29  DT  B "C2'" 1 
ATOM   1162 C "C1'" . DT  B 1 29 ? -13.16495 -1.17845  11.44271  1.000 96.23162  ? 29  DT  B "C1'" 1 
ATOM   1163 N N1    . DT  B 1 29 ? -14.46473 -1.73712  10.91088  1.000 88.13604  ? 29  DT  B N1    1 
ATOM   1164 C C2    . DT  B 1 29 ? -14.48791 -2.87003  10.10599  1.000 83.97230  ? 29  DT  B C2    1 
ATOM   1165 O O2    . DT  B 1 29 ? -13.49647 -3.49259  9.75881   1.000 83.90086  ? 29  DT  B O2    1 
ATOM   1166 N N3    . DT  B 1 29 ? -15.74179 -3.25533  9.70662   1.000 77.93010  ? 29  DT  B N3    1 
ATOM   1167 C C4    . DT  B 1 29 ? -16.93811 -2.64662  9.99803   1.000 81.52301  ? 29  DT  B C4    1 
ATOM   1168 O O4    . DT  B 1 29 ? -18.00922 -3.06938  9.58237   1.000 82.83381  ? 29  DT  B O4    1 
ATOM   1169 C C5    . DT  B 1 29 ? -16.84507 -1.47348  10.82490  1.000 91.06893  ? 29  DT  B C5    1 
ATOM   1170 C C7    . DT  B 1 29 ? -18.08838 -0.72787  11.20941  1.000 101.13978 ? 29  DT  B C7    1 
ATOM   1171 C C6    . DT  B 1 29 ? -15.63050 -1.08077  11.23309  1.000 89.28667  ? 29  DT  B C6    1 
ATOM   1172 P P     . DA  B 1 30 ? -9.13542  -1.67785  13.36680  1.000 133.25547 ? 30  DA  B P     1 
ATOM   1173 O OP1   . DA  B 1 30 ? -7.95180  -0.78425  13.43126  1.000 132.45536 ? 30  DA  B OP1   1 
ATOM   1174 O OP2   . DA  B 1 30 ? -8.99591  -3.03920  12.78672  1.000 124.35464 ? 30  DA  B OP2   1 
ATOM   1175 O "O5'" . DA  B 1 30 ? -9.80372  -1.84522  14.82233  1.000 136.08595 ? 30  DA  B "O5'" 1 
ATOM   1176 C "C5'" . DA  B 1 30 ? -11.20611 -2.18112  14.96354  1.000 135.93848 ? 30  DA  B "C5'" 1 
ATOM   1177 C "C4'" . DA  B 1 30 ? -11.91796 -1.12390  15.78994  1.000 138.74256 ? 30  DA  B "C4'" 1 
ATOM   1178 O "O4'" . DA  B 1 30 ? -13.26436 -0.88342  15.30939  1.000 135.35836 ? 30  DA  B "O4'" 1 
ATOM   1179 C "C3'" . DA  B 1 30 ? -12.16335 -1.46999  17.23645  1.000 143.17669 ? 30  DA  B "C3'" 1 
ATOM   1180 O "O3'" . DA  B 1 30 ? -10.94871 -1.47274  17.99363  1.000 144.81950 ? 30  DA  B "O3'" 1 
ATOM   1181 C "C2'" . DA  B 1 30 ? -13.07746 -0.31265  17.61087  1.000 142.64805 ? 30  DA  B "C2'" 1 
ATOM   1182 C "C1'" . DA  B 1 30 ? -13.97934 -0.23911  16.36782  1.000 142.14226 ? 30  DA  B "C1'" 1 
ATOM   1183 N N9    . DA  B 1 30 ? -15.25119 -0.90614  16.59857  1.000 142.85222 ? 30  DA  B N9    1 
ATOM   1184 C C8    . DA  B 1 30 ? -15.57525 -2.20443  16.31687  1.000 143.16015 ? 30  DA  B C8    1 
ATOM   1185 N N7    . DA  B 1 30 ? -16.79376 -2.53374  16.68503  1.000 145.02812 ? 30  DA  B N7    1 
ATOM   1186 C C5    . DA  B 1 30 ? -17.29352 -1.37362  17.26705  1.000 143.40395 ? 30  DA  B C5    1 
ATOM   1187 C C6    . DA  B 1 30 ? -18.53912 -1.05923  17.86010  1.000 137.96759 ? 30  DA  B C6    1 
ATOM   1188 N N6    . DA  B 1 30 ? -19.54405 -1.93316  17.96694  1.000 133.96562 ? 30  DA  B N6    1 
ATOM   1189 N N1    . DA  B 1 30 ? -18.70921 0.19426   18.34085  1.000 135.83652 ? 30  DA  B N1    1 
ATOM   1190 C C2    . DA  B 1 30 ? -17.70028 1.06661   18.23649  1.000 139.35619 ? 30  DA  B C2    1 
ATOM   1191 N N3    . DA  B 1 30 ? -16.48952 0.88723   17.70439  1.000 143.44471 ? 30  DA  B N3    1 
ATOM   1192 C C4    . DA  B 1 30 ? -16.35068 -0.36777  17.23262  1.000 143.42087 ? 30  DA  B C4    1 
ATOM   1193 P P     . DT  B 1 31 ? -10.80756 -2.45699  19.26301  1.000 145.91136 ? 31  DT  B P     1 
ATOM   1194 O OP1   . DT  B 1 31 ? -11.04776 -3.82838  18.75704  1.000 149.31933 ? 31  DT  B OP1   1 
ATOM   1195 O OP2   . DT  B 1 31 ? -11.65037 -1.91596  20.35717  1.000 141.52553 ? 31  DT  B OP2   1 
ATOM   1196 O "O5'" . DT  B 1 31 ? -9.26572  -2.34500  19.70467  1.000 142.49954 ? 31  DT  B "O5'" 1 
ATOM   1197 C "C5'" . DT  B 1 31 ? -8.57956  -1.09259  19.62215  1.000 136.93766 ? 31  DT  B "C5'" 1 
ATOM   1198 C "C4'" . DT  B 1 31 ? -8.01310  -0.67664  20.97569  1.000 130.14393 ? 31  DT  B "C4'" 1 
ATOM   1199 O "O4'" . DT  B 1 31 ? -8.45271  0.67428   21.28825  1.000 126.47118 ? 31  DT  B "O4'" 1 
ATOM   1200 C "C3'" . DT  B 1 31 ? -8.44676  -1.52820  22.16169  1.000 130.29488 ? 31  DT  B "C3'" 1 
ATOM   1201 O "O3'" . DT  B 1 31 ? -7.41624  -1.53299  23.15146  1.000 120.80702 ? 31  DT  B "O3'" 1 
ATOM   1202 C "C2'" . DT  B 1 31 ? -9.70398  -0.79952  22.64945  1.000 131.58645 ? 31  DT  B "C2'" 1 
ATOM   1203 C "C1'" . DT  B 1 31 ? -9.32900  0.66190   22.40600  1.000 125.36209 ? 31  DT  B "C1'" 1 
ATOM   1204 N N1    . DT  B 1 31 ? -10.50778 1.58342   22.11334  1.000 125.03918 ? 31  DT  B N1    1 
ATOM   1205 C C2    . DT  B 1 31 ? -11.15972 2.19908   23.15968  1.000 125.03918 ? 31  DT  B C2    1 
ATOM   1206 O O2    . DT  B 1 31 ? -10.85287 2.03377   24.32740  1.000 125.03918 ? 31  DT  B O2    1 
ATOM   1207 N N3    . DT  B 1 31 ? -12.19761 3.02016   22.78534  1.000 121.55422 ? 31  DT  B N3    1 
ATOM   1208 C C4    . DT  B 1 31 ? -12.63447 3.29029   21.49553  1.000 122.68829 ? 31  DT  B C4    1 
ATOM   1209 O O4    . DT  B 1 31 ? -13.57553 4.04429   21.25930  1.000 122.52441 ? 31  DT  B O4    1 
ATOM   1210 C C5    . DT  B 1 31 ? -11.90605 2.62498   20.44538  1.000 125.03918 ? 31  DT  B C5    1 
ATOM   1211 C C7    . DT  B 1 31 ? -12.29240 2.84521   19.01031  1.000 123.34830 ? 31  DT  B C7    1 
ATOM   1212 C C6    . DT  B 1 31 ? -10.88758 1.81518   20.79714  1.000 125.03918 ? 31  DT  B C6    1 
HETATM 1213 O O     . HOH C 2 .  ? 9.28798   -4.83848  22.80829  1.000 66.64181  ? 101 HOH A O     1 
HETATM 1214 O O     . HOH C 2 .  ? 11.99320  -5.51770  -8.35372  1.000 85.05243  ? 102 HOH A O     1 
HETATM 1215 O O     . HOH C 2 .  ? 15.12024  6.18449   3.49577   1.000 77.67942  ? 103 HOH A O     1 
HETATM 1216 O O     . HOH C 2 .  ? 0.85844   -14.21941 7.47634   1.000 71.77752  ? 104 HOH A O     1 
HETATM 1217 O O     . HOH C 2 .  ? 1.49847   -16.49346 10.96426  1.000 74.65544  ? 105 HOH A O     1 
HETATM 1218 O O     . HOH C 2 .  ? 12.17167  -10.27159 3.10738   1.000 68.20054  ? 106 HOH A O     1 
HETATM 1219 O O     . HOH C 2 .  ? 11.46171  -1.69283  15.71825  1.000 80.36298  ? 107 HOH A O     1 
HETATM 1220 O O     . HOH C 2 .  ? 5.42660   2.05287   9.05933   1.000 77.66600  ? 108 HOH A O     1 
HETATM 1221 O O     . HOH C 2 .  ? 15.16305  -5.95536  -3.09927  1.000 75.94259  ? 109 HOH A O     1 
HETATM 1222 O O     . HOH C 2 .  ? 6.72904   -11.90951 2.16266   1.000 66.62607  ? 110 HOH A O     1 
HETATM 1223 O O     . HOH D 2 .  ? -23.63085 -0.58339  -0.78161  1.000 77.36966  ? 101 HOH B O     1 
HETATM 1224 O O     . HOH D 2 .  ? 2.55159   4.41161   -12.66480 1.000 74.10906  ? 102 HOH B O     1 
HETATM 1225 O O     . HOH D 2 .  ? -4.07659  -10.42532 3.23506   1.000 87.56921  ? 103 HOH B O     1 
HETATM 1226 O O     . HOH D 2 .  ? -17.80913 18.03548  -14.38004 1.000 73.14077  ? 104 HOH B O     1 
HETATM 1227 O O     . HOH D 2 .  ? -23.75670 3.35045   1.24902   1.000 76.39569  ? 105 HOH B O     1 
HETATM 1228 O O     . HOH D 2 .  ? -9.66507  -6.56334  -1.21506  1.000 79.38969  ? 106 HOH B O     1 
HETATM 1229 O O     . HOH D 2 .  ? 2.66859   5.71733   -16.20570 1.000 77.57666  ? 107 HOH B O     1 
HETATM 1230 O O     . HOH D 2 .  ? -8.43649  -3.23786  -7.13291  1.000 74.87360  ? 108 HOH B O     1 
HETATM 1231 O O     . HOH D 2 .  ? -6.00579  1.09997   -12.93683 1.000 70.07798  ? 109 HOH B O     1 
HETATM 1232 O O     . HOH D 2 .  ? 3.48696   -14.24137 -2.07034  1.000 81.58189  ? 110 HOH B O     1 
HETATM 1233 O O     . HOH D 2 .  ? 4.41932   5.68387   -15.01676 1.000 84.04468  ? 111 HOH B O     1 
HETATM 1234 O O     . HOH D 2 .  ? -14.76889 24.62043  -13.17797 1.000 85.75836  ? 112 HOH B O     1 
# 
